data_1CVJ
#
_entry.id   1CVJ
#
_cell.length_a   79.557
_cell.length_b   176.797
_cell.length_c   82.489
_cell.angle_alpha   90.00
_cell.angle_beta   117.67
_cell.angle_gamma   90.00
#
_symmetry.space_group_name_H-M   'P 1 21 1'
#
loop_
_entity.id
_entity.type
_entity.pdbx_description
1 polymer "5'-R(*AP*AP*AP*AP*AP*AP*AP*AP*AP*AP*A)-3'"
2 polymer 'POLYADENYLATE BINDING PROTEIN 1'
3 non-polymer 'ADENOSINE MONOPHOSPHATE'
4 water water
#
loop_
_entity_poly.entity_id
_entity_poly.type
_entity_poly.pdbx_seq_one_letter_code
_entity_poly.pdbx_strand_id
1 'polyribonucleotide' AAAAAAAAAAA M,N,O,P,Q,R,S,T
2 'polypeptide(L)'
;MNPSAPSYPMASLYVGDLHPDVTEAMLYEKFSPAGPILSIRVCRDMITRRSLGYAYVNFQQPADAERALDTMNFDVIKGK
PVRIMWSQRDPSLRKSGVGNIFIKNLDKSIDNKALYDTFSAFGNILSCKVVCDENGSKGYGFVHFETQEAAERAIEKMNG
MLLNDRKVFVGRFKSRKEREAELGARAKEF
;
A,B,C,D,E,F,G,H
#
loop_
_chem_comp.id
_chem_comp.type
_chem_comp.name
_chem_comp.formula
A RNA linking ADENOSINE-5'-MONOPHOSPHATE 'C10 H14 N5 O7 P'
AMP non-polymer 'ADENOSINE MONOPHOSPHATE' 'C10 H14 N5 O7 P'
#
# COMPACT_ATOMS: atom_id res chain seq x y z
N ALA I 11 12.64 9.07 17.00
CA ALA I 11 11.71 10.20 17.30
C ALA I 11 10.27 9.73 17.40
N SER I 12 10.09 8.46 17.78
CA SER I 12 8.77 7.87 17.95
C SER I 12 8.48 7.64 19.45
N LEU I 13 7.30 8.07 19.88
CA LEU I 13 6.94 7.94 21.29
C LEU I 13 5.68 7.14 21.57
N TYR I 14 5.76 6.26 22.56
CA TYR I 14 4.61 5.50 22.99
C TYR I 14 4.08 6.43 24.09
N VAL I 15 2.80 6.71 24.04
CA VAL I 15 2.20 7.54 25.08
C VAL I 15 0.93 6.83 25.46
N GLY I 16 0.91 6.27 26.66
CA GLY I 16 -0.25 5.52 27.10
C GLY I 16 -0.95 5.95 28.37
N ASP I 17 -1.80 5.05 28.86
CA ASP I 17 -2.61 5.27 30.07
C ASP I 17 -3.58 6.37 29.70
N LEU I 18 -3.97 6.36 28.44
CA LEU I 18 -4.88 7.34 27.89
C LEU I 18 -6.31 7.07 28.31
N HIS I 19 -7.10 8.12 28.43
CA HIS I 19 -8.50 7.93 28.78
C HIS I 19 -9.16 7.44 27.50
N PRO I 20 -10.08 6.46 27.61
CA PRO I 20 -10.75 5.93 26.42
C PRO I 20 -11.38 6.93 25.44
N ASP I 21 -11.29 8.22 25.74
CA ASP I 21 -11.86 9.24 24.87
C ASP I 21 -10.86 10.22 24.29
N VAL I 22 -9.63 10.20 24.80
CA VAL I 22 -8.61 11.10 24.29
C VAL I 22 -8.49 10.85 22.78
N THR I 23 -8.36 11.95 22.03
CA THR I 23 -8.26 11.83 20.58
C THR I 23 -6.88 12.21 20.05
N GLU I 24 -6.68 11.95 18.76
CA GLU I 24 -5.44 12.27 18.10
C GLU I 24 -5.32 13.80 18.05
N ALA I 25 -6.47 14.47 17.95
CA ALA I 25 -6.48 15.94 17.94
C ALA I 25 -6.02 16.49 19.30
N MET I 26 -6.51 15.88 20.37
CA MET I 26 -6.13 16.35 21.69
C MET I 26 -4.66 16.10 21.96
N LEU I 27 -4.14 15.01 21.41
CA LEU I 27 -2.73 14.71 21.57
C LEU I 27 -1.91 15.74 20.79
N TYR I 28 -2.39 16.08 19.60
CA TYR I 28 -1.70 17.05 18.77
C TYR I 28 -1.55 18.36 19.53
N GLU I 29 -2.67 18.89 20.01
CA GLU I 29 -2.64 20.13 20.78
C GLU I 29 -1.68 19.99 21.94
N LYS I 30 -1.63 18.81 22.53
CA LYS I 30 -0.76 18.57 23.67
C LYS I 30 0.72 18.59 23.31
N PHE I 31 1.09 17.79 22.32
CA PHE I 31 2.50 17.67 21.93
C PHE I 31 3.03 18.67 20.92
N SER I 32 2.16 19.21 20.08
CA SER I 32 2.58 20.18 19.07
C SER I 32 3.58 21.21 19.57
N PRO I 33 3.36 21.76 20.78
CA PRO I 33 4.25 22.78 21.35
C PRO I 33 5.71 22.36 21.45
N ALA I 34 5.95 21.05 21.54
CA ALA I 34 7.31 20.55 21.67
C ALA I 34 8.08 20.64 20.35
N GLY I 35 7.35 20.62 19.23
CA GLY I 35 8.00 20.70 17.94
C GLY I 35 7.09 20.19 16.84
N PRO I 36 7.48 20.35 15.56
CA PRO I 36 6.67 19.90 14.44
C PRO I 36 6.48 18.39 14.45
N ILE I 37 5.26 17.98 14.17
CA ILE I 37 4.89 16.60 14.18
C ILE I 37 4.86 15.99 12.77
N LEU I 38 5.18 14.71 12.69
CA LEU I 38 5.20 13.99 11.44
C LEU I 38 3.88 13.27 11.40
N SER I 39 3.49 12.71 12.54
CA SER I 39 2.21 12.01 12.63
C SER I 39 1.86 11.55 14.05
N ILE I 40 0.56 11.43 14.29
CA ILE I 40 0.03 10.98 15.55
C ILE I 40 -1.00 9.91 15.22
N ARG I 41 -1.05 8.85 16.01
CA ARG I 41 -2.02 7.78 15.83
C ARG I 41 -2.36 7.12 17.15
N VAL I 42 -3.66 7.11 17.45
CA VAL I 42 -4.23 6.49 18.63
C VAL I 42 -4.70 5.11 18.17
N CYS I 43 -4.25 4.06 18.85
CA CYS I 43 -4.64 2.71 18.47
C CYS I 43 -6.03 2.33 18.95
N ARG I 44 -6.82 1.81 18.03
CA ARG I 44 -8.19 1.44 18.31
C ARG I 44 -8.51 0.04 17.81
N ASP I 45 -9.52 -0.58 18.43
CA ASP I 45 -9.92 -1.92 18.06
C ASP I 45 -10.31 -1.92 16.59
N MET I 46 -9.83 -2.93 15.87
CA MET I 46 -10.08 -3.08 14.45
C MET I 46 -11.47 -2.63 13.99
N ILE I 47 -12.51 -3.26 14.51
CA ILE I 47 -13.87 -2.93 14.11
C ILE I 47 -14.73 -2.08 15.03
N THR I 48 -14.66 -2.30 16.34
CA THR I 48 -15.48 -1.50 17.28
C THR I 48 -14.88 -0.12 17.43
N ARG I 49 -13.59 -0.01 17.13
CA ARG I 49 -12.87 1.24 17.19
C ARG I 49 -12.64 1.66 18.63
N ARG I 50 -13.00 0.81 19.58
CA ARG I 50 -12.78 1.15 20.96
C ARG I 50 -11.30 1.47 21.11
N SER I 51 -10.98 2.60 21.74
CA SER I 51 -9.56 2.95 21.93
C SER I 51 -8.84 1.84 22.68
N LEU I 52 -7.51 1.76 22.52
CA LEU I 52 -6.71 0.76 23.21
C LEU I 52 -5.89 1.42 24.30
N GLY I 53 -6.24 2.66 24.62
CA GLY I 53 -5.54 3.35 25.68
C GLY I 53 -4.09 3.73 25.48
N TYR I 54 -3.70 3.93 24.24
CA TYR I 54 -2.33 4.35 23.99
C TYR I 54 -2.20 4.82 22.54
N ALA I 55 -1.15 5.58 22.27
CA ALA I 55 -0.97 6.09 20.94
C ALA I 55 0.49 6.35 20.60
N TYR I 56 0.76 6.47 19.30
CA TYR I 56 2.11 6.79 18.87
C TYR I 56 2.10 8.26 18.49
N VAL I 57 3.15 8.94 18.89
CA VAL I 57 3.32 10.34 18.58
C VAL I 57 4.67 10.39 17.88
N ASN I 58 4.64 10.67 16.59
CA ASN I 58 5.87 10.72 15.80
C ASN I 58 6.30 12.14 15.52
N PHE I 59 7.47 12.50 16.03
CA PHE I 59 8.02 13.83 15.82
C PHE I 59 8.94 13.82 14.59
N GLN I 60 9.23 15.00 14.05
CA GLN I 60 10.11 15.14 12.90
C GLN I 60 11.55 15.17 13.36
N GLN I 61 11.80 15.83 14.49
CA GLN I 61 13.13 15.93 15.06
C GLN I 61 13.17 15.15 16.37
N PRO I 62 14.10 14.21 16.49
CA PRO I 62 14.18 13.44 17.74
C PRO I 62 14.45 14.32 18.96
N ALA I 63 15.10 15.45 18.74
CA ALA I 63 15.40 16.36 19.84
C ALA I 63 14.12 17.02 20.33
N ASP I 64 13.02 16.78 19.61
CA ASP I 64 11.73 17.32 19.99
C ASP I 64 11.01 16.22 20.74
N ALA I 65 11.05 15.02 20.17
CA ALA I 65 10.41 13.88 20.79
C ALA I 65 11.00 13.75 22.17
N GLU I 66 12.32 13.84 22.25
CA GLU I 66 13.00 13.72 23.53
C GLU I 66 12.58 14.84 24.48
N ARG I 67 12.40 16.03 23.94
CA ARG I 67 11.99 17.15 24.77
C ARG I 67 10.60 16.90 25.31
N ALA I 68 9.70 16.48 24.44
CA ALA I 68 8.33 16.19 24.83
C ALA I 68 8.29 15.10 25.91
N LEU I 69 9.20 14.14 25.83
CA LEU I 69 9.27 13.05 26.78
C LEU I 69 9.80 13.51 28.13
N ASP I 70 10.70 14.47 28.08
CA ASP I 70 11.35 15.01 29.26
C ASP I 70 10.62 16.26 29.74
N THR I 71 9.38 16.45 29.31
CA THR I 71 8.65 17.67 29.66
C THR I 71 7.15 17.50 29.86
N MET I 72 6.55 16.67 29.02
CA MET I 72 5.11 16.46 29.09
C MET I 72 4.73 15.16 29.74
N ASN I 73 5.72 14.47 30.30
CA ASN I 73 5.43 13.21 30.94
C ASN I 73 4.52 13.43 32.14
N PHE I 74 3.59 12.50 32.35
CA PHE I 74 2.68 12.58 33.49
C PHE I 74 1.61 13.66 33.42
N ASP I 75 1.69 14.54 32.44
CA ASP I 75 0.68 15.57 32.32
C ASP I 75 -0.67 14.85 32.24
N VAL I 76 -1.72 15.49 32.77
CA VAL I 76 -3.05 14.90 32.78
C VAL I 76 -3.85 15.28 31.54
N ILE I 77 -4.56 14.30 30.97
CA ILE I 77 -5.42 14.52 29.81
C ILE I 77 -6.71 13.81 30.18
N LYS I 78 -7.85 14.43 29.86
CA LYS I 78 -9.15 13.92 30.22
C LYS I 78 -9.18 13.13 31.53
N GLY I 79 -8.50 13.67 32.53
CA GLY I 79 -8.45 13.05 33.83
C GLY I 79 -7.34 12.08 34.14
N LYS I 80 -6.55 11.66 33.16
CA LYS I 80 -5.50 10.71 33.46
C LYS I 80 -4.08 11.14 33.16
N PRO I 81 -3.13 10.67 33.98
CA PRO I 81 -1.71 11.00 33.81
C PRO I 81 -1.20 10.09 32.68
N VAL I 82 -0.59 10.67 31.65
CA VAL I 82 -0.09 9.89 30.53
C VAL I 82 1.31 9.36 30.79
N ARG I 83 1.51 8.08 30.51
CA ARG I 83 2.82 7.49 30.68
C ARG I 83 3.44 7.57 29.27
N ILE I 84 4.58 8.22 29.17
CA ILE I 84 5.25 8.37 27.90
C ILE I 84 6.60 7.68 27.93
N MET I 85 6.88 6.89 26.90
CA MET I 85 8.17 6.25 26.79
C MET I 85 8.53 6.12 25.31
N TRP I 86 9.81 5.91 25.01
CA TRP I 86 10.22 5.73 23.61
C TRP I 86 9.47 4.52 23.11
N SER I 87 8.98 4.58 21.88
CA SER I 87 8.28 3.43 21.33
C SER I 87 9.20 2.22 21.35
N GLN I 88 8.68 1.09 21.77
CA GLN I 88 9.46 -0.15 21.82
C GLN I 88 8.43 -1.27 21.77
N ARG I 89 8.03 -1.61 20.55
CA ARG I 89 7.02 -2.62 20.31
C ARG I 89 7.39 -4.06 20.65
N ASP I 90 8.63 -4.32 21.05
CA ASP I 90 8.95 -5.69 21.44
C ASP I 90 8.74 -5.77 22.97
N PRO I 91 7.71 -6.50 23.39
CA PRO I 91 7.34 -6.69 24.79
C PRO I 91 8.30 -7.53 25.63
N SER I 92 9.32 -8.10 25.01
CA SER I 92 10.23 -8.96 25.78
C SER I 92 10.67 -8.42 27.15
N LEU I 93 11.29 -7.25 27.20
CA LEU I 93 11.75 -6.72 28.47
C LEU I 93 10.58 -6.58 29.46
N ARG I 94 9.51 -5.95 29.01
CA ARG I 94 8.35 -5.75 29.86
C ARG I 94 7.88 -7.07 30.43
N LYS I 95 7.71 -8.08 29.56
CA LYS I 95 7.24 -9.37 30.01
C LYS I 95 8.23 -10.04 30.95
N SER I 96 9.50 -9.72 30.78
CA SER I 96 10.52 -10.30 31.66
C SER I 96 10.87 -9.33 32.73
N GLY I 97 10.08 -8.33 32.94
CA GLY I 97 10.48 -7.45 34.02
C GLY I 97 11.95 -7.52 34.58
N VAL I 98 13.06 -7.61 33.81
CA VAL I 98 14.36 -7.77 34.51
C VAL I 98 14.82 -6.51 35.20
N GLY I 99 14.57 -5.37 34.57
CA GLY I 99 14.98 -4.15 35.23
C GLY I 99 13.83 -3.54 36.00
N ASN I 100 12.77 -4.31 36.25
CA ASN I 100 11.60 -3.77 36.92
C ASN I 100 11.50 -3.96 38.44
N ILE I 101 11.34 -2.85 39.15
CA ILE I 101 11.21 -2.90 40.60
C ILE I 101 9.81 -2.48 41.06
N PHE I 102 9.47 -2.91 42.26
CA PHE I 102 8.18 -2.66 42.88
C PHE I 102 8.33 -1.79 44.12
N ILE I 103 7.43 -0.83 44.31
CA ILE I 103 7.47 0.04 45.47
C ILE I 103 6.18 -0.06 46.26
N LYS I 104 6.31 -0.33 47.56
CA LYS I 104 5.15 -0.46 48.42
C LYS I 104 5.18 0.56 49.57
N ASN I 105 4.01 0.95 50.04
CA ASN I 105 3.88 1.90 51.16
C ASN I 105 4.28 3.34 50.82
N LEU I 106 3.68 3.91 49.77
CA LEU I 106 3.99 5.29 49.37
C LEU I 106 3.20 6.32 50.16
N ASP I 107 3.78 7.51 50.31
CA ASP I 107 3.17 8.60 51.07
C ASP I 107 1.98 9.31 50.42
N LYS I 108 1.23 8.61 49.58
CA LYS I 108 0.04 9.17 48.91
C LYS I 108 0.25 10.53 48.26
N SER I 109 0.99 11.41 48.93
CA SER I 109 1.31 12.73 48.41
C SER I 109 2.33 12.49 47.29
N ILE I 110 2.67 11.22 47.11
CA ILE I 110 3.62 10.80 46.10
C ILE I 110 2.97 10.38 44.80
N ASP I 111 3.30 11.13 43.75
CA ASP I 111 2.78 10.88 42.42
C ASP I 111 3.94 10.52 41.48
N ASN I 112 3.59 10.06 40.28
CA ASN I 112 4.54 9.64 39.22
C ASN I 112 5.81 10.48 39.21
N LYS I 113 5.61 11.77 39.00
CA LYS I 113 6.71 12.69 38.97
C LYS I 113 7.58 12.45 40.19
N ALA I 114 7.01 12.62 41.37
CA ALA I 114 7.75 12.43 42.63
C ALA I 114 8.45 11.07 42.63
N LEU I 115 7.75 10.06 42.14
CA LEU I 115 8.34 8.73 42.09
C LEU I 115 9.51 8.70 41.11
N TYR I 116 9.38 9.41 39.99
CA TYR I 116 10.45 9.45 38.99
C TYR I 116 11.72 10.09 39.53
N ASP I 117 11.56 11.26 40.14
CA ASP I 117 12.68 12.02 40.68
C ASP I 117 13.46 11.27 41.73
N THR I 118 12.74 10.55 42.58
CA THR I 118 13.40 9.82 43.63
C THR I 118 14.26 8.67 43.10
N PHE I 119 13.78 7.93 42.10
CA PHE I 119 14.57 6.81 41.57
C PHE I 119 15.44 7.07 40.34
N SER I 120 15.19 8.15 39.63
CA SER I 120 15.96 8.47 38.44
C SER I 120 17.46 8.51 38.72
N ALA I 121 17.84 8.83 39.95
CA ALA I 121 19.25 8.92 40.31
C ALA I 121 20.02 7.63 40.04
N PHE I 122 19.38 6.48 40.21
CA PHE I 122 20.03 5.20 40.00
C PHE I 122 20.30 4.82 38.56
N GLY I 123 19.76 5.59 37.62
CA GLY I 123 19.97 5.28 36.22
C GLY I 123 18.73 5.52 35.38
N ASN I 124 18.83 5.29 34.09
CA ASN I 124 17.72 5.49 33.17
C ASN I 124 16.54 4.58 33.46
N ILE I 125 15.37 5.18 33.68
CA ILE I 125 14.18 4.39 33.94
C ILE I 125 13.36 4.42 32.64
N LEU I 126 12.92 3.25 32.19
CA LEU I 126 12.14 3.10 30.96
C LEU I 126 10.67 3.47 31.15
N SER I 127 10.11 3.04 32.26
CA SER I 127 8.71 3.32 32.52
C SER I 127 8.41 3.26 34.00
N CYS I 128 7.75 4.28 34.51
CA CYS I 128 7.36 4.26 35.90
C CYS I 128 5.93 4.73 36.03
N LYS I 129 5.27 4.24 37.07
CA LYS I 129 3.88 4.59 37.30
C LYS I 129 3.53 4.35 38.75
N VAL I 130 2.96 5.37 39.36
CA VAL I 130 2.47 5.31 40.73
C VAL I 130 1.03 4.99 40.41
N VAL I 131 0.53 3.85 40.85
CA VAL I 131 -0.85 3.51 40.53
C VAL I 131 -1.85 4.14 41.51
N CYS I 132 -2.93 4.69 40.96
CA CYS I 132 -3.95 5.38 41.77
C CYS I 132 -5.36 4.97 41.38
N ASP I 133 -6.32 5.21 42.28
CA ASP I 133 -7.72 4.89 42.02
C ASP I 133 -8.57 6.01 42.62
N GLU I 134 -9.68 6.33 41.96
CA GLU I 134 -10.61 7.39 42.41
C GLU I 134 -10.23 8.15 43.69
N ASN I 135 -9.85 7.41 44.72
CA ASN I 135 -9.46 8.01 45.98
C ASN I 135 -7.96 8.35 46.02
N GLY I 136 -7.33 8.43 44.84
CA GLY I 136 -5.91 8.79 44.80
C GLY I 136 -4.79 7.75 44.76
N SER I 137 -3.63 8.16 45.28
CA SER I 137 -2.38 7.40 45.32
C SER I 137 -2.29 5.91 45.58
N LYS I 138 -3.39 5.23 45.89
CA LYS I 138 -3.36 3.78 46.14
C LYS I 138 -2.11 3.15 46.83
N GLY I 139 -1.06 3.91 47.07
CA GLY I 139 0.08 3.36 47.78
C GLY I 139 1.37 2.82 47.16
N TYR I 140 1.28 2.16 46.01
CA TYR I 140 2.46 1.59 45.37
C TYR I 140 2.60 1.97 43.91
N GLY I 141 3.57 1.35 43.25
CA GLY I 141 3.81 1.61 41.85
C GLY I 141 5.08 0.90 41.44
N PHE I 142 5.51 1.10 40.19
CA PHE I 142 6.71 0.44 39.72
C PHE I 142 7.65 1.38 38.98
N VAL I 143 8.87 0.90 38.73
CA VAL I 143 9.82 1.69 37.98
C VAL I 143 10.76 0.75 37.28
N HIS I 144 10.57 0.63 35.96
CA HIS I 144 11.40 -0.23 35.15
C HIS I 144 12.66 0.48 34.68
N PHE I 145 13.79 0.07 35.22
CA PHE I 145 15.07 0.63 34.84
C PHE I 145 15.57 -0.05 33.56
N GLU I 146 16.34 0.68 32.77
CA GLU I 146 16.88 0.14 31.53
C GLU I 146 17.93 -0.92 31.85
N THR I 147 18.37 -0.93 33.09
CA THR I 147 19.43 -1.83 33.56
C THR I 147 19.05 -2.55 34.85
N GLN I 148 19.36 -3.85 34.92
CA GLN I 148 19.04 -4.56 36.15
C GLN I 148 20.10 -4.27 37.18
N GLU I 149 21.18 -3.61 36.75
CA GLU I 149 22.24 -3.23 37.68
C GLU I 149 21.67 -2.01 38.40
N ALA I 150 20.99 -1.15 37.64
CA ALA I 150 20.37 0.03 38.22
C ALA I 150 19.34 -0.42 39.25
N ALA I 151 18.49 -1.37 38.84
CA ALA I 151 17.45 -1.91 39.71
C ALA I 151 18.04 -2.47 40.99
N GLU I 152 19.15 -3.19 40.87
CA GLU I 152 19.82 -3.77 42.05
C GLU I 152 20.21 -2.67 43.02
N ARG I 153 20.69 -1.56 42.49
CA ARG I 153 21.11 -0.45 43.33
C ARG I 153 19.93 0.30 43.93
N ALA I 154 18.81 0.32 43.22
CA ALA I 154 17.60 1.00 43.70
C ALA I 154 17.20 0.25 44.96
N ILE I 155 17.08 -1.07 44.83
CA ILE I 155 16.75 -1.92 45.97
C ILE I 155 17.92 -1.67 46.90
N GLU I 156 17.82 -2.09 48.16
CA GLU I 156 18.93 -1.86 49.08
C GLU I 156 19.02 -0.38 49.43
N LYS I 157 19.52 0.43 48.50
CA LYS I 157 19.66 1.86 48.74
C LYS I 157 18.34 2.62 48.91
N MET I 158 17.23 1.90 48.97
CA MET I 158 15.91 2.53 49.13
C MET I 158 14.97 1.73 49.99
N ASN I 159 14.92 0.43 49.74
CA ASN I 159 14.06 -0.45 50.49
C ASN I 159 14.25 -0.16 51.97
N GLY I 160 13.22 0.34 52.61
CA GLY I 160 13.31 0.65 54.03
C GLY I 160 13.32 2.13 54.34
N MET I 161 14.50 2.76 54.27
CA MET I 161 14.63 4.17 54.56
C MET I 161 13.34 4.95 54.34
N LEU I 162 13.03 5.85 55.26
CA LEU I 162 11.82 6.65 55.22
C LEU I 162 11.74 7.70 54.11
N LEU I 163 10.64 7.66 53.37
CA LEU I 163 10.37 8.59 52.28
C LEU I 163 9.03 9.26 52.58
N ASN I 164 9.09 10.52 53.03
CA ASN I 164 7.90 11.29 53.38
C ASN I 164 7.26 10.73 54.66
N ASP I 165 8.09 10.56 55.67
CA ASP I 165 7.65 10.04 56.96
C ASP I 165 7.37 8.54 56.91
N ARG I 166 7.02 8.04 55.72
CA ARG I 166 6.72 6.61 55.56
C ARG I 166 7.89 5.73 55.13
N LYS I 167 7.89 4.49 55.61
CA LYS I 167 8.94 3.52 55.29
C LYS I 167 8.49 2.68 54.07
N VAL I 168 9.32 2.67 53.04
CA VAL I 168 9.01 1.96 51.79
C VAL I 168 9.67 0.61 51.56
N PHE I 169 8.95 -0.23 50.82
CA PHE I 169 9.42 -1.56 50.46
C PHE I 169 9.81 -1.57 48.98
N VAL I 170 11.09 -1.73 48.69
CA VAL I 170 11.52 -1.76 47.30
C VAL I 170 12.07 -3.14 47.02
N GLY I 171 11.35 -3.90 46.19
CA GLY I 171 11.79 -5.23 45.83
C GLY I 171 11.68 -5.45 44.34
N ARG I 172 12.21 -6.60 43.89
CA ARG I 172 12.15 -6.95 42.47
C ARG I 172 10.67 -6.98 42.11
N PHE I 173 10.34 -6.77 40.84
CA PHE I 173 8.94 -6.76 40.47
C PHE I 173 8.12 -8.00 40.81
N LYS I 174 8.39 -9.16 40.23
CA LYS I 174 7.58 -10.35 40.56
C LYS I 174 6.13 -10.20 40.07
N SER I 175 5.85 -10.81 38.92
CA SER I 175 4.53 -10.76 38.29
C SER I 175 3.45 -11.40 39.15
N ARG I 176 2.22 -11.38 38.64
CA ARG I 176 1.10 -11.97 39.35
C ARG I 176 1.25 -13.48 39.47
N LYS I 177 1.84 -14.11 38.46
CA LYS I 177 2.04 -15.56 38.46
C LYS I 177 3.00 -15.96 39.58
N GLU I 178 4.22 -15.41 39.55
CA GLU I 178 5.19 -15.72 40.61
C GLU I 178 4.42 -15.57 41.91
N ARG I 179 3.86 -14.38 42.08
CA ARG I 179 3.07 -14.04 43.25
C ARG I 179 2.06 -15.18 43.51
N ALA J 11 -24.05 0.74 0.21
CA ALA J 11 -23.98 0.40 1.67
C ALA J 11 -23.18 1.39 2.54
N SER J 12 -22.68 2.47 1.92
CA SER J 12 -21.90 3.46 2.65
C SER J 12 -22.70 4.68 3.02
N LEU J 13 -22.40 5.23 4.17
CA LEU J 13 -23.11 6.40 4.64
C LEU J 13 -22.17 7.52 5.03
N TYR J 14 -22.66 8.74 4.80
CA TYR J 14 -21.97 9.96 5.18
C TYR J 14 -22.74 10.35 6.44
N VAL J 15 -22.03 10.70 7.50
CA VAL J 15 -22.68 11.13 8.72
C VAL J 15 -21.95 12.41 9.12
N GLY J 16 -22.47 13.53 8.64
CA GLY J 16 -21.85 14.81 8.92
C GLY J 16 -22.49 15.62 10.03
N ASP J 17 -21.95 16.82 10.22
CA ASP J 17 -22.42 17.75 11.24
C ASP J 17 -22.03 17.18 12.58
N LEU J 18 -20.86 16.56 12.61
CA LEU J 18 -20.34 15.94 13.81
C LEU J 18 -19.64 16.90 14.73
N HIS J 19 -19.95 16.78 16.00
CA HIS J 19 -19.33 17.61 17.01
C HIS J 19 -17.86 17.23 16.90
N PRO J 20 -16.96 18.21 16.92
CA PRO J 20 -15.53 17.93 16.80
C PRO J 20 -14.91 16.82 17.64
N ASP J 21 -15.56 16.46 18.75
CA ASP J 21 -15.00 15.41 19.62
C ASP J 21 -15.62 14.02 19.50
N VAL J 22 -16.46 13.84 18.48
CA VAL J 22 -17.09 12.56 18.22
C VAL J 22 -16.10 11.54 17.62
N THR J 23 -15.74 10.52 18.41
CA THR J 23 -14.81 9.49 17.95
C THR J 23 -15.48 8.41 17.13
N GLU J 24 -14.68 7.65 16.40
CA GLU J 24 -15.20 6.56 15.59
C GLU J 24 -15.86 5.51 16.48
N ALA J 25 -15.37 5.43 17.72
CA ALA J 25 -15.88 4.48 18.71
C ALA J 25 -17.36 4.77 19.02
N MET J 26 -17.65 6.04 19.28
CA MET J 26 -19.01 6.47 19.56
C MET J 26 -19.91 6.13 18.40
N LEU J 27 -19.43 6.38 17.19
CA LEU J 27 -20.19 6.08 15.99
C LEU J 27 -20.53 4.58 15.88
N TYR J 28 -19.56 3.72 16.13
CA TYR J 28 -19.79 2.28 16.06
C TYR J 28 -20.98 1.96 16.96
N GLU J 29 -20.95 2.52 18.16
CA GLU J 29 -22.01 2.30 19.14
C GLU J 29 -23.37 2.65 18.59
N LYS J 30 -23.50 3.86 18.06
CA LYS J 30 -24.77 4.32 17.52
C LYS J 30 -25.26 3.44 16.38
N PHE J 31 -24.37 3.18 15.42
CA PHE J 31 -24.74 2.41 14.23
C PHE J 31 -24.68 0.89 14.31
N SER J 32 -23.83 0.37 15.18
CA SER J 32 -23.70 -1.08 15.31
C SER J 32 -25.06 -1.75 15.50
N PRO J 33 -25.92 -1.17 16.36
CA PRO J 33 -27.26 -1.73 16.62
C PRO J 33 -28.09 -1.91 15.36
N ALA J 34 -27.74 -1.16 14.32
CA ALA J 34 -28.50 -1.26 13.08
C ALA J 34 -28.08 -2.51 12.30
N GLY J 35 -26.98 -3.12 12.72
CA GLY J 35 -26.52 -4.31 12.03
C GLY J 35 -24.99 -4.41 11.97
N PRO J 36 -24.45 -5.49 11.38
CA PRO J 36 -23.00 -5.63 11.29
C PRO J 36 -22.37 -4.56 10.39
N ILE J 37 -21.32 -3.95 10.93
CA ILE J 37 -20.60 -2.89 10.27
C ILE J 37 -19.32 -3.36 9.54
N LEU J 38 -19.02 -2.75 8.39
CA LEU J 38 -17.83 -3.10 7.63
C LEU J 38 -16.68 -2.28 8.19
N SER J 39 -16.83 -0.96 8.19
CA SER J 39 -15.82 -0.06 8.75
C SER J 39 -16.42 1.33 9.01
N ILE J 40 -15.72 2.12 9.84
CA ILE J 40 -16.14 3.46 10.22
C ILE J 40 -14.94 4.40 10.22
N ARG J 41 -14.99 5.48 9.44
CA ARG J 41 -13.90 6.45 9.50
C ARG J 41 -14.40 7.87 9.79
N VAL J 42 -13.70 8.53 10.69
CA VAL J 42 -13.98 9.90 11.03
C VAL J 42 -12.88 10.67 10.27
N CYS J 43 -13.27 11.54 9.34
CA CYS J 43 -12.26 12.28 8.58
C CYS J 43 -11.65 13.41 9.39
N ARG J 44 -10.36 13.65 9.20
CA ARG J 44 -9.68 14.67 9.98
C ARG J 44 -8.60 15.39 9.18
N ASP J 45 -8.21 16.58 9.64
CA ASP J 45 -7.17 17.32 8.96
C ASP J 45 -5.98 16.38 8.90
N MET J 46 -5.16 16.48 7.86
CA MET J 46 -4.03 15.58 7.75
C MET J 46 -3.01 15.55 8.90
N ILE J 47 -2.48 16.69 9.34
CA ILE J 47 -1.52 16.65 10.44
C ILE J 47 -2.04 17.09 11.81
N THR J 48 -2.94 18.06 11.86
CA THR J 48 -3.44 18.50 13.17
C THR J 48 -4.47 17.51 13.71
N ARG J 49 -4.94 16.62 12.83
CA ARG J 49 -5.91 15.59 13.17
C ARG J 49 -7.28 16.12 13.59
N ARG J 50 -7.41 17.45 13.66
CA ARG J 50 -8.68 18.06 14.01
C ARG J 50 -9.78 17.37 13.22
N SER J 51 -10.88 17.00 13.88
CA SER J 51 -11.97 16.35 13.15
C SER J 51 -12.48 17.27 12.06
N LEU J 52 -13.03 16.68 11.01
CA LEU J 52 -13.56 17.48 9.92
C LEU J 52 -15.09 17.56 9.92
N GLY J 53 -15.71 17.08 11.01
CA GLY J 53 -17.16 17.18 11.11
C GLY J 53 -18.03 16.14 10.43
N TYR J 54 -17.41 15.08 9.94
CA TYR J 54 -18.17 14.01 9.32
C TYR J 54 -17.36 12.73 9.29
N ALA J 55 -18.03 11.64 8.95
CA ALA J 55 -17.39 10.35 8.91
C ALA J 55 -18.13 9.44 7.95
N TYR J 56 -17.51 8.30 7.66
CA TYR J 56 -18.11 7.30 6.78
C TYR J 56 -18.40 6.09 7.63
N VAL J 57 -19.63 5.59 7.51
CA VAL J 57 -20.03 4.41 8.23
C VAL J 57 -20.40 3.42 7.13
N ASN J 58 -19.62 2.36 7.03
CA ASN J 58 -19.88 1.35 6.00
C ASN J 58 -20.48 0.13 6.65
N PHE J 59 -21.66 -0.26 6.18
CA PHE J 59 -22.33 -1.44 6.70
C PHE J 59 -22.05 -2.63 5.79
N GLN J 60 -22.12 -3.84 6.35
CA GLN J 60 -21.89 -5.05 5.57
C GLN J 60 -23.05 -5.20 4.60
N GLN J 61 -24.26 -5.19 5.13
CA GLN J 61 -25.46 -5.30 4.33
C GLN J 61 -25.96 -3.91 3.98
N PRO J 62 -26.16 -3.64 2.69
CA PRO J 62 -26.65 -2.32 2.29
C PRO J 62 -28.01 -2.05 2.92
N ALA J 63 -28.74 -3.13 3.18
CA ALA J 63 -30.07 -3.04 3.79
C ALA J 63 -30.00 -2.56 5.24
N ASP J 64 -28.87 -2.80 5.92
CA ASP J 64 -28.71 -2.36 7.30
C ASP J 64 -28.38 -0.88 7.32
N ALA J 65 -27.67 -0.43 6.30
CA ALA J 65 -27.28 0.97 6.18
C ALA J 65 -28.52 1.81 5.88
N GLU J 66 -29.37 1.29 5.00
CA GLU J 66 -30.59 1.98 4.62
C GLU J 66 -31.47 2.17 5.84
N ARG J 67 -31.29 1.30 6.83
CA ARG J 67 -32.05 1.36 8.07
C ARG J 67 -31.39 2.38 8.99
N ALA J 68 -30.07 2.46 8.95
CA ALA J 68 -29.36 3.40 9.79
C ALA J 68 -29.78 4.82 9.41
N LEU J 69 -29.76 5.09 8.11
CA LEU J 69 -30.11 6.40 7.58
C LEU J 69 -31.54 6.77 7.93
N ASP J 70 -32.45 5.87 7.60
CA ASP J 70 -33.87 6.06 7.81
C ASP J 70 -34.34 5.91 9.25
N THR J 71 -33.42 5.62 10.16
CA THR J 71 -33.78 5.40 11.55
C THR J 71 -32.97 6.24 12.52
N MET J 72 -31.73 6.52 12.15
CA MET J 72 -30.84 7.28 13.02
C MET J 72 -30.56 8.69 12.56
N ASN J 73 -31.18 9.12 11.47
CA ASN J 73 -30.93 10.47 11.02
C ASN J 73 -31.53 11.44 12.02
N PHE J 74 -30.79 12.51 12.30
CA PHE J 74 -31.21 13.55 13.24
C PHE J 74 -30.92 13.37 14.71
N ASP J 75 -31.11 12.17 15.25
CA ASP J 75 -30.85 12.00 16.68
C ASP J 75 -29.46 12.51 17.05
N VAL J 76 -29.39 13.15 18.22
CA VAL J 76 -28.17 13.75 18.74
C VAL J 76 -27.02 12.81 19.12
N ILE J 77 -25.83 13.40 19.19
CA ILE J 77 -24.60 12.73 19.55
C ILE J 77 -23.75 13.88 20.10
N LYS J 78 -23.40 13.81 21.38
CA LYS J 78 -22.61 14.88 22.01
C LYS J 78 -23.21 16.28 21.77
N GLY J 79 -24.51 16.41 21.96
CA GLY J 79 -25.17 17.69 21.81
C GLY J 79 -25.53 18.17 20.41
N LYS J 80 -25.25 17.36 19.39
CA LYS J 80 -25.55 17.75 18.02
C LYS J 80 -26.31 16.69 17.24
N PRO J 81 -27.24 17.12 16.39
CA PRO J 81 -28.05 16.21 15.57
C PRO J 81 -27.20 15.83 14.36
N VAL J 82 -27.27 14.58 13.92
CA VAL J 82 -26.47 14.17 12.79
C VAL J 82 -27.26 14.24 11.51
N ARG J 83 -26.59 14.68 10.44
CA ARG J 83 -27.21 14.77 9.14
C ARG J 83 -26.65 13.57 8.40
N ILE J 84 -27.52 12.64 8.03
CA ILE J 84 -27.07 11.43 7.37
C ILE J 84 -27.62 11.30 5.97
N MET J 85 -26.74 10.91 5.05
CA MET J 85 -27.14 10.68 3.67
C MET J 85 -26.20 9.64 3.04
N TRP J 86 -26.62 9.05 1.92
CA TRP J 86 -25.77 8.09 1.24
C TRP J 86 -24.56 8.84 0.73
N SER J 87 -23.38 8.25 0.90
CA SER J 87 -22.17 8.88 0.45
C SER J 87 -22.22 9.27 -1.02
N GLN J 88 -21.73 10.47 -1.31
CA GLN J 88 -21.66 10.98 -2.66
C GLN J 88 -20.51 11.95 -2.60
N ARG J 89 -19.31 11.43 -2.83
CA ARG J 89 -18.12 12.25 -2.75
C ARG J 89 -18.02 13.38 -3.77
N ASP J 90 -18.67 13.23 -4.93
CA ASP J 90 -18.63 14.27 -5.95
C ASP J 90 -19.72 15.29 -5.63
N PRO J 91 -19.32 16.51 -5.26
CA PRO J 91 -20.18 17.65 -4.90
C PRO J 91 -20.91 18.38 -6.04
N SER J 92 -20.88 17.81 -7.24
CA SER J 92 -21.56 18.43 -8.39
C SER J 92 -22.92 18.98 -7.94
N LEU J 93 -23.79 18.08 -7.49
CA LEU J 93 -25.12 18.45 -7.03
C LEU J 93 -25.11 19.58 -6.02
N ARG J 94 -24.47 19.32 -4.87
CA ARG J 94 -24.39 20.32 -3.81
C ARG J 94 -23.98 21.70 -4.33
N LYS J 95 -22.83 21.80 -5.01
CA LYS J 95 -22.36 23.11 -5.49
C LYS J 95 -23.43 23.72 -6.40
N SER J 96 -24.28 22.85 -6.95
CA SER J 96 -25.39 23.31 -7.83
C SER J 96 -26.77 23.10 -7.20
N GLY J 97 -26.87 23.04 -5.90
CA GLY J 97 -28.24 22.95 -5.38
C GLY J 97 -29.53 22.98 -6.25
N VAL J 98 -29.70 22.10 -7.25
CA VAL J 98 -30.86 22.23 -8.15
C VAL J 98 -32.20 21.92 -7.53
N GLY J 99 -32.32 20.71 -7.05
CA GLY J 99 -33.56 20.35 -6.41
C GLY J 99 -33.48 20.88 -4.99
N ASN J 100 -32.61 21.86 -4.78
CA ASN J 100 -32.43 22.44 -3.44
C ASN J 100 -33.27 23.72 -3.28
N ILE J 101 -33.93 23.83 -2.12
CA ILE J 101 -34.77 24.99 -1.84
C ILE J 101 -34.38 25.73 -0.58
N PHE J 102 -35.03 26.88 -0.41
CA PHE J 102 -34.77 27.75 0.73
C PHE J 102 -36.05 27.97 1.54
N ILE J 103 -35.93 27.91 2.86
CA ILE J 103 -37.08 28.11 3.74
C ILE J 103 -36.71 29.23 4.72
N LYS J 104 -37.35 30.39 4.57
CA LYS J 104 -37.04 31.53 5.44
C LYS J 104 -38.11 31.77 6.50
N ASN J 105 -37.67 32.23 7.67
CA ASN J 105 -38.57 32.51 8.79
C ASN J 105 -39.38 31.28 9.18
N LEU J 106 -39.03 30.69 10.32
CA LEU J 106 -39.71 29.50 10.81
C LEU J 106 -39.76 29.48 12.31
N ASP J 107 -40.77 28.81 12.85
CA ASP J 107 -40.90 28.68 14.29
C ASP J 107 -39.62 27.97 14.73
N LYS J 108 -39.05 28.40 15.85
CA LYS J 108 -37.84 27.77 16.35
C LYS J 108 -38.16 26.34 16.77
N SER J 109 -39.45 26.03 16.76
CA SER J 109 -39.94 24.71 17.13
C SER J 109 -39.91 23.76 15.93
N ILE J 110 -39.15 24.13 14.91
CA ILE J 110 -39.03 23.32 13.68
C ILE J 110 -37.68 22.63 13.54
N ASP J 111 -37.66 21.31 13.77
CA ASP J 111 -36.44 20.49 13.67
C ASP J 111 -36.10 20.21 12.23
N ASN J 112 -35.14 19.30 12.08
CA ASN J 112 -34.74 18.84 10.76
C ASN J 112 -35.81 17.77 10.50
N LYS J 113 -36.31 17.18 11.59
CA LYS J 113 -37.36 16.17 11.49
C LYS J 113 -38.63 16.82 10.96
N ALA J 114 -39.04 17.92 11.60
CA ALA J 114 -40.22 18.65 11.17
C ALA J 114 -40.02 19.01 9.70
N LEU J 115 -38.99 19.81 9.46
CA LEU J 115 -38.62 20.25 8.11
C LEU J 115 -38.70 19.04 7.20
N TYR J 116 -37.93 18.01 7.52
CA TYR J 116 -37.94 16.80 6.72
C TYR J 116 -39.36 16.34 6.46
N ASP J 117 -40.17 16.31 7.52
CA ASP J 117 -41.55 15.86 7.40
C ASP J 117 -42.50 16.82 6.69
N THR J 118 -42.31 18.12 6.87
CA THR J 118 -43.20 19.05 6.19
C THR J 118 -43.02 18.96 4.67
N PHE J 119 -41.83 18.55 4.23
CA PHE J 119 -41.56 18.45 2.80
C PHE J 119 -41.48 17.04 2.24
N SER J 120 -41.27 16.04 3.10
CA SER J 120 -41.17 14.64 2.66
C SER J 120 -42.11 14.34 1.50
N ALA J 121 -43.33 14.83 1.61
CA ALA J 121 -44.37 14.61 0.61
C ALA J 121 -44.01 14.97 -0.83
N PHE J 122 -43.21 15.98 -1.03
CA PHE J 122 -42.88 16.40 -2.40
C PHE J 122 -41.89 15.50 -3.12
N GLY J 123 -41.05 14.79 -2.39
CA GLY J 123 -40.08 13.92 -3.04
C GLY J 123 -38.89 13.52 -2.19
N ASN J 124 -38.20 12.49 -2.62
CA ASN J 124 -37.02 11.99 -1.91
C ASN J 124 -36.10 13.16 -1.64
N ILE J 125 -35.74 13.36 -0.38
CA ILE J 125 -34.85 14.46 -0.01
C ILE J 125 -33.45 13.97 0.33
N LEU J 126 -32.46 14.48 -0.39
CA LEU J 126 -31.06 14.13 -0.18
C LEU J 126 -30.55 14.63 1.17
N SER J 127 -30.77 15.91 1.43
CA SER J 127 -30.31 16.54 2.66
C SER J 127 -31.12 17.79 2.98
N CYS J 128 -31.48 17.93 4.25
CA CYS J 128 -32.24 19.09 4.71
C CYS J 128 -31.61 19.54 6.01
N LYS J 129 -31.66 20.83 6.29
CA LYS J 129 -31.06 21.31 7.52
C LYS J 129 -31.72 22.60 7.96
N VAL J 130 -31.69 22.82 9.26
CA VAL J 130 -32.25 24.01 9.88
C VAL J 130 -31.04 24.65 10.55
N VAL J 131 -30.47 25.66 9.91
CA VAL J 131 -29.28 26.37 10.41
C VAL J 131 -29.43 27.01 11.78
N CYS J 132 -28.52 26.69 12.70
CA CYS J 132 -28.55 27.23 14.06
C CYS J 132 -27.26 27.95 14.48
N SER J 137 -31.98 28.39 16.52
CA SER J 137 -32.66 27.87 15.31
C SER J 137 -32.53 28.81 14.11
N LYS J 138 -32.02 30.01 14.35
CA LYS J 138 -31.80 31.00 13.30
C LYS J 138 -32.92 31.27 12.27
N GLY J 139 -33.98 30.47 12.27
CA GLY J 139 -35.08 30.73 11.36
C GLY J 139 -35.18 30.10 9.97
N TYR J 140 -34.05 29.89 9.29
CA TYR J 140 -34.12 29.31 7.95
C TYR J 140 -33.45 27.97 7.80
N GLY J 141 -33.64 27.35 6.63
CA GLY J 141 -33.04 26.06 6.35
C GLY J 141 -33.16 25.65 4.90
N PHE J 142 -32.63 24.48 4.57
CA PHE J 142 -32.72 24.01 3.19
C PHE J 142 -33.19 22.58 3.15
N VAL J 143 -33.68 22.19 1.99
CA VAL J 143 -34.14 20.83 1.81
C VAL J 143 -33.81 20.54 0.36
N HIS J 144 -32.89 19.59 0.18
CA HIS J 144 -32.40 19.18 -1.12
C HIS J 144 -33.16 17.97 -1.64
N PHE J 145 -34.03 18.21 -2.63
CA PHE J 145 -34.82 17.15 -3.23
C PHE J 145 -34.04 16.40 -4.32
N GLU J 146 -34.24 15.09 -4.39
CA GLU J 146 -33.58 14.26 -5.37
C GLU J 146 -33.89 14.74 -6.78
N THR J 147 -35.08 15.31 -6.96
CA THR J 147 -35.52 15.81 -8.25
C THR J 147 -35.78 17.30 -8.15
N GLN J 148 -35.60 18.01 -9.25
CA GLN J 148 -35.86 19.44 -9.21
C GLN J 148 -37.36 19.57 -9.43
N GLU J 149 -37.97 18.47 -9.85
CA GLU J 149 -39.41 18.42 -10.09
C GLU J 149 -40.15 18.55 -8.78
N ALA J 150 -39.67 17.83 -7.76
CA ALA J 150 -40.27 17.86 -6.45
C ALA J 150 -39.91 19.14 -5.71
N ALA J 151 -38.84 19.80 -6.13
CA ALA J 151 -38.39 21.03 -5.49
C ALA J 151 -39.26 22.22 -5.88
N GLU J 152 -39.63 22.29 -7.15
CA GLU J 152 -40.45 23.39 -7.62
C GLU J 152 -41.88 23.10 -7.17
N ARG J 153 -42.22 21.82 -7.21
CA ARG J 153 -43.54 21.36 -6.80
C ARG J 153 -43.69 21.66 -5.31
N ALA J 154 -42.56 21.72 -4.61
CA ALA J 154 -42.54 22.01 -3.18
C ALA J 154 -42.74 23.51 -3.02
N ILE J 155 -42.17 24.27 -3.95
CA ILE J 155 -42.33 25.72 -3.93
C ILE J 155 -43.73 25.94 -4.49
N GLU J 156 -44.19 27.19 -4.54
CA GLU J 156 -45.52 27.49 -5.06
C GLU J 156 -46.53 26.44 -4.57
N LYS J 157 -46.23 25.89 -3.40
CA LYS J 157 -47.06 24.88 -2.77
C LYS J 157 -46.69 24.96 -1.30
N MET J 158 -45.85 25.93 -0.99
CA MET J 158 -45.40 26.16 0.38
C MET J 158 -44.97 27.61 0.52
N ASN J 159 -44.85 28.30 -0.61
CA ASN J 159 -44.45 29.70 -0.56
C ASN J 159 -45.61 30.56 -0.07
N VAL J 170 -39.48 30.66 0.58
CA VAL J 170 -39.57 29.26 0.09
C VAL J 170 -39.38 29.15 -1.41
N GLY J 171 -38.13 29.01 -1.85
CA GLY J 171 -37.87 28.89 -3.27
C GLY J 171 -36.43 28.47 -3.57
N ARG J 172 -36.02 28.65 -4.82
CA ARG J 172 -34.66 28.30 -5.26
C ARG J 172 -33.60 28.66 -4.22
N PHE J 173 -32.39 28.12 -4.38
CA PHE J 173 -31.30 28.34 -3.45
C PHE J 173 -30.42 29.59 -3.56
N LYS J 174 -29.73 29.81 -4.67
CA LYS J 174 -28.87 31.00 -4.82
C LYS J 174 -27.73 31.04 -3.77
N SER J 175 -26.59 31.65 -4.11
CA SER J 175 -25.46 31.74 -3.17
C SER J 175 -24.54 32.96 -3.28
N ALA K 11 20.89 -6.16 9.69
CA ALA K 11 20.33 -6.80 10.91
C ALA K 11 19.43 -7.99 10.56
N SER K 12 19.39 -8.35 9.28
CA SER K 12 18.56 -9.48 8.83
C SER K 12 19.31 -10.82 8.82
N LEU K 13 18.77 -11.79 9.54
CA LEU K 13 19.38 -13.12 9.56
C LEU K 13 18.53 -14.13 8.80
N TYR K 14 19.20 -15.04 8.11
CA TYR K 14 18.50 -16.11 7.41
C TYR K 14 18.67 -17.29 8.34
N VAL K 15 17.60 -17.97 8.65
CA VAL K 15 17.71 -19.11 9.53
C VAL K 15 16.97 -20.24 8.85
N GLY K 16 17.77 -21.16 8.31
CA GLY K 16 17.22 -22.29 7.59
C GLY K 16 17.40 -23.65 8.23
N ASP K 17 17.11 -24.70 7.46
CA ASP K 17 17.20 -26.08 7.92
C ASP K 17 16.20 -26.24 9.04
N LEU K 18 15.06 -25.61 8.85
CA LEU K 18 14.01 -25.63 9.83
C LEU K 18 13.11 -26.81 9.59
N HIS K 19 12.57 -27.34 10.68
CA HIS K 19 11.65 -28.46 10.64
C HIS K 19 10.38 -27.83 10.08
N PRO K 20 9.67 -28.53 9.20
CA PRO K 20 8.44 -28.01 8.61
C PRO K 20 7.39 -27.48 9.58
N ASP K 21 7.57 -27.77 10.86
CA ASP K 21 6.62 -27.33 11.87
C ASP K 21 7.03 -26.14 12.72
N VAL K 22 8.30 -25.75 12.63
CA VAL K 22 8.78 -24.61 13.39
C VAL K 22 7.95 -23.37 13.01
N THR K 23 7.51 -22.62 14.01
CA THR K 23 6.72 -21.43 13.74
C THR K 23 7.46 -20.15 14.06
N GLU K 24 6.90 -19.06 13.55
CA GLU K 24 7.44 -17.74 13.77
C GLU K 24 7.51 -17.53 15.27
N ALA K 25 6.49 -18.02 15.97
CA ALA K 25 6.46 -17.88 17.41
C ALA K 25 7.65 -18.62 18.02
N MET K 26 7.86 -19.87 17.61
CA MET K 26 8.97 -20.65 18.13
C MET K 26 10.27 -19.93 17.80
N LEU K 27 10.33 -19.29 16.63
CA LEU K 27 11.55 -18.59 16.26
C LEU K 27 11.68 -17.38 17.15
N TYR K 28 10.56 -16.71 17.39
CA TYR K 28 10.56 -15.52 18.23
C TYR K 28 11.16 -15.86 19.58
N GLU K 29 10.62 -16.91 20.19
CA GLU K 29 11.08 -17.33 21.51
C GLU K 29 12.56 -17.70 21.55
N LYS K 30 13.05 -18.26 20.46
CA LYS K 30 14.45 -18.65 20.40
C LYS K 30 15.40 -17.45 20.31
N PHE K 31 15.12 -16.53 19.39
CA PHE K 31 16.00 -15.37 19.20
C PHE K 31 15.76 -14.15 20.08
N SER K 32 14.54 -14.00 20.57
CA SER K 32 14.17 -12.87 21.40
C SER K 32 15.15 -12.46 22.49
N PRO K 33 15.72 -13.43 23.22
CA PRO K 33 16.68 -13.12 24.30
C PRO K 33 17.89 -12.35 23.84
N ALA K 34 18.16 -12.41 22.54
CA ALA K 34 19.33 -11.71 22.00
C ALA K 34 19.12 -10.20 21.90
N GLY K 35 17.87 -9.75 21.97
CA GLY K 35 17.61 -8.32 21.89
C GLY K 35 16.31 -8.05 21.16
N PRO K 36 15.74 -6.85 21.29
CA PRO K 36 14.47 -6.54 20.61
C PRO K 36 14.46 -6.81 19.09
N ILE K 37 13.33 -7.36 18.65
CA ILE K 37 13.09 -7.74 17.27
C ILE K 37 12.16 -6.82 16.50
N LEU K 38 12.41 -6.73 15.20
CA LEU K 38 11.60 -5.89 14.33
C LEU K 38 10.54 -6.74 13.70
N SER K 39 10.88 -7.98 13.35
CA SER K 39 9.91 -8.89 12.76
C SER K 39 10.51 -10.24 12.42
N ILE K 40 9.66 -11.26 12.39
CA ILE K 40 10.07 -12.63 12.08
C ILE K 40 9.14 -13.14 11.00
N ARG K 41 9.69 -13.86 10.02
CA ARG K 41 8.90 -14.41 8.94
C ARG K 41 9.42 -15.78 8.49
N VAL K 42 8.51 -16.73 8.38
CA VAL K 42 8.83 -18.07 7.93
C VAL K 42 8.22 -18.18 6.54
N CYS K 43 9.05 -18.51 5.56
CA CYS K 43 8.60 -18.61 4.18
C CYS K 43 7.85 -19.88 3.84
N ARG K 44 6.62 -19.70 3.37
CA ARG K 44 5.77 -20.84 3.05
C ARG K 44 5.38 -20.88 1.58
N ASP K 45 5.12 -22.09 1.08
CA ASP K 45 4.67 -22.21 -0.30
C ASP K 45 3.45 -21.28 -0.40
N MET K 46 3.34 -20.57 -1.51
CA MET K 46 2.25 -19.63 -1.69
C MET K 46 0.82 -20.06 -1.35
N ILE K 47 0.37 -21.19 -1.87
CA ILE K 47 -1.01 -21.63 -1.60
C ILE K 47 -1.18 -22.77 -0.62
N THR K 48 -0.25 -23.72 -0.61
CA THR K 48 -0.39 -24.83 0.32
C THR K 48 0.17 -24.45 1.67
N ARG K 49 0.84 -23.31 1.72
CA ARG K 49 1.42 -22.80 2.95
C ARG K 49 2.45 -23.74 3.54
N ARG K 50 2.88 -24.74 2.78
CA ARG K 50 3.90 -25.65 3.31
C ARG K 50 5.17 -24.84 3.55
N SER K 51 5.73 -24.98 4.75
CA SER K 51 6.94 -24.28 5.10
C SER K 51 8.07 -24.65 4.12
N LEU K 52 8.81 -23.64 3.68
CA LEU K 52 9.92 -23.86 2.76
C LEU K 52 11.19 -24.19 3.53
N GLY K 53 11.08 -24.36 4.85
CA GLY K 53 12.25 -24.72 5.62
C GLY K 53 13.20 -23.65 6.06
N TYR K 54 12.85 -22.39 5.88
CA TYR K 54 13.75 -21.33 6.34
C TYR K 54 12.98 -20.11 6.75
N ALA K 55 13.66 -19.19 7.44
CA ALA K 55 13.04 -17.98 7.89
C ALA K 55 13.96 -16.79 7.91
N TYR K 56 13.34 -15.62 8.05
CA TYR K 56 14.06 -14.36 8.17
C TYR K 56 13.70 -13.87 9.55
N VAL K 57 14.71 -13.43 10.26
CA VAL K 57 14.53 -12.88 11.58
C VAL K 57 15.27 -11.56 11.49
N ASN K 58 14.58 -10.47 11.84
CA ASN K 58 15.20 -9.14 11.78
C ASN K 58 15.23 -8.49 13.15
N PHE K 59 16.43 -8.24 13.66
CA PHE K 59 16.55 -7.61 14.95
C PHE K 59 16.44 -6.11 14.81
N GLN K 60 16.39 -5.41 15.93
CA GLN K 60 16.33 -3.97 15.89
C GLN K 60 17.75 -3.44 15.79
N GLN K 61 18.66 -4.02 16.55
CA GLN K 61 20.04 -3.59 16.52
C GLN K 61 20.93 -4.55 15.74
N PRO K 62 21.59 -4.07 14.69
CA PRO K 62 22.45 -4.99 13.94
C PRO K 62 23.41 -5.73 14.87
N ALA K 63 23.80 -5.10 15.96
CA ALA K 63 24.70 -5.76 16.88
C ALA K 63 24.04 -6.99 17.54
N ASP K 64 22.73 -6.88 17.83
CA ASP K 64 21.99 -7.98 18.47
C ASP K 64 21.88 -9.20 17.59
N ALA K 65 21.72 -8.97 16.29
CA ALA K 65 21.61 -10.07 15.34
C ALA K 65 22.94 -10.80 15.28
N GLU K 66 24.01 -10.04 15.11
CA GLU K 66 25.32 -10.64 15.04
C GLU K 66 25.56 -11.50 16.28
N ARG K 67 25.05 -11.04 17.43
CA ARG K 67 25.23 -11.80 18.66
C ARG K 67 24.50 -13.13 18.52
N ALA K 68 23.23 -13.07 18.13
CA ALA K 68 22.45 -14.27 17.96
C ALA K 68 23.11 -15.20 16.94
N LEU K 69 23.49 -14.64 15.79
CA LEU K 69 24.14 -15.41 14.74
C LEU K 69 25.32 -16.15 15.35
N ASP K 70 26.15 -15.37 16.01
CA ASP K 70 27.35 -15.89 16.64
C ASP K 70 27.06 -16.29 18.07
N THR K 71 26.07 -17.16 18.29
CA THR K 71 25.73 -17.57 19.64
C THR K 71 24.62 -18.62 19.68
N MET K 72 23.64 -18.51 18.78
CA MET K 72 22.51 -19.43 18.73
C MET K 72 22.57 -20.31 17.50
N ASN K 73 23.69 -20.24 16.78
CA ASN K 73 23.82 -21.03 15.55
C ASN K 73 23.94 -22.51 15.88
N PHE K 74 23.37 -23.36 15.04
CA PHE K 74 23.43 -24.80 15.23
C PHE K 74 22.49 -25.44 16.26
N ASP K 75 22.21 -24.77 17.37
CA ASP K 75 21.32 -25.41 18.33
C ASP K 75 19.97 -25.76 17.71
N VAL K 76 19.43 -26.87 18.19
CA VAL K 76 18.19 -27.44 17.72
C VAL K 76 16.90 -26.68 17.93
N ILE K 77 15.91 -27.01 17.11
CA ILE K 77 14.58 -26.45 17.15
C ILE K 77 13.71 -27.55 16.55
N LYS K 78 12.98 -28.25 17.41
CA LYS K 78 12.15 -29.35 16.99
C LYS K 78 12.95 -30.42 16.27
N GLY K 79 14.07 -30.82 16.85
CA GLY K 79 14.88 -31.84 16.23
C GLY K 79 16.01 -31.35 15.34
N LYS K 80 15.73 -30.41 14.44
CA LYS K 80 16.77 -29.92 13.53
C LYS K 80 17.56 -28.67 13.95
N PRO K 81 18.90 -28.72 13.78
CA PRO K 81 19.83 -27.64 14.13
C PRO K 81 19.63 -26.52 13.11
N VAL K 82 19.31 -25.33 13.59
CA VAL K 82 19.10 -24.21 12.68
C VAL K 82 20.43 -23.87 12.04
N ARG K 83 20.38 -23.41 10.79
CA ARG K 83 21.59 -23.00 10.09
C ARG K 83 21.42 -21.48 9.90
N ILE K 84 22.05 -20.71 10.78
CA ILE K 84 21.95 -19.26 10.69
C ILE K 84 23.08 -18.61 9.91
N MET K 85 22.72 -17.64 9.09
CA MET K 85 23.68 -16.86 8.31
C MET K 85 23.06 -15.51 7.92
N TRP K 86 23.88 -14.51 7.61
CA TRP K 86 23.31 -13.23 7.20
C TRP K 86 22.47 -13.41 5.94
N SER K 87 21.40 -12.62 5.83
CA SER K 87 20.54 -12.71 4.66
C SER K 87 21.32 -12.29 3.43
N GLN K 88 21.10 -13.01 2.33
CA GLN K 88 21.72 -12.74 1.03
C GLN K 88 20.88 -13.55 0.08
N ARG K 89 19.93 -12.88 -0.54
CA ARG K 89 18.99 -13.54 -1.43
C ARG K 89 19.49 -13.74 -2.83
N ASP K 90 20.65 -13.19 -3.14
CA ASP K 90 21.24 -13.38 -4.45
C ASP K 90 22.07 -14.66 -4.28
N PRO K 91 21.62 -15.77 -4.88
CA PRO K 91 22.30 -17.06 -4.81
C PRO K 91 23.49 -17.21 -5.74
N SER K 92 23.98 -16.10 -6.25
CA SER K 92 25.11 -16.15 -7.17
C SER K 92 26.30 -16.85 -6.52
N LEU K 93 26.54 -16.60 -5.24
CA LEU K 93 27.66 -17.22 -4.53
C LEU K 93 27.40 -18.67 -4.16
N ARG K 94 26.15 -19.00 -3.89
CA ARG K 94 25.82 -20.38 -3.53
C ARG K 94 25.85 -21.24 -4.78
N LYS K 95 25.44 -20.68 -5.93
CA LYS K 95 25.48 -21.45 -7.17
C LYS K 95 26.95 -21.58 -7.62
N SER K 96 27.73 -20.53 -7.43
CA SER K 96 29.13 -20.61 -7.78
C SER K 96 30.03 -21.05 -6.64
N GLY K 97 29.60 -21.86 -5.73
CA GLY K 97 30.58 -22.19 -4.69
C GLY K 97 32.08 -21.67 -4.64
N VAL K 98 32.41 -20.41 -4.96
CA VAL K 98 33.81 -20.03 -5.04
C VAL K 98 34.68 -20.41 -3.87
N GLY K 99 34.33 -19.92 -2.69
CA GLY K 99 35.10 -20.25 -1.51
C GLY K 99 34.51 -21.44 -0.77
N ASN K 100 33.66 -22.20 -1.46
CA ASN K 100 33.01 -23.38 -0.89
C ASN K 100 33.85 -24.67 -1.09
N ILE K 101 34.31 -25.25 0.01
CA ILE K 101 35.11 -26.47 -0.06
C ILE K 101 34.30 -27.71 0.33
N PHE K 102 34.87 -28.89 0.05
CA PHE K 102 34.25 -30.19 0.33
C PHE K 102 35.10 -30.98 1.33
N ILE K 103 34.46 -31.58 2.33
CA ILE K 103 35.19 -32.36 3.35
C ILE K 103 34.60 -33.75 3.37
N LYS K 104 35.47 -34.75 3.28
CA LYS K 104 35.03 -36.14 3.26
C LYS K 104 35.70 -36.94 4.36
N ASN K 105 35.08 -38.04 4.74
CA ASN K 105 35.63 -38.90 5.77
C ASN K 105 35.71 -38.21 7.14
N LEU K 106 34.59 -37.61 7.55
CA LEU K 106 34.54 -36.95 8.84
C LEU K 106 34.23 -38.06 9.85
N ASP K 107 34.79 -37.98 11.05
CA ASP K 107 34.62 -39.01 12.07
C ASP K 107 33.25 -39.30 12.70
N LYS K 108 32.16 -39.01 11.99
CA LYS K 108 30.80 -39.28 12.47
C LYS K 108 30.42 -38.66 13.83
N SER K 109 31.42 -38.35 14.63
CA SER K 109 31.23 -37.73 15.93
C SER K 109 31.32 -36.22 15.71
N ILE K 110 31.44 -35.85 14.44
CA ILE K 110 31.58 -34.45 14.07
C ILE K 110 30.29 -33.80 13.61
N ASP K 111 29.75 -32.97 14.49
CA ASP K 111 28.51 -32.25 14.23
C ASP K 111 28.91 -30.92 13.60
N ASN K 112 27.92 -30.09 13.28
CA ASN K 112 28.21 -28.82 12.65
C ASN K 112 29.06 -27.90 13.51
N LYS K 113 28.78 -27.80 14.80
CA LYS K 113 29.60 -26.93 15.62
C LYS K 113 31.05 -27.43 15.63
N ALA K 114 31.23 -28.71 15.37
CA ALA K 114 32.56 -29.30 15.34
C ALA K 114 33.24 -28.92 14.04
N LEU K 115 32.48 -28.97 12.96
CA LEU K 115 32.99 -28.62 11.64
C LEU K 115 33.32 -27.14 11.68
N TYR K 116 32.45 -26.37 12.30
CA TYR K 116 32.68 -24.94 12.41
C TYR K 116 33.98 -24.59 13.11
N ASP K 117 34.08 -24.96 14.38
CA ASP K 117 35.29 -24.65 15.15
C ASP K 117 36.58 -25.06 14.50
N THR K 118 36.58 -26.22 13.85
CA THR K 118 37.81 -26.67 13.21
C THR K 118 38.20 -25.72 12.07
N PHE K 119 37.27 -25.48 11.14
CA PHE K 119 37.56 -24.58 10.02
C PHE K 119 37.40 -23.09 10.27
N SER K 120 37.07 -22.70 11.50
CA SER K 120 36.92 -21.28 11.82
C SER K 120 38.22 -20.55 11.52
N ALA K 121 39.33 -21.19 11.86
CA ALA K 121 40.67 -20.66 11.69
C ALA K 121 41.04 -19.98 10.39
N PHE K 122 40.64 -20.54 9.26
CA PHE K 122 41.04 -19.97 7.97
C PHE K 122 40.34 -18.69 7.56
N GLY K 123 39.13 -18.45 8.06
CA GLY K 123 38.47 -17.22 7.67
C GLY K 123 36.99 -17.21 7.98
N ASN K 124 36.38 -16.05 7.85
CA ASN K 124 34.97 -15.88 8.12
C ASN K 124 34.21 -16.84 7.25
N ILE K 125 33.38 -17.67 7.86
CA ILE K 125 32.61 -18.62 7.08
C ILE K 125 31.14 -18.22 6.98
N LEU K 126 30.59 -18.30 5.77
CA LEU K 126 29.21 -17.95 5.51
C LEU K 126 28.24 -19.06 5.83
N SER K 127 28.56 -20.28 5.44
CA SER K 127 27.68 -21.41 5.70
C SER K 127 28.41 -22.74 5.69
N CYS K 128 28.33 -23.47 6.79
CA CYS K 128 28.96 -24.79 6.86
C CYS K 128 27.94 -25.82 7.30
N LYS K 129 28.06 -27.05 6.82
CA LYS K 129 27.10 -28.09 7.14
C LYS K 129 27.63 -29.51 7.01
N VAL K 130 27.08 -30.40 7.83
CA VAL K 130 27.44 -31.81 7.82
C VAL K 130 26.18 -32.56 7.37
N VAL K 131 26.24 -33.12 6.16
CA VAL K 131 25.12 -33.88 5.60
C VAL K 131 24.71 -35.09 6.45
N CYS K 132 23.41 -35.29 6.66
CA CYS K 132 22.89 -36.38 7.47
C CYS K 132 21.76 -37.17 6.81
N ASP K 133 21.83 -38.49 6.92
CA ASP K 133 20.85 -39.39 6.33
C ASP K 133 19.82 -39.94 7.32
N GLU K 134 19.01 -39.05 7.90
CA GLU K 134 17.97 -39.45 8.85
C GLU K 134 18.42 -40.64 9.71
N ASN K 135 19.70 -40.62 10.09
CA ASN K 135 20.26 -41.69 10.89
C ASN K 135 21.63 -41.30 11.43
N GLY K 136 22.42 -40.59 10.63
CA GLY K 136 23.74 -40.19 11.09
C GLY K 136 24.45 -39.07 10.36
N SER K 137 25.76 -38.99 10.56
CA SER K 137 26.63 -37.98 9.99
C SER K 137 26.88 -38.09 8.49
N LYS K 138 26.68 -39.27 7.92
CA LYS K 138 26.91 -39.49 6.48
C LYS K 138 28.38 -39.34 6.08
N GLY K 139 29.20 -38.81 6.99
CA GLY K 139 30.64 -38.67 6.74
C GLY K 139 31.24 -37.57 5.88
N TYR K 140 30.44 -36.61 5.43
CA TYR K 140 30.97 -35.54 4.61
C TYR K 140 30.16 -34.26 4.74
N GLY K 141 30.78 -33.15 4.37
CA GLY K 141 30.09 -31.88 4.44
C GLY K 141 30.86 -30.79 3.71
N PHE K 142 30.31 -29.58 3.73
CA PHE K 142 30.95 -28.45 3.07
C PHE K 142 31.10 -27.30 4.03
N VAL K 143 31.92 -26.33 3.63
CA VAL K 143 32.12 -25.16 4.43
C VAL K 143 32.49 -24.05 3.45
N HIS K 144 31.57 -23.09 3.34
CA HIS K 144 31.71 -21.94 2.45
C HIS K 144 32.35 -20.75 3.16
N PHE K 145 33.55 -20.38 2.73
CA PHE K 145 34.26 -19.26 3.33
C PHE K 145 33.87 -17.94 2.67
N GLU K 146 33.95 -16.85 3.43
CA GLU K 146 33.61 -15.52 2.93
C GLU K 146 34.54 -15.15 1.78
N THR K 147 35.79 -15.57 1.87
CA THR K 147 36.81 -15.28 0.86
C THR K 147 37.47 -16.58 0.31
N GLN K 148 37.91 -16.55 -0.94
CA GLN K 148 38.55 -17.75 -1.48
C GLN K 148 39.98 -17.93 -1.04
N GLU K 149 40.62 -16.86 -0.57
CA GLU K 149 41.99 -16.97 -0.08
C GLU K 149 41.94 -17.85 1.16
N ALA K 150 40.76 -17.90 1.79
CA ALA K 150 40.60 -18.73 2.98
C ALA K 150 40.31 -20.15 2.51
N ALA K 151 39.37 -20.29 1.58
CA ALA K 151 39.06 -21.60 1.04
C ALA K 151 40.37 -22.24 0.57
N GLU K 152 41.13 -21.51 -0.23
CA GLU K 152 42.40 -22.01 -0.74
C GLU K 152 43.38 -22.34 0.35
N ARG K 153 43.37 -21.56 1.42
CA ARG K 153 44.30 -21.84 2.51
C ARG K 153 43.77 -23.06 3.26
N ALA K 154 42.45 -23.21 3.30
CA ALA K 154 41.81 -24.33 3.98
C ALA K 154 42.15 -25.60 3.22
N ILE K 155 41.90 -25.60 1.92
CA ILE K 155 42.29 -26.74 1.09
C ILE K 155 43.80 -26.56 1.11
N GLU K 156 44.56 -27.63 1.28
CA GLU K 156 46.02 -27.57 1.34
C GLU K 156 46.47 -27.77 2.77
N LYS K 157 45.94 -26.95 3.66
CA LYS K 157 46.31 -27.07 5.06
C LYS K 157 45.48 -28.19 5.71
N MET K 158 44.29 -28.46 5.19
CA MET K 158 43.42 -29.47 5.77
C MET K 158 43.28 -30.74 4.95
N ASN K 159 43.54 -30.67 3.65
CA ASN K 159 43.43 -31.88 2.88
C ASN K 159 44.56 -32.80 3.33
N GLY K 160 44.23 -34.05 3.63
CA GLY K 160 45.24 -34.97 4.10
C GLY K 160 45.53 -34.72 5.57
N MET K 161 44.56 -34.10 6.24
CA MET K 161 44.67 -33.79 7.64
C MET K 161 44.17 -34.93 8.50
N LEU K 162 45.03 -35.42 9.39
CA LEU K 162 44.63 -36.50 10.26
C LEU K 162 43.63 -36.00 11.31
N LEU K 163 42.40 -36.49 11.25
CA LEU K 163 41.41 -36.10 12.23
C LEU K 163 40.68 -37.35 12.73
N ASN K 164 40.84 -37.60 14.02
CA ASN K 164 40.23 -38.76 14.67
C ASN K 164 40.74 -40.06 14.07
N ASP K 165 42.07 -40.17 13.97
CA ASP K 165 42.76 -41.35 13.44
C ASP K 165 42.60 -41.62 11.92
N ARG K 166 41.83 -40.78 11.24
CA ARG K 166 41.63 -40.91 9.79
C ARG K 166 41.98 -39.61 9.09
N LYS K 167 42.30 -39.68 7.80
CA LYS K 167 42.63 -38.48 7.05
C LYS K 167 41.40 -37.94 6.32
N VAL K 168 41.30 -36.63 6.24
CA VAL K 168 40.17 -36.03 5.56
C VAL K 168 40.60 -35.53 4.19
N PHE K 169 39.72 -35.69 3.22
CA PHE K 169 40.00 -35.18 1.90
C PHE K 169 39.35 -33.80 1.95
N VAL K 170 40.08 -32.77 1.53
CA VAL K 170 39.52 -31.43 1.51
C VAL K 170 39.76 -30.83 0.15
N GLY K 171 38.70 -30.50 -0.57
CA GLY K 171 38.88 -29.90 -1.88
C GLY K 171 37.82 -28.88 -2.24
N ARG K 172 38.07 -28.20 -3.35
CA ARG K 172 37.15 -27.20 -3.86
C ARG K 172 35.80 -27.88 -4.02
N PHE K 173 34.72 -27.11 -3.98
CA PHE K 173 33.38 -27.69 -4.13
C PHE K 173 33.06 -27.88 -5.59
N LYS K 174 32.62 -29.08 -5.96
CA LYS K 174 32.30 -29.35 -7.36
C LYS K 174 30.80 -29.50 -7.59
N SER K 175 30.29 -28.71 -8.52
CA SER K 175 28.89 -28.71 -8.88
C SER K 175 28.47 -30.11 -9.34
N ARG K 176 27.30 -30.55 -8.86
CA ARG K 176 26.76 -31.87 -9.23
C ARG K 176 26.70 -32.01 -10.74
N LYS K 177 27.15 -30.98 -11.45
CA LYS K 177 27.18 -31.04 -12.90
C LYS K 177 28.40 -31.93 -13.12
N GLU K 178 29.57 -31.39 -12.83
CA GLU K 178 30.84 -32.09 -12.96
C GLU K 178 30.71 -33.62 -12.91
N ALA L 11 -17.40 -16.91 1.25
CA ALA L 11 -16.61 -18.18 1.23
C ALA L 11 -15.49 -18.20 2.28
N SER L 12 -15.55 -17.26 3.23
CA SER L 12 -14.54 -17.16 4.29
C SER L 12 -15.00 -17.78 5.59
N LEU L 13 -14.12 -18.50 6.26
CA LEU L 13 -14.46 -19.14 7.52
C LEU L 13 -13.53 -18.76 8.66
N TYR L 14 -14.06 -18.80 9.87
CA TYR L 14 -13.27 -18.53 11.07
C TYR L 14 -13.13 -19.90 11.69
N VAL L 15 -11.93 -20.43 11.71
CA VAL L 15 -11.72 -21.73 12.32
C VAL L 15 -11.03 -21.32 13.62
N GLY L 16 -11.72 -21.53 14.73
CA GLY L 16 -11.20 -21.14 16.01
C GLY L 16 -10.88 -22.22 17.02
N ASP L 17 -10.41 -21.79 18.19
CA ASP L 17 -10.00 -22.68 19.25
C ASP L 17 -8.93 -23.63 18.71
N LEU L 18 -7.95 -23.03 18.01
CA LEU L 18 -6.82 -23.71 17.40
C LEU L 18 -5.70 -23.92 18.41
N HIS L 19 -4.93 -24.99 18.25
CA HIS L 19 -3.81 -25.23 19.16
C HIS L 19 -2.69 -24.24 18.82
N PRO L 20 -2.10 -23.60 19.83
CA PRO L 20 -1.03 -22.62 19.58
C PRO L 20 0.08 -23.05 18.63
N ASP L 21 0.06 -24.31 18.18
CA ASP L 21 1.10 -24.77 17.26
C ASP L 21 0.55 -25.12 15.89
N VAL L 22 -0.76 -25.12 15.75
CA VAL L 22 -1.39 -25.42 14.47
C VAL L 22 -0.90 -24.42 13.42
N THR L 23 -0.30 -24.92 12.36
CA THR L 23 0.21 -24.03 11.32
C THR L 23 -0.75 -23.83 10.14
N GLU L 24 -0.44 -22.85 9.31
CA GLU L 24 -1.27 -22.57 8.14
C GLU L 24 -1.21 -23.79 7.24
N ALA L 25 -0.06 -24.46 7.26
CA ALA L 25 0.19 -25.66 6.49
C ALA L 25 -0.81 -26.73 6.92
N MET L 26 -0.92 -26.92 8.23
CA MET L 26 -1.83 -27.93 8.76
C MET L 26 -3.27 -27.64 8.37
N LEU L 27 -3.68 -26.38 8.40
CA LEU L 27 -5.05 -26.04 8.03
C LEU L 27 -5.31 -26.27 6.56
N TYR L 28 -4.29 -26.11 5.72
CA TYR L 28 -4.49 -26.35 4.29
C TYR L 28 -4.72 -27.84 4.07
N GLU L 29 -3.93 -28.66 4.74
CA GLU L 29 -4.04 -30.11 4.64
C GLU L 29 -5.45 -30.52 5.06
N LYS L 30 -5.91 -30.00 6.19
CA LYS L 30 -7.23 -30.31 6.72
C LYS L 30 -8.40 -29.92 5.80
N PHE L 31 -8.43 -28.66 5.39
CA PHE L 31 -9.50 -28.12 4.57
C PHE L 31 -9.38 -28.29 3.06
N SER L 32 -8.16 -28.42 2.55
CA SER L 32 -7.96 -28.57 1.10
C SER L 32 -8.90 -29.60 0.46
N PRO L 33 -9.19 -30.72 1.15
CA PRO L 33 -10.07 -31.78 0.64
C PRO L 33 -11.46 -31.30 0.27
N ALA L 34 -11.89 -30.19 0.87
CA ALA L 34 -13.21 -29.66 0.59
C ALA L 34 -13.21 -28.93 -0.75
N GLY L 35 -12.03 -28.75 -1.33
CA GLY L 35 -11.96 -28.09 -2.61
C GLY L 35 -10.92 -26.99 -2.75
N PRO L 36 -10.93 -26.27 -3.89
CA PRO L 36 -9.98 -25.20 -4.14
C PRO L 36 -10.07 -24.06 -3.13
N ILE L 37 -8.91 -23.76 -2.57
CA ILE L 37 -8.77 -22.72 -1.57
C ILE L 37 -8.18 -21.44 -2.13
N LEU L 38 -8.79 -20.32 -1.77
CA LEU L 38 -8.33 -19.01 -2.22
C LEU L 38 -7.14 -18.61 -1.36
N SER L 39 -7.23 -18.87 -0.05
CA SER L 39 -6.15 -18.53 0.87
C SER L 39 -6.45 -18.89 2.34
N ILE L 40 -5.38 -18.98 3.14
CA ILE L 40 -5.48 -19.33 4.55
C ILE L 40 -4.60 -18.41 5.38
N ARG L 41 -5.09 -18.00 6.55
CA ARG L 41 -4.28 -17.13 7.39
C ARG L 41 -4.53 -17.47 8.85
N VAL L 42 -3.44 -17.70 9.58
CA VAL L 42 -3.55 -17.97 11.01
C VAL L 42 -3.14 -16.62 11.61
N CYS L 43 -3.95 -16.10 12.53
CA CYS L 43 -3.65 -14.80 13.12
C CYS L 43 -2.68 -14.89 14.29
N ARG L 44 -1.60 -14.10 14.22
CA ARG L 44 -0.58 -14.12 15.25
C ARG L 44 -0.42 -12.76 15.88
N ASP L 45 0.22 -12.68 17.04
CA ASP L 45 0.43 -11.40 17.71
C ASP L 45 1.41 -10.61 16.88
N MET L 46 1.19 -9.31 16.83
CA MET L 46 2.03 -8.42 16.06
C MET L 46 3.51 -8.81 16.01
N ILE L 47 4.22 -8.62 17.11
CA ILE L 47 5.65 -8.87 17.17
C ILE L 47 6.15 -10.20 17.72
N THR L 48 5.49 -10.78 18.71
CA THR L 48 5.96 -12.06 19.25
C THR L 48 5.49 -13.15 18.32
N ARG L 49 4.50 -12.82 17.50
CA ARG L 49 3.99 -13.78 16.53
C ARG L 49 3.25 -14.95 17.17
N ARG L 50 2.95 -14.84 18.46
CA ARG L 50 2.22 -15.89 19.16
C ARG L 50 0.87 -16.06 18.46
N SER L 51 0.40 -17.30 18.32
CA SER L 51 -0.87 -17.53 17.65
C SER L 51 -2.04 -16.98 18.45
N LEU L 52 -2.96 -16.31 17.77
CA LEU L 52 -4.13 -15.76 18.46
C LEU L 52 -5.21 -16.81 18.50
N GLY L 53 -4.80 -18.07 18.40
CA GLY L 53 -5.76 -19.15 18.45
C GLY L 53 -6.79 -19.27 17.35
N TYR L 54 -6.71 -18.49 16.29
CA TYR L 54 -7.70 -18.65 15.21
C TYR L 54 -7.19 -18.35 13.82
N ALA L 55 -7.98 -18.70 12.82
CA ALA L 55 -7.59 -18.49 11.43
C ALA L 55 -8.75 -18.31 10.49
N TYR L 56 -8.45 -17.69 9.35
CA TYR L 56 -9.44 -17.47 8.32
C TYR L 56 -9.04 -18.44 7.24
N VAL L 57 -10.04 -19.03 6.59
CA VAL L 57 -9.80 -19.98 5.52
C VAL L 57 -10.76 -19.52 4.45
N ASN L 58 -10.22 -19.10 3.31
CA ASN L 58 -11.08 -18.61 2.25
C ASN L 58 -11.03 -19.54 1.05
N PHE L 59 -12.18 -20.11 0.74
CA PHE L 59 -12.31 -21.01 -0.39
C PHE L 59 -12.64 -20.20 -1.63
N GLN L 60 -12.39 -20.78 -2.78
CA GLN L 60 -12.67 -20.09 -4.03
C GLN L 60 -14.16 -20.21 -4.28
N GLN L 61 -14.77 -21.22 -3.69
CA GLN L 61 -16.19 -21.49 -3.85
C GLN L 61 -16.94 -21.44 -2.50
N PRO L 62 -17.97 -20.59 -2.40
CA PRO L 62 -18.71 -20.52 -1.14
C PRO L 62 -19.34 -21.87 -0.85
N ALA L 63 -19.72 -22.56 -1.92
CA ALA L 63 -20.32 -23.89 -1.82
C ALA L 63 -19.39 -24.82 -1.03
N ASP L 64 -18.08 -24.67 -1.23
CA ASP L 64 -17.13 -25.49 -0.51
C ASP L 64 -16.91 -25.00 0.90
N ALA L 65 -16.85 -23.67 1.08
CA ALA L 65 -16.65 -23.10 2.40
C ALA L 65 -17.72 -23.67 3.33
N GLU L 66 -18.94 -23.71 2.84
CA GLU L 66 -20.06 -24.21 3.60
C GLU L 66 -19.94 -25.70 3.84
N ARG L 67 -19.45 -26.39 2.83
CA ARG L 67 -19.26 -27.83 2.88
C ARG L 67 -18.32 -28.22 4.01
N ALA L 68 -17.22 -27.47 4.13
CA ALA L 68 -16.24 -27.74 5.17
C ALA L 68 -16.82 -27.40 6.53
N LEU L 69 -17.76 -26.47 6.55
CA LEU L 69 -18.40 -26.03 7.79
C LEU L 69 -19.28 -27.11 8.40
N ASP L 70 -20.11 -27.74 7.58
CA ASP L 70 -21.03 -28.77 8.05
C ASP L 70 -20.43 -30.15 7.80
N THR L 71 -19.13 -30.30 8.05
CA THR L 71 -18.47 -31.58 7.80
C THR L 71 -17.10 -31.71 8.46
N MET L 72 -16.58 -30.60 8.98
CA MET L 72 -15.27 -30.63 9.61
C MET L 72 -15.25 -29.93 10.95
N ASN L 73 -16.38 -29.34 11.32
CA ASN L 73 -16.42 -28.64 12.58
C ASN L 73 -16.10 -29.62 13.70
N PHE L 74 -15.56 -29.08 14.79
CA PHE L 74 -15.22 -29.87 15.96
C PHE L 74 -14.17 -30.97 15.80
N ASP L 75 -13.93 -31.47 14.59
CA ASP L 75 -12.92 -32.50 14.53
C ASP L 75 -11.55 -31.88 14.75
N VAL L 76 -10.77 -32.58 15.57
CA VAL L 76 -9.45 -32.20 16.01
C VAL L 76 -8.34 -31.82 15.05
N ILE L 77 -7.33 -31.18 15.64
CA ILE L 77 -6.11 -30.73 14.99
C ILE L 77 -5.17 -30.55 16.18
N LYS L 78 -4.00 -31.15 16.12
CA LYS L 78 -3.04 -31.09 17.23
C LYS L 78 -3.69 -31.21 18.62
N GLY L 79 -4.60 -32.17 18.76
CA GLY L 79 -5.24 -32.39 20.05
C GLY L 79 -6.52 -31.63 20.34
N LYS L 80 -6.59 -30.38 19.92
CA LYS L 80 -7.78 -29.61 20.17
C LYS L 80 -8.72 -29.60 18.97
N PRO L 81 -10.03 -29.67 19.22
CA PRO L 81 -11.08 -29.66 18.20
C PRO L 81 -11.33 -28.22 17.73
N VAL L 82 -11.40 -28.02 16.42
CA VAL L 82 -11.60 -26.70 15.86
C VAL L 82 -13.04 -26.22 15.93
N ARG L 83 -13.23 -24.92 16.05
CA ARG L 83 -14.58 -24.37 16.09
C ARG L 83 -14.75 -23.50 14.85
N ILE L 84 -15.45 -24.02 13.87
CA ILE L 84 -15.65 -23.31 12.63
C ILE L 84 -16.97 -22.55 12.65
N MET L 85 -16.99 -21.44 11.94
CA MET L 85 -18.18 -20.61 11.79
C MET L 85 -17.89 -19.53 10.75
N TRP L 86 -18.85 -19.23 9.89
CA TRP L 86 -18.64 -18.18 8.88
C TRP L 86 -17.92 -16.99 9.47
N SER L 87 -17.14 -16.29 8.65
CA SER L 87 -16.40 -15.12 9.12
C SER L 87 -17.36 -13.98 9.42
N GLN L 88 -17.15 -13.33 10.56
CA GLN L 88 -17.95 -12.19 10.97
C GLN L 88 -17.16 -11.47 12.05
N ARG L 89 -16.44 -10.44 11.61
CA ARG L 89 -15.58 -9.69 12.49
C ARG L 89 -16.26 -8.67 13.42
N ASP L 90 -17.52 -8.32 13.17
CA ASP L 90 -18.23 -7.40 14.05
C ASP L 90 -18.68 -8.25 15.24
N PRO L 91 -18.04 -8.08 16.41
CA PRO L 91 -18.34 -8.83 17.63
C PRO L 91 -19.67 -8.47 18.30
N SER L 92 -20.38 -7.50 17.75
CA SER L 92 -21.66 -7.04 18.27
C SER L 92 -22.52 -8.17 18.83
N LEU L 93 -22.89 -9.10 17.96
CA LEU L 93 -23.73 -10.24 18.34
C LEU L 93 -23.11 -11.11 19.42
N ARG L 94 -21.81 -11.36 19.33
CA ARG L 94 -21.19 -12.18 20.35
C ARG L 94 -21.28 -11.43 21.67
N LYS L 95 -21.03 -10.12 21.64
CA LYS L 95 -21.08 -9.31 22.85
C LYS L 95 -22.50 -9.18 23.41
N SER L 96 -23.48 -9.31 22.52
CA SER L 96 -24.87 -9.26 22.96
C SER L 96 -25.45 -10.64 23.10
N GLY L 97 -24.65 -11.66 23.21
CA GLY L 97 -25.30 -12.95 23.38
C GLY L 97 -26.86 -13.07 23.17
N VAL L 98 -27.51 -12.43 22.18
CA VAL L 98 -28.98 -12.53 22.12
C VAL L 98 -29.55 -13.92 21.93
N GLY L 99 -29.00 -14.63 20.97
CA GLY L 99 -29.48 -15.97 20.73
C GLY L 99 -28.65 -16.97 21.49
N ASN L 100 -27.73 -16.47 22.31
CA ASN L 100 -26.85 -17.31 23.10
C ASN L 100 -27.54 -17.79 24.38
N ILE L 101 -27.41 -19.08 24.67
CA ILE L 101 -28.00 -19.67 25.87
C ILE L 101 -26.87 -20.30 26.67
N PHE L 102 -27.14 -20.69 27.91
CA PHE L 102 -26.09 -21.26 28.77
C PHE L 102 -26.50 -22.59 29.39
N ILE L 103 -25.68 -23.62 29.18
CA ILE L 103 -25.98 -24.93 29.73
C ILE L 103 -25.07 -25.23 30.91
N LYS L 104 -25.66 -25.70 32.01
CA LYS L 104 -24.89 -26.02 33.21
C LYS L 104 -25.08 -27.49 33.63
N ASN L 105 -24.00 -28.11 34.12
CA ASN L 105 -24.05 -29.49 34.59
C ASN L 105 -24.31 -30.50 33.47
N LEU L 106 -23.27 -30.76 32.68
CA LEU L 106 -23.38 -31.72 31.57
C LEU L 106 -22.77 -33.05 31.97
N ASP L 107 -23.12 -34.12 31.24
CA ASP L 107 -22.59 -35.45 31.54
C ASP L 107 -21.07 -35.51 31.65
N LYS L 108 -20.39 -34.44 31.25
CA LYS L 108 -18.93 -34.38 31.30
C LYS L 108 -18.37 -35.37 30.28
N SER L 109 -19.27 -36.21 29.78
CA SER L 109 -18.97 -37.22 28.77
C SER L 109 -19.52 -36.62 27.49
N ILE L 110 -20.02 -35.40 27.62
CA ILE L 110 -20.59 -34.67 26.49
C ILE L 110 -19.56 -33.71 25.96
N ASP L 111 -19.23 -33.87 24.69
CA ASP L 111 -18.26 -33.03 24.02
C ASP L 111 -19.03 -32.06 23.13
N ASN L 112 -18.29 -31.24 22.40
CA ASN L 112 -18.93 -30.28 21.52
C ASN L 112 -19.88 -30.92 20.53
N LYS L 113 -19.39 -31.89 19.77
CA LYS L 113 -20.21 -32.57 18.78
C LYS L 113 -21.53 -33.11 19.35
N ALA L 114 -21.52 -33.50 20.62
CA ALA L 114 -22.73 -34.01 21.26
C ALA L 114 -23.69 -32.85 21.53
N LEU L 115 -23.18 -31.82 22.20
CA LEU L 115 -23.96 -30.63 22.51
C LEU L 115 -24.60 -30.09 21.22
N TYR L 116 -23.81 -29.97 20.16
CA TYR L 116 -24.34 -29.48 18.90
C TYR L 116 -25.46 -30.40 18.47
N ASP L 117 -25.28 -31.70 18.68
CA ASP L 117 -26.31 -32.66 18.29
C ASP L 117 -27.59 -32.42 19.06
N THR L 118 -27.48 -32.41 20.37
CA THR L 118 -28.66 -32.20 21.20
C THR L 118 -29.36 -30.85 21.02
N PHE L 119 -28.65 -29.80 20.62
CA PHE L 119 -29.29 -28.49 20.48
C PHE L 119 -29.53 -27.96 19.08
N SER L 120 -28.94 -28.62 18.07
CA SER L 120 -29.10 -28.18 16.68
C SER L 120 -30.51 -28.36 16.17
N ALA L 121 -31.34 -29.02 16.97
CA ALA L 121 -32.73 -29.26 16.61
C ALA L 121 -33.58 -27.99 16.71
N PHE L 122 -33.26 -27.14 17.67
CA PHE L 122 -34.01 -25.92 17.87
C PHE L 122 -33.79 -24.84 16.81
N GLY L 123 -32.69 -24.92 16.09
CA GLY L 123 -32.43 -23.93 15.06
C GLY L 123 -31.00 -23.94 14.57
N ASN L 124 -30.60 -22.87 13.87
CA ASN L 124 -29.23 -22.77 13.36
C ASN L 124 -28.36 -22.22 14.43
N ILE L 125 -27.34 -22.97 14.83
CA ILE L 125 -26.47 -22.44 15.84
C ILE L 125 -25.27 -21.79 15.14
N LEU L 126 -24.95 -20.58 15.57
CA LEU L 126 -23.83 -19.84 15.03
C LEU L 126 -22.56 -20.47 15.57
N SER L 127 -22.53 -20.65 16.88
CA SER L 127 -21.37 -21.21 17.54
C SER L 127 -21.71 -21.87 18.87
N CYS L 128 -21.09 -23.00 19.18
CA CYS L 128 -21.35 -23.66 20.45
C CYS L 128 -20.05 -24.27 21.00
N LYS L 129 -19.87 -24.17 22.31
CA LYS L 129 -18.65 -24.68 22.93
C LYS L 129 -18.89 -25.13 24.36
N VAL L 130 -18.22 -26.22 24.71
CA VAL L 130 -18.27 -26.79 26.05
C VAL L 130 -16.96 -26.36 26.71
N VAL L 131 -17.02 -25.42 27.63
CA VAL L 131 -15.81 -24.94 28.31
C VAL L 131 -14.90 -26.09 28.73
N CYS L 132 -13.58 -25.88 28.61
CA CYS L 132 -12.60 -26.91 28.97
C CYS L 132 -11.29 -26.34 29.53
N SER L 137 -13.90 -31.73 31.24
CA SER L 137 -15.14 -31.26 30.57
C SER L 137 -15.77 -30.07 31.31
N LYS L 138 -15.05 -29.56 32.31
CA LYS L 138 -15.47 -28.40 33.12
C LYS L 138 -16.90 -28.37 33.66
N GLY L 139 -17.87 -28.94 32.92
CA GLY L 139 -19.24 -28.95 33.40
C GLY L 139 -20.30 -28.19 32.61
N TYR L 140 -19.91 -27.06 32.03
CA TYR L 140 -20.83 -26.22 31.27
C TYR L 140 -20.41 -25.98 29.83
N GLY L 141 -21.28 -25.29 29.11
CA GLY L 141 -21.03 -24.97 27.72
C GLY L 141 -22.06 -23.95 27.26
N PHE L 142 -21.94 -23.46 26.03
CA PHE L 142 -22.88 -22.48 25.53
C PHE L 142 -23.25 -22.82 24.10
N VAL L 143 -24.35 -22.20 23.64
CA VAL L 143 -24.77 -22.37 22.27
C VAL L 143 -25.54 -21.15 21.80
N HIS L 144 -24.90 -20.45 20.87
CA HIS L 144 -25.42 -19.23 20.26
C HIS L 144 -26.19 -19.55 18.99
N PHE L 145 -27.50 -19.28 19.03
CA PHE L 145 -28.38 -19.50 17.92
C PHE L 145 -28.48 -18.23 17.11
N GLU L 146 -28.69 -18.40 15.82
CA GLU L 146 -28.84 -17.29 14.90
C GLU L 146 -30.13 -16.55 15.27
N THR L 147 -31.09 -17.30 15.80
CA THR L 147 -32.39 -16.79 16.20
C THR L 147 -32.60 -16.87 17.70
N GLN L 148 -33.31 -15.89 18.26
CA GLN L 148 -33.58 -15.93 19.70
C GLN L 148 -34.85 -16.72 19.93
N GLU L 149 -35.74 -16.67 18.97
CA GLU L 149 -36.97 -17.44 19.04
C GLU L 149 -36.55 -18.89 19.25
N ALA L 150 -35.43 -19.26 18.65
CA ALA L 150 -34.89 -20.61 18.75
C ALA L 150 -34.19 -20.81 20.07
N ALA L 151 -33.43 -19.81 20.49
CA ALA L 151 -32.72 -19.91 21.77
C ALA L 151 -33.75 -20.09 22.86
N GLU L 152 -34.80 -19.27 22.83
CA GLU L 152 -35.85 -19.35 23.82
C GLU L 152 -36.53 -20.72 23.73
N ARG L 153 -36.61 -21.27 22.53
CA ARG L 153 -37.22 -22.59 22.37
C ARG L 153 -36.28 -23.71 22.85
N ALA L 154 -34.98 -23.43 22.86
CA ALA L 154 -33.99 -24.42 23.31
C ALA L 154 -34.16 -24.55 24.82
N ILE L 155 -34.26 -23.41 25.49
CA ILE L 155 -34.47 -23.37 26.91
C ILE L 155 -35.88 -23.93 27.03
N GLU L 156 -36.50 -23.77 28.18
CA GLU L 156 -37.87 -24.24 28.37
C GLU L 156 -37.96 -25.75 28.11
N LYS L 157 -37.69 -26.16 26.87
CA LYS L 157 -37.75 -27.56 26.49
C LYS L 157 -36.53 -28.36 26.94
N MET L 158 -35.40 -27.69 27.16
CA MET L 158 -34.19 -28.40 27.57
C MET L 158 -33.83 -28.20 29.03
N ASN L 159 -34.31 -27.10 29.61
CA ASN L 159 -34.02 -26.80 31.01
C ASN L 159 -34.72 -27.79 31.92
N GLY L 160 -33.93 -28.67 32.52
CA GLY L 160 -34.49 -29.64 33.43
C GLY L 160 -34.66 -31.06 32.90
N MET L 161 -34.28 -31.31 31.65
CA MET L 161 -34.42 -32.66 31.13
C MET L 161 -33.13 -33.44 31.33
N LEU L 162 -33.25 -34.77 31.45
CA LEU L 162 -32.09 -35.62 31.68
C LEU L 162 -31.21 -35.83 30.47
N LEU L 163 -30.03 -35.21 30.50
CA LEU L 163 -29.06 -35.33 29.42
C LEU L 163 -27.88 -36.17 29.90
N ASN L 164 -28.09 -37.50 29.86
CA ASN L 164 -27.11 -38.50 30.27
C ASN L 164 -27.05 -38.64 31.79
N ASP L 165 -28.18 -38.99 32.39
CA ASP L 165 -28.26 -39.16 33.84
C ASP L 165 -28.01 -37.85 34.58
N ARG L 166 -27.84 -36.76 33.83
CA ARG L 166 -27.61 -35.45 34.42
C ARG L 166 -28.67 -34.43 34.07
N LYS L 167 -29.13 -33.70 35.09
CA LYS L 167 -30.13 -32.66 34.92
C LYS L 167 -29.36 -31.40 34.53
N VAL L 168 -29.55 -30.96 33.30
CA VAL L 168 -28.84 -29.80 32.80
C VAL L 168 -29.67 -28.52 32.90
N PHE L 169 -29.01 -27.45 33.34
CA PHE L 169 -29.66 -26.16 33.43
C PHE L 169 -29.48 -25.47 32.09
N VAL L 170 -30.51 -24.75 31.66
CA VAL L 170 -30.47 -24.03 30.41
C VAL L 170 -31.17 -22.70 30.63
N GLY L 171 -30.44 -21.61 30.48
CA GLY L 171 -31.04 -20.30 30.66
C GLY L 171 -30.48 -19.34 29.63
N ARG L 172 -30.85 -18.08 29.73
CA ARG L 172 -30.34 -17.08 28.80
C ARG L 172 -28.83 -17.00 29.04
N PHE L 173 -28.12 -16.19 28.25
CA PHE L 173 -26.67 -16.13 28.39
C PHE L 173 -26.03 -15.45 29.62
N LYS L 174 -26.20 -14.14 29.78
CA LYS L 174 -25.61 -13.43 30.93
C LYS L 174 -24.08 -13.34 30.94
N SER L 175 -23.57 -12.12 30.75
CA SER L 175 -22.13 -11.84 30.74
C SER L 175 -21.64 -11.49 32.14
N ALA M 11 15.32 18.09 0.93
CA ALA M 11 15.23 18.38 -0.53
C ALA M 11 13.79 18.59 -1.01
N SER M 12 12.88 18.82 -0.07
CA SER M 12 11.47 19.07 -0.41
C SER M 12 11.07 20.52 -0.25
N LEU M 13 10.60 21.11 -1.33
CA LEU M 13 10.17 22.49 -1.31
C LEU M 13 8.70 22.59 -1.49
N TYR M 14 8.13 23.55 -0.79
CA TYR M 14 6.72 23.84 -0.92
C TYR M 14 6.78 25.07 -1.77
N VAL M 15 5.96 25.11 -2.80
CA VAL M 15 5.90 26.25 -3.70
C VAL M 15 4.42 26.58 -3.82
N GLY M 16 4.04 27.73 -3.26
CA GLY M 16 2.64 28.14 -3.31
C GLY M 16 2.37 29.46 -4.00
N ASP M 17 1.17 29.98 -3.76
CA ASP M 17 0.71 31.22 -4.36
C ASP M 17 0.70 31.01 -5.86
N LEU M 18 0.21 29.82 -6.24
CA LEU M 18 0.11 29.37 -7.62
C LEU M 18 -1.24 29.69 -8.26
N HIS M 19 -1.22 29.96 -9.55
CA HIS M 19 -2.43 30.26 -10.31
C HIS M 19 -3.18 28.93 -10.46
N PRO M 20 -4.52 28.95 -10.41
CA PRO M 20 -5.25 27.68 -10.54
C PRO M 20 -4.96 26.88 -11.80
N ASP M 21 -4.25 27.47 -12.75
CA ASP M 21 -3.93 26.79 -14.00
C ASP M 21 -2.47 26.36 -14.16
N VAL M 22 -1.65 26.57 -13.14
CA VAL M 22 -0.25 26.19 -13.22
C VAL M 22 -0.17 24.67 -13.08
N THR M 23 0.49 24.02 -14.03
CA THR M 23 0.63 22.58 -14.00
C THR M 23 1.96 22.11 -13.48
N GLU M 24 2.09 20.80 -13.36
CA GLU M 24 3.33 20.19 -12.88
C GLU M 24 4.38 20.34 -13.99
N ALA M 25 3.92 20.33 -15.23
CA ALA M 25 4.80 20.49 -16.39
C ALA M 25 5.46 21.86 -16.28
N MET M 26 4.62 22.88 -16.22
CA MET M 26 5.10 24.25 -16.10
C MET M 26 6.10 24.38 -14.97
N LEU M 27 5.80 23.71 -13.85
CA LEU M 27 6.69 23.72 -12.69
C LEU M 27 7.99 23.01 -13.00
N TYR M 28 7.91 21.92 -13.75
CA TYR M 28 9.11 21.18 -14.12
C TYR M 28 10.06 22.12 -14.87
N GLU M 29 9.60 22.65 -15.99
CA GLU M 29 10.43 23.56 -16.79
C GLU M 29 11.09 24.65 -15.96
N LYS M 30 10.33 25.17 -15.01
CA LYS M 30 10.81 26.23 -14.13
C LYS M 30 11.95 25.77 -13.25
N PHE M 31 11.67 24.75 -12.45
CA PHE M 31 12.66 24.23 -11.52
C PHE M 31 13.68 23.30 -12.12
N SER M 32 13.32 22.68 -13.24
CA SER M 32 14.20 21.76 -13.93
C SER M 32 15.63 22.27 -14.01
N PRO M 33 15.81 23.54 -14.40
CA PRO M 33 17.16 24.13 -14.51
C PRO M 33 17.99 24.11 -13.23
N ALA M 34 17.33 23.99 -12.09
CA ALA M 34 18.07 23.98 -10.82
C ALA M 34 18.86 22.68 -10.61
N GLY M 35 18.35 21.58 -11.15
CA GLY M 35 19.03 20.31 -10.96
C GLY M 35 18.04 19.19 -11.19
N PRO M 36 18.51 17.94 -11.30
CA PRO M 36 17.61 16.80 -11.53
C PRO M 36 16.50 16.68 -10.50
N ILE M 37 15.31 16.45 -11.03
CA ILE M 37 14.11 16.35 -10.24
C ILE M 37 13.70 14.94 -9.85
N LEU M 38 13.38 14.77 -8.58
CA LEU M 38 12.93 13.49 -8.09
C LEU M 38 11.45 13.44 -8.37
N SER M 39 10.73 14.51 -8.05
CA SER M 39 9.30 14.54 -8.32
C SER M 39 8.58 15.88 -8.05
N ILE M 40 7.55 16.12 -8.87
CA ILE M 40 6.75 17.32 -8.79
C ILE M 40 5.29 16.92 -8.65
N ARG M 41 4.63 17.42 -7.61
CA ARG M 41 3.21 17.15 -7.43
C ARG M 41 2.47 18.45 -7.11
N VAL M 42 1.38 18.67 -7.84
CA VAL M 42 0.54 19.84 -7.66
C VAL M 42 -0.68 19.33 -6.89
N CYS M 43 -0.88 19.86 -5.69
CA CYS M 43 -1.99 19.43 -4.87
C CYS M 43 -3.31 19.97 -5.34
N ARG M 44 -4.25 19.06 -5.61
CA ARG M 44 -5.55 19.42 -6.13
C ARG M 44 -6.68 18.89 -5.25
N ASP M 45 -7.90 19.34 -5.51
CA ASP M 45 -9.04 18.90 -4.73
C ASP M 45 -9.47 17.48 -5.13
N MET M 46 -9.51 16.59 -4.14
CA MET M 46 -9.87 15.18 -4.31
C MET M 46 -10.62 14.78 -5.57
N ILE M 47 -11.85 15.24 -5.71
CA ILE M 47 -12.65 14.90 -6.87
C ILE M 47 -12.83 15.99 -7.91
N THR M 48 -13.06 17.23 -7.50
CA THR M 48 -13.25 18.27 -8.50
C THR M 48 -11.94 18.57 -9.23
N ARG M 49 -10.83 18.14 -8.63
CA ARG M 49 -9.50 18.31 -9.21
C ARG M 49 -9.01 19.75 -9.25
N ARG M 50 -9.84 20.66 -8.74
CA ARG M 50 -9.50 22.07 -8.66
C ARG M 50 -8.16 22.15 -7.92
N SER M 51 -7.24 22.98 -8.39
CA SER M 51 -5.95 23.08 -7.74
C SER M 51 -6.13 23.60 -6.31
N LEU M 52 -5.22 23.27 -5.42
CA LEU M 52 -5.32 23.73 -4.05
C LEU M 52 -4.42 24.95 -3.93
N GLY M 53 -3.79 25.30 -5.05
CA GLY M 53 -2.92 26.46 -5.05
C GLY M 53 -1.45 26.30 -4.69
N TYR M 54 -0.99 25.08 -4.49
CA TYR M 54 0.40 24.87 -4.15
C TYR M 54 0.87 23.50 -4.65
N ALA M 55 2.17 23.29 -4.61
CA ALA M 55 2.72 22.04 -5.08
C ALA M 55 3.98 21.65 -4.33
N TYR M 56 4.32 20.38 -4.42
CA TYR M 56 5.56 19.93 -3.80
C TYR M 56 6.56 19.68 -4.93
N VAL M 57 7.78 20.11 -4.73
CA VAL M 57 8.83 19.95 -5.72
C VAL M 57 10.02 19.39 -4.99
N ASN M 58 10.27 18.09 -5.13
CA ASN M 58 11.41 17.52 -4.44
C ASN M 58 12.53 17.31 -5.43
N PHE M 59 13.72 17.74 -5.06
CA PHE M 59 14.85 17.56 -5.95
C PHE M 59 15.62 16.34 -5.54
N GLN M 60 16.53 15.92 -6.40
CA GLN M 60 17.33 14.76 -6.11
C GLN M 60 18.35 15.14 -5.07
N GLN M 61 18.96 16.30 -5.26
CA GLN M 61 19.96 16.76 -4.33
C GLN M 61 19.39 17.91 -3.50
N PRO M 62 19.53 17.83 -2.17
CA PRO M 62 19.00 18.92 -1.34
C PRO M 62 19.65 20.23 -1.75
N ALA M 63 20.94 20.15 -2.09
CA ALA M 63 21.70 21.32 -2.51
C ALA M 63 21.11 21.98 -3.77
N ASP M 64 20.45 21.20 -4.62
CA ASP M 64 19.84 21.76 -5.81
C ASP M 64 18.55 22.45 -5.39
N ALA M 65 17.84 21.82 -4.46
CA ALA M 65 16.59 22.37 -3.97
C ALA M 65 16.90 23.71 -3.31
N GLU M 66 18.08 23.77 -2.72
CA GLU M 66 18.51 24.97 -2.04
C GLU M 66 18.81 26.09 -3.03
N ARG M 67 19.36 25.75 -4.19
CA ARG M 67 19.64 26.78 -5.19
C ARG M 67 18.32 27.26 -5.78
N ALA M 68 17.34 26.37 -5.87
CA ALA M 68 16.06 26.76 -6.43
C ALA M 68 15.38 27.78 -5.50
N LEU M 69 15.52 27.54 -4.20
CA LEU M 69 14.93 28.42 -3.19
C LEU M 69 15.58 29.81 -3.20
N ASP M 70 16.89 29.84 -3.44
CA ASP M 70 17.67 31.08 -3.46
C ASP M 70 17.90 31.60 -4.89
N THR M 71 17.03 31.21 -5.80
CA THR M 71 17.17 31.63 -7.19
C THR M 71 15.84 31.92 -7.83
N MET M 72 14.94 30.95 -7.78
CA MET M 72 13.65 31.08 -8.43
C MET M 72 12.47 31.43 -7.53
N ASN M 73 12.76 32.00 -6.37
CA ASN M 73 11.68 32.34 -5.45
C ASN M 73 11.03 33.66 -5.85
N PHE M 74 9.71 33.74 -5.71
CA PHE M 74 8.95 34.95 -6.01
C PHE M 74 8.70 35.27 -7.46
N ASP M 75 9.58 34.85 -8.36
CA ASP M 75 9.34 35.19 -9.75
C ASP M 75 8.09 34.53 -10.32
N VAL M 76 7.42 35.31 -11.16
CA VAL M 76 6.17 34.97 -11.82
C VAL M 76 6.04 33.64 -12.58
N ILE M 77 4.80 33.15 -12.59
CA ILE M 77 4.41 31.94 -13.31
C ILE M 77 2.94 32.19 -13.59
N LYS M 78 2.63 32.50 -14.85
CA LYS M 78 1.28 32.82 -15.28
C LYS M 78 0.82 34.14 -14.63
N GLY M 79 1.70 35.12 -14.57
CA GLY M 79 1.35 36.40 -14.00
C GLY M 79 1.37 36.44 -12.48
N LYS M 80 1.72 35.32 -11.85
CA LYS M 80 1.76 35.23 -10.38
C LYS M 80 3.12 34.86 -9.81
N PRO M 81 3.53 35.53 -8.71
CA PRO M 81 4.81 35.27 -8.04
C PRO M 81 4.64 33.97 -7.25
N VAL M 82 5.70 33.19 -7.13
CA VAL M 82 5.57 31.95 -6.38
C VAL M 82 6.26 32.18 -5.06
N ARG M 83 5.69 31.59 -4.03
CA ARG M 83 6.25 31.70 -2.69
C ARG M 83 6.80 30.32 -2.40
N ILE M 84 8.13 30.22 -2.36
CA ILE M 84 8.75 28.95 -2.12
C ILE M 84 9.14 28.83 -0.66
N MET M 85 8.93 27.66 -0.10
CA MET M 85 9.31 27.42 1.28
C MET M 85 9.78 26.00 1.36
N TRP M 86 10.67 25.74 2.31
CA TRP M 86 11.08 24.38 2.54
C TRP M 86 9.76 23.76 2.98
N SER M 87 9.58 22.48 2.70
CA SER M 87 8.33 21.85 3.07
C SER M 87 8.19 21.77 4.59
N GLN M 88 6.97 21.97 5.08
CA GLN M 88 6.68 21.86 6.51
C GLN M 88 5.16 21.77 6.66
N ARG M 89 4.68 20.54 6.69
CA ARG M 89 3.25 20.28 6.76
C ARG M 89 2.59 20.54 8.11
N ASP M 90 3.40 20.71 9.14
CA ASP M 90 2.83 21.02 10.44
C ASP M 90 2.67 22.54 10.44
N PRO M 91 1.42 23.01 10.44
CA PRO M 91 0.97 24.40 10.44
C PRO M 91 1.01 25.13 11.79
N SER M 92 1.44 24.46 12.86
CA SER M 92 1.47 25.10 14.17
C SER M 92 2.06 26.50 14.09
N LEU M 93 3.30 26.62 13.61
CA LEU M 93 3.96 27.91 13.52
C LEU M 93 3.19 28.92 12.66
N ARG M 94 2.64 28.47 11.56
CA ARG M 94 1.90 29.40 10.73
C ARG M 94 0.72 29.89 11.56
N LYS M 95 0.12 28.99 12.33
CA LYS M 95 -1.04 29.39 13.15
C LYS M 95 -0.55 30.19 14.36
N SER M 96 0.53 29.73 14.98
CA SER M 96 1.11 30.43 16.13
C SER M 96 1.80 31.69 15.69
N GLY M 97 1.49 32.18 14.54
CA GLY M 97 2.17 33.41 14.18
C GLY M 97 3.28 34.05 15.05
N VAL M 98 4.25 33.33 15.63
CA VAL M 98 5.19 34.02 16.54
C VAL M 98 6.11 35.05 15.94
N GLY M 99 7.09 34.60 15.19
CA GLY M 99 8.01 35.54 14.60
C GLY M 99 7.48 36.12 13.31
N ASN M 100 6.16 36.19 13.19
CA ASN M 100 5.52 36.72 12.00
C ASN M 100 5.10 38.20 12.16
N ILE M 101 5.55 39.07 11.25
CA ILE M 101 5.18 40.48 11.34
C ILE M 101 4.34 40.99 10.17
N PHE M 102 3.75 42.17 10.40
CA PHE M 102 2.89 42.84 9.43
C PHE M 102 3.53 44.15 8.93
N ILE M 103 3.29 44.49 7.67
CA ILE M 103 3.86 45.71 7.13
C ILE M 103 2.74 46.45 6.45
N LYS M 104 2.66 47.76 6.69
CA LYS M 104 1.62 48.58 6.09
C LYS M 104 2.15 49.75 5.29
N ASN M 105 1.39 50.13 4.27
CA ASN M 105 1.75 51.26 3.42
C ASN M 105 3.07 50.98 2.69
N LEU M 106 3.08 49.91 1.91
CA LEU M 106 4.26 49.54 1.13
C LEU M 106 4.20 50.25 -0.19
N ASP M 107 5.27 50.99 -0.49
CA ASP M 107 5.42 51.77 -1.71
C ASP M 107 4.54 51.44 -2.91
N LYS M 108 4.64 50.22 -3.43
CA LYS M 108 3.89 49.78 -4.62
C LYS M 108 4.93 49.18 -5.57
N SER M 109 6.11 49.80 -5.53
CA SER M 109 7.24 49.35 -6.31
C SER M 109 7.89 48.27 -5.46
N ILE M 110 7.23 47.89 -4.37
CA ILE M 110 7.77 46.88 -3.49
C ILE M 110 7.07 45.55 -3.70
N ASP M 111 7.89 44.56 -4.04
CA ASP M 111 7.44 43.20 -4.29
C ASP M 111 8.15 42.29 -3.30
N ASN M 112 7.75 41.02 -3.31
CA ASN M 112 8.34 40.04 -2.41
C ASN M 112 9.85 40.02 -2.45
N LYS M 113 10.43 40.12 -3.63
CA LYS M 113 11.88 40.10 -3.71
C LYS M 113 12.38 41.28 -2.90
N ALA M 114 11.76 42.44 -3.12
CA ALA M 114 12.13 43.65 -2.40
C ALA M 114 11.95 43.43 -0.89
N LEU M 115 10.71 43.16 -0.49
CA LEU M 115 10.39 42.92 0.91
C LEU M 115 11.32 41.90 1.54
N TYR M 116 11.56 40.78 0.86
CA TYR M 116 12.44 39.77 1.41
C TYR M 116 13.87 40.29 1.62
N ASP M 117 14.36 41.08 0.67
CA ASP M 117 15.72 41.62 0.76
C ASP M 117 15.91 42.58 1.89
N THR M 118 14.98 43.50 2.03
CA THR M 118 15.07 44.46 3.08
C THR M 118 15.03 43.78 4.45
N PHE M 119 14.05 42.89 4.67
CA PHE M 119 13.95 42.21 5.94
C PHE M 119 14.85 41.02 6.23
N SER M 120 15.36 40.37 5.18
CA SER M 120 16.23 39.21 5.35
C SER M 120 17.42 39.54 6.22
N ALA M 121 17.56 40.81 6.57
CA ALA M 121 18.66 41.28 7.39
C ALA M 121 18.54 41.07 8.92
N PHE M 122 17.34 40.91 9.43
CA PHE M 122 17.14 40.70 10.86
C PHE M 122 17.15 39.24 11.27
N GLY M 123 16.86 38.36 10.32
CA GLY M 123 16.85 36.95 10.62
C GLY M 123 16.59 36.16 9.37
N ASN M 124 16.42 34.86 9.52
CA ASN M 124 16.13 34.00 8.39
C ASN M 124 14.63 33.97 8.33
N ILE M 125 14.07 34.46 7.24
CA ILE M 125 12.65 34.47 7.12
C ILE M 125 12.12 33.14 6.55
N LEU M 126 11.04 32.64 7.15
CA LEU M 126 10.42 31.39 6.73
C LEU M 126 9.46 31.63 5.59
N SER M 127 8.90 32.83 5.52
CA SER M 127 7.96 33.18 4.48
C SER M 127 7.52 34.64 4.53
N CYS M 128 7.48 35.28 3.37
CA CYS M 128 7.05 36.66 3.27
C CYS M 128 6.30 36.89 1.97
N LYS M 129 5.10 37.44 2.11
CA LYS M 129 4.26 37.73 0.96
C LYS M 129 3.99 39.22 0.95
N VAL M 130 3.56 39.71 -0.22
CA VAL M 130 3.16 41.09 -0.41
C VAL M 130 1.83 40.86 -1.11
N VAL M 131 0.75 40.87 -0.36
CA VAL M 131 -0.58 40.65 -0.92
C VAL M 131 -0.74 41.58 -2.14
N CYS M 132 -1.31 41.05 -3.21
CA CYS M 132 -1.52 41.79 -4.44
C CYS M 132 -2.88 41.43 -5.00
N ASP M 133 -3.30 42.10 -6.07
CA ASP M 133 -4.61 41.81 -6.65
C ASP M 133 -4.70 42.36 -8.06
N GLU M 134 -5.90 42.22 -8.65
CA GLU M 134 -6.18 42.68 -10.02
C GLU M 134 -5.00 43.45 -10.59
N ASN M 135 -4.86 44.70 -10.16
CA ASN M 135 -3.76 45.56 -10.60
C ASN M 135 -3.28 46.38 -9.40
N GLY M 136 -2.71 45.70 -8.40
CA GLY M 136 -2.24 46.42 -7.23
C GLY M 136 -1.37 45.69 -6.22
N SER M 137 -0.39 46.42 -5.71
CA SER M 137 0.53 45.90 -4.71
C SER M 137 -0.19 45.81 -3.37
N LYS M 138 -1.49 46.12 -3.38
CA LYS M 138 -2.32 46.09 -2.18
C LYS M 138 -1.88 46.97 -1.03
N GLY M 139 -0.57 47.20 -0.91
CA GLY M 139 -0.07 48.05 0.16
C GLY M 139 0.55 47.36 1.36
N TYR M 140 -0.07 46.29 1.86
CA TYR M 140 0.46 45.57 3.02
C TYR M 140 1.06 44.20 2.66
N GLY M 141 1.65 43.57 3.67
CA GLY M 141 2.25 42.26 3.49
C GLY M 141 2.83 41.75 4.81
N PHE M 142 3.30 40.51 4.80
CA PHE M 142 3.86 39.90 6.01
C PHE M 142 5.21 39.25 5.79
N VAL M 143 5.95 39.07 6.87
CA VAL M 143 7.22 38.38 6.76
C VAL M 143 7.38 37.66 8.06
N HIS M 144 7.44 36.33 7.96
CA HIS M 144 7.56 35.43 9.10
C HIS M 144 9.00 35.03 9.33
N PHE M 145 9.56 35.44 10.46
CA PHE M 145 10.93 35.11 10.82
C PHE M 145 10.99 33.76 11.57
N GLU M 146 12.14 33.10 11.48
CA GLU M 146 12.35 31.80 12.13
C GLU M 146 12.40 31.94 13.66
N THR M 147 12.75 33.13 14.12
CA THR M 147 12.89 33.44 15.54
C THR M 147 12.05 34.65 15.92
N GLN M 148 11.31 34.57 17.01
CA GLN M 148 10.50 35.71 17.41
C GLN M 148 11.43 36.84 17.91
N GLU M 149 12.59 36.48 18.41
CA GLU M 149 13.53 37.49 18.89
C GLU M 149 13.83 38.42 17.71
N ALA M 150 14.03 37.82 16.54
CA ALA M 150 14.33 38.57 15.33
C ALA M 150 13.15 39.38 14.78
N ALA M 151 11.93 38.94 15.03
CA ALA M 151 10.77 39.70 14.57
C ALA M 151 10.72 41.03 15.31
N GLU M 152 10.96 40.98 16.62
CA GLU M 152 10.94 42.19 17.44
C GLU M 152 11.98 43.20 16.95
N ARG M 153 13.20 42.73 16.71
CA ARG M 153 14.28 43.60 16.23
C ARG M 153 13.95 44.16 14.84
N ALA M 154 13.24 43.38 14.02
CA ALA M 154 12.86 43.83 12.69
C ALA M 154 11.90 44.97 12.88
N ILE M 155 10.95 44.78 13.79
CA ILE M 155 10.02 45.84 14.12
C ILE M 155 10.96 46.75 14.90
N GLU M 156 10.46 47.75 15.59
CA GLU M 156 11.37 48.62 16.34
C GLU M 156 12.27 49.39 15.38
N LYS M 157 13.07 48.69 14.58
CA LYS M 157 13.94 49.39 13.65
C LYS M 157 13.28 49.81 12.34
N MET M 158 12.31 49.04 11.87
CA MET M 158 11.66 49.37 10.62
C MET M 158 10.33 50.10 10.80
N ASN M 159 9.67 49.89 11.93
CA ASN M 159 8.40 50.58 12.15
C ASN M 159 8.61 52.08 12.13
N GLY M 160 7.83 52.75 11.27
CA GLY M 160 7.93 54.19 11.18
C GLY M 160 8.92 54.78 10.19
N MET M 161 9.94 54.05 9.75
CA MET M 161 10.86 54.70 8.82
C MET M 161 10.50 54.54 7.34
N LEU M 162 11.37 55.08 6.49
CA LEU M 162 11.15 55.09 5.03
C LEU M 162 11.51 53.85 4.24
N LEU M 163 10.59 53.46 3.36
CA LEU M 163 10.74 52.30 2.51
C LEU M 163 10.28 52.75 1.12
N ASN M 164 11.24 53.14 0.28
CA ASN M 164 10.95 53.65 -1.06
C ASN M 164 10.18 54.97 -0.93
N ASP M 165 10.81 55.93 -0.24
CA ASP M 165 10.22 57.25 -0.01
C ASP M 165 8.77 57.13 0.44
N ARG M 166 8.55 56.31 1.46
CA ARG M 166 7.22 56.10 2.01
C ARG M 166 7.36 55.43 3.37
N LYS M 167 6.89 56.12 4.41
CA LYS M 167 6.95 55.66 5.80
C LYS M 167 6.06 54.44 6.02
N VAL M 168 6.60 53.40 6.66
CA VAL M 168 5.83 52.17 6.90
C VAL M 168 5.48 51.84 8.34
N PHE M 169 4.42 51.06 8.51
CA PHE M 169 4.01 50.59 9.82
C PHE M 169 4.44 49.13 9.86
N VAL M 170 5.11 48.73 10.93
CA VAL M 170 5.54 47.36 11.08
C VAL M 170 5.25 46.93 12.51
N GLY M 171 4.74 45.70 12.69
CA GLY M 171 4.42 45.19 14.02
C GLY M 171 4.01 43.74 14.01
N ARG M 172 3.75 43.18 15.19
CA ARG M 172 3.32 41.78 15.29
C ARG M 172 2.17 41.50 14.33
N PHE M 173 2.09 40.28 13.82
CA PHE M 173 1.02 39.93 12.90
C PHE M 173 -0.43 40.11 13.40
N LYS M 174 -0.85 39.46 14.47
CA LYS M 174 -2.25 39.63 14.90
C LYS M 174 -3.24 39.11 13.85
N SER M 175 -3.82 37.93 14.09
CA SER M 175 -4.77 37.36 13.15
C SER M 175 -6.02 38.22 13.00
N ARG M 176 -6.96 37.73 12.22
CA ARG M 176 -8.21 38.44 11.97
C ARG M 176 -9.09 38.35 13.19
N LYS M 177 -9.26 37.14 13.73
CA LYS M 177 -10.09 36.96 14.91
C LYS M 177 -9.67 37.97 15.98
N GLU M 178 -8.39 37.99 16.33
CA GLU M 178 -7.89 38.92 17.36
C GLU M 178 -8.51 40.32 17.23
N ALA N 11 -11.69 -15.27 -16.51
CA ALA N 11 -11.02 -15.08 -17.83
C ALA N 11 -9.49 -15.00 -17.72
N SER N 12 -8.90 -15.86 -16.89
CA SER N 12 -7.45 -15.92 -16.72
C SER N 12 -6.90 -17.28 -17.17
N LEU N 13 -5.83 -17.26 -17.95
CA LEU N 13 -5.27 -18.49 -18.44
C LEU N 13 -3.87 -18.75 -17.99
N TYR N 14 -3.62 -20.03 -17.73
CA TYR N 14 -2.31 -20.50 -17.34
C TYR N 14 -1.78 -21.03 -18.65
N VAL N 15 -0.54 -20.71 -18.97
CA VAL N 15 0.05 -21.21 -20.20
C VAL N 15 1.46 -21.68 -19.84
N GLY N 16 1.56 -23.00 -19.66
CA GLY N 16 2.83 -23.61 -19.29
C GLY N 16 3.58 -24.27 -20.42
N ASP N 17 4.69 -24.92 -20.08
CA ASP N 17 5.57 -25.61 -21.03
C ASP N 17 6.19 -24.59 -21.99
N LEU N 18 6.63 -23.49 -21.40
CA LEU N 18 7.24 -22.40 -22.14
C LEU N 18 8.76 -22.49 -22.14
N HIS N 19 9.33 -22.30 -23.31
CA HIS N 19 10.77 -22.31 -23.46
C HIS N 19 11.31 -21.30 -22.43
N PRO N 20 12.54 -21.48 -21.95
CA PRO N 20 13.09 -20.54 -20.96
C PRO N 20 13.40 -19.14 -21.47
N ASP N 21 13.12 -18.88 -22.74
CA ASP N 21 13.42 -17.57 -23.29
C ASP N 21 12.21 -16.85 -23.86
N VAL N 22 11.01 -17.35 -23.58
CA VAL N 22 9.80 -16.71 -24.09
C VAL N 22 9.50 -15.43 -23.31
N THR N 23 9.15 -14.37 -24.02
CA THR N 23 8.83 -13.11 -23.37
C THR N 23 7.34 -12.85 -23.35
N GLU N 24 6.92 -11.90 -22.53
CA GLU N 24 5.51 -11.59 -22.48
C GLU N 24 5.21 -10.96 -23.82
N ALA N 25 6.23 -10.31 -24.37
CA ALA N 25 6.11 -9.65 -25.68
C ALA N 25 5.69 -10.72 -26.71
N MET N 26 6.41 -11.83 -26.72
CA MET N 26 6.13 -12.94 -27.62
C MET N 26 4.77 -13.55 -27.31
N LEU N 27 4.46 -13.66 -26.02
CA LEU N 27 3.18 -14.20 -25.60
C LEU N 27 2.07 -13.28 -26.04
N TYR N 28 2.31 -11.98 -25.95
CA TYR N 28 1.31 -11.00 -26.34
C TYR N 28 0.97 -11.19 -27.80
N GLU N 29 1.99 -11.28 -28.65
CA GLU N 29 1.74 -11.48 -30.07
C GLU N 29 1.00 -12.78 -30.34
N LYS N 30 1.20 -13.78 -29.49
CA LYS N 30 0.52 -15.05 -29.68
C LYS N 30 -0.97 -14.95 -29.37
N PHE N 31 -1.30 -14.45 -28.19
CA PHE N 31 -2.70 -14.33 -27.75
C PHE N 31 -3.42 -13.04 -28.11
N SER N 32 -2.66 -12.01 -28.49
CA SER N 32 -3.23 -10.73 -28.88
C SER N 32 -4.38 -10.84 -29.88
N PRO N 33 -4.27 -11.77 -30.84
CA PRO N 33 -5.30 -11.98 -31.87
C PRO N 33 -6.67 -12.40 -31.33
N ALA N 34 -6.69 -13.21 -30.27
CA ALA N 34 -7.95 -13.69 -29.70
C ALA N 34 -8.85 -12.61 -29.07
N GLY N 35 -8.31 -11.42 -28.81
CA GLY N 35 -9.13 -10.37 -28.23
C GLY N 35 -8.38 -9.40 -27.33
N PRO N 36 -8.98 -8.24 -27.00
CA PRO N 36 -8.30 -7.29 -26.13
C PRO N 36 -7.80 -7.96 -24.85
N ILE N 37 -6.52 -7.76 -24.58
CA ILE N 37 -5.83 -8.33 -23.43
C ILE N 37 -5.71 -7.39 -22.24
N LEU N 38 -5.93 -7.94 -21.06
CA LEU N 38 -5.86 -7.16 -19.82
C LEU N 38 -4.40 -7.04 -19.45
N SER N 39 -3.77 -8.20 -19.29
CA SER N 39 -2.36 -8.25 -18.96
C SER N 39 -1.73 -9.62 -19.22
N ILE N 40 -0.41 -9.63 -19.26
CA ILE N 40 0.35 -10.85 -19.51
C ILE N 40 1.51 -10.86 -18.52
N ARG N 41 1.72 -11.98 -17.84
CA ARG N 41 2.84 -12.06 -16.92
C ARG N 41 3.50 -13.42 -16.90
N VAL N 42 4.80 -13.43 -17.22
CA VAL N 42 5.59 -14.64 -17.20
C VAL N 42 6.27 -14.67 -15.84
N CYS N 43 6.07 -15.77 -15.10
CA CYS N 43 6.65 -15.93 -13.77
C CYS N 43 8.14 -16.26 -13.83
N ARG N 44 8.93 -15.54 -13.04
CA ARG N 44 10.37 -15.73 -13.04
C ARG N 44 10.87 -15.90 -11.61
N ASP N 45 12.05 -16.50 -11.43
CA ASP N 45 12.55 -16.65 -10.07
C ASP N 45 12.71 -15.24 -9.54
N MET N 46 12.65 -15.09 -8.23
CA MET N 46 12.74 -13.77 -7.64
C MET N 46 13.96 -12.96 -8.06
N ILE N 47 15.15 -13.29 -7.56
CA ILE N 47 16.35 -12.53 -7.94
C ILE N 47 17.04 -12.88 -9.26
N THR N 48 16.97 -14.14 -9.70
CA THR N 48 17.63 -14.52 -10.95
C THR N 48 16.81 -14.20 -12.17
N ARG N 49 15.50 -14.15 -12.01
CA ARG N 49 14.58 -13.81 -13.10
C ARG N 49 14.46 -14.92 -14.12
N ARG N 50 15.25 -15.97 -13.93
CA ARG N 50 15.18 -17.12 -14.83
C ARG N 50 13.69 -17.46 -14.99
N SER N 51 13.22 -17.65 -16.22
CA SER N 51 11.81 -17.98 -16.42
C SER N 51 11.40 -19.19 -15.61
N LEU N 52 10.24 -19.12 -14.96
CA LEU N 52 9.77 -20.27 -14.20
C LEU N 52 9.04 -21.21 -15.13
N GLY N 53 9.02 -20.89 -16.42
CA GLY N 53 8.40 -21.76 -17.40
C GLY N 53 6.91 -21.65 -17.70
N TYR N 54 6.21 -20.73 -17.06
CA TYR N 54 4.79 -20.61 -17.34
C TYR N 54 4.36 -19.16 -17.24
N ALA N 55 3.16 -18.88 -17.70
CA ALA N 55 2.66 -17.51 -17.66
C ALA N 55 1.15 -17.44 -17.47
N TYR N 56 0.71 -16.23 -17.18
CA TYR N 56 -0.70 -15.96 -17.02
C TYR N 56 -0.97 -14.96 -18.12
N VAL N 57 -1.99 -15.26 -18.90
CA VAL N 57 -2.40 -14.40 -19.98
C VAL N 57 -3.83 -14.11 -19.55
N ASN N 58 -4.14 -12.84 -19.32
CA ASN N 58 -5.50 -12.49 -18.92
C ASN N 58 -6.21 -11.66 -19.99
N PHE N 59 -7.41 -12.08 -20.38
CA PHE N 59 -8.18 -11.37 -21.38
C PHE N 59 -9.19 -10.43 -20.76
N GLN N 60 -9.57 -9.40 -21.49
CA GLN N 60 -10.56 -8.44 -21.02
C GLN N 60 -11.92 -9.13 -20.94
N GLN N 61 -12.12 -10.14 -21.77
CA GLN N 61 -13.37 -10.89 -21.79
C GLN N 61 -13.10 -12.40 -21.66
N PRO N 62 -13.92 -13.10 -20.88
CA PRO N 62 -13.74 -14.55 -20.71
C PRO N 62 -13.85 -15.28 -22.04
N ALA N 63 -14.87 -14.96 -22.81
CA ALA N 63 -15.09 -15.58 -24.11
C ALA N 63 -13.80 -15.59 -24.97
N ASP N 64 -13.03 -14.51 -24.94
CA ASP N 64 -11.78 -14.50 -25.71
C ASP N 64 -10.82 -15.46 -25.05
N ALA N 65 -10.82 -15.47 -23.73
CA ALA N 65 -9.93 -16.36 -22.99
C ALA N 65 -10.28 -17.81 -23.34
N GLU N 66 -11.55 -18.05 -23.64
CA GLU N 66 -12.00 -19.40 -24.00
C GLU N 66 -11.77 -19.69 -25.48
N ARG N 67 -11.74 -18.63 -26.28
CA ARG N 67 -11.51 -18.79 -27.71
C ARG N 67 -10.06 -19.23 -27.92
N ALA N 68 -9.12 -18.48 -27.37
CA ALA N 68 -7.70 -18.79 -27.49
C ALA N 68 -7.33 -20.11 -26.81
N LEU N 69 -8.03 -20.45 -25.73
CA LEU N 69 -7.76 -21.68 -24.99
C LEU N 69 -8.18 -22.84 -25.89
N ASP N 70 -9.24 -22.61 -26.66
CA ASP N 70 -9.80 -23.60 -27.56
C ASP N 70 -9.41 -23.25 -29.00
N THR N 71 -8.17 -22.83 -29.21
CA THR N 71 -7.71 -22.43 -30.54
C THR N 71 -6.19 -22.36 -30.66
N MET N 72 -5.51 -22.09 -29.55
CA MET N 72 -4.06 -21.96 -29.58
C MET N 72 -3.36 -22.96 -28.71
N ASN N 73 -4.13 -23.76 -27.98
CA ASN N 73 -3.54 -24.77 -27.10
C ASN N 73 -2.72 -25.72 -27.95
N PHE N 74 -1.51 -26.04 -27.49
CA PHE N 74 -0.62 -26.96 -28.20
C PHE N 74 0.27 -26.33 -29.25
N ASP N 75 -0.25 -25.46 -30.11
CA ASP N 75 0.67 -24.92 -31.11
C ASP N 75 1.90 -24.33 -30.47
N VAL N 76 2.99 -24.43 -31.21
CA VAL N 76 4.33 -24.02 -30.82
C VAL N 76 4.65 -22.54 -30.59
N ILE N 77 5.73 -22.35 -29.84
CA ILE N 77 6.32 -21.04 -29.50
C ILE N 77 7.79 -21.41 -29.23
N LYS N 78 8.72 -20.78 -29.95
CA LYS N 78 10.15 -21.05 -29.78
C LYS N 78 10.50 -22.51 -29.47
N GLY N 79 10.01 -23.44 -30.29
CA GLY N 79 10.32 -24.84 -30.10
C GLY N 79 9.49 -25.72 -29.19
N LYS N 80 8.69 -25.15 -28.30
CA LYS N 80 7.88 -25.98 -27.43
C LYS N 80 6.40 -25.71 -27.55
N PRO N 81 5.58 -26.73 -27.28
CA PRO N 81 4.13 -26.54 -27.37
C PRO N 81 3.71 -26.02 -26.00
N VAL N 82 2.89 -24.98 -26.00
CA VAL N 82 2.44 -24.39 -24.76
C VAL N 82 1.25 -25.19 -24.26
N ARG N 83 1.23 -25.49 -22.96
CA ARG N 83 0.09 -26.19 -22.41
C ARG N 83 -0.75 -25.13 -21.71
N ILE N 84 -1.81 -24.72 -22.37
CA ILE N 84 -2.71 -23.71 -21.83
C ILE N 84 -3.87 -24.30 -21.06
N MET N 85 -4.17 -23.73 -19.91
CA MET N 85 -5.31 -24.18 -19.13
C MET N 85 -5.87 -23.08 -18.23
N TRP N 86 -7.15 -23.23 -17.87
CA TRP N 86 -7.78 -22.28 -16.99
C TRP N 86 -6.97 -22.18 -15.71
N SER N 87 -6.57 -20.97 -15.35
CA SER N 87 -5.80 -20.75 -14.15
C SER N 87 -6.47 -21.34 -12.93
N GLN N 88 -5.72 -22.17 -12.20
CA GLN N 88 -6.17 -22.77 -10.95
C GLN N 88 -4.90 -22.84 -10.16
N ARG N 89 -4.73 -21.93 -9.21
CA ARG N 89 -3.49 -21.92 -8.43
C ARG N 89 -3.37 -22.98 -7.34
N ASP N 90 -4.49 -23.56 -6.93
CA ASP N 90 -4.41 -24.60 -5.90
C ASP N 90 -4.02 -25.90 -6.60
N PRO N 91 -2.88 -26.48 -6.22
CA PRO N 91 -2.38 -27.72 -6.80
C PRO N 91 -3.06 -28.99 -6.26
N SER N 92 -3.79 -28.85 -5.15
CA SER N 92 -4.47 -29.98 -4.53
C SER N 92 -4.96 -31.06 -5.49
N LEU N 93 -5.54 -30.65 -6.61
CA LEU N 93 -6.06 -31.60 -7.58
C LEU N 93 -4.99 -32.23 -8.47
N ARG N 94 -4.20 -31.40 -9.14
CA ARG N 94 -3.14 -31.92 -10.00
C ARG N 94 -2.37 -32.92 -9.15
N LYS N 95 -2.34 -32.68 -7.85
CA LYS N 95 -1.61 -33.54 -6.94
C LYS N 95 -2.38 -34.84 -6.76
N SER N 96 -3.71 -34.74 -6.72
CA SER N 96 -4.52 -35.97 -6.56
C SER N 96 -5.05 -36.44 -7.92
N GLY N 97 -4.40 -36.11 -8.98
CA GLY N 97 -4.92 -36.71 -10.23
C GLY N 97 -6.22 -37.57 -10.23
N VAL N 98 -7.32 -37.15 -9.57
CA VAL N 98 -8.48 -38.05 -9.47
C VAL N 98 -8.94 -38.47 -10.81
N GLY N 99 -9.18 -37.48 -11.64
CA GLY N 99 -9.61 -37.77 -12.99
C GLY N 99 -8.44 -37.78 -13.96
N ASN N 100 -7.26 -38.18 -13.48
CA ASN N 100 -6.07 -38.21 -14.30
C ASN N 100 -5.68 -39.66 -14.67
N ILE N 101 -5.75 -39.96 -15.97
CA ILE N 101 -5.45 -41.30 -16.51
C ILE N 101 -4.20 -41.38 -17.37
N ASN N 112 -0.01 -34.87 -28.63
CA ASN N 112 -0.83 -33.89 -27.84
C ASN N 112 -1.99 -33.39 -28.68
N LYS N 113 -1.63 -32.55 -29.65
CA LYS N 113 -2.58 -31.95 -30.56
C LYS N 113 -3.55 -33.00 -31.08
N ALA N 114 -3.11 -34.25 -31.03
CA ALA N 114 -3.91 -35.39 -31.48
C ALA N 114 -4.42 -36.15 -30.25
N LEU N 115 -3.54 -36.35 -29.27
CA LEU N 115 -3.89 -37.05 -28.05
C LEU N 115 -5.16 -36.48 -27.44
N TYR N 116 -5.39 -35.20 -27.66
CA TYR N 116 -6.57 -34.55 -27.15
C TYR N 116 -7.84 -35.10 -27.82
N ASP N 117 -8.05 -34.69 -29.08
CA ASP N 117 -9.21 -35.10 -29.87
C ASP N 117 -9.71 -36.52 -29.66
N THR N 118 -8.78 -37.43 -29.38
CA THR N 118 -9.13 -38.83 -29.16
C THR N 118 -9.85 -39.09 -27.84
N PHE N 119 -9.82 -38.12 -26.92
CA PHE N 119 -10.51 -38.30 -25.65
C PHE N 119 -11.56 -37.22 -25.43
N SER N 120 -11.57 -36.23 -26.33
CA SER N 120 -12.53 -35.12 -26.29
C SER N 120 -13.91 -35.71 -26.08
N ALA N 121 -14.08 -36.92 -26.61
CA ALA N 121 -15.34 -37.61 -26.48
C ALA N 121 -15.71 -37.62 -25.00
N PHE N 122 -14.97 -38.41 -24.22
CA PHE N 122 -15.18 -38.55 -22.79
C PHE N 122 -15.64 -37.27 -22.08
N GLY N 123 -15.33 -36.11 -22.66
CA GLY N 123 -15.75 -34.87 -22.06
C GLY N 123 -14.74 -33.75 -22.01
N ASN N 124 -14.80 -32.99 -20.92
CA ASN N 124 -13.93 -31.85 -20.71
C ASN N 124 -12.64 -32.23 -20.00
N ILE N 125 -11.52 -31.91 -20.63
CA ILE N 125 -10.24 -32.22 -20.03
C ILE N 125 -9.52 -30.94 -19.62
N LEU N 126 -8.96 -30.97 -18.42
CA LEU N 126 -8.23 -29.85 -17.85
C LEU N 126 -6.82 -29.69 -18.42
N SER N 127 -6.19 -30.81 -18.76
CA SER N 127 -4.84 -30.80 -19.30
C SER N 127 -4.42 -32.18 -19.77
N CYS N 128 -3.55 -32.22 -20.78
CA CYS N 128 -3.04 -33.47 -21.30
C CYS N 128 -1.71 -33.21 -21.98
N LYS N 129 -0.68 -33.95 -21.55
CA LYS N 129 0.64 -33.81 -22.10
C LYS N 129 1.14 -35.18 -22.50
N VAL N 130 1.99 -35.22 -23.53
CA VAL N 130 2.57 -36.47 -23.98
C VAL N 130 4.05 -36.35 -23.61
N VAL N 131 4.42 -36.92 -22.45
CA VAL N 131 5.79 -36.86 -21.97
C VAL N 131 6.83 -37.00 -23.09
N CYS N 132 7.77 -36.06 -23.12
CA CYS N 132 8.83 -36.06 -24.11
C CYS N 132 10.14 -35.50 -23.55
N SER N 137 9.59 -38.64 -28.29
CA SER N 137 8.15 -38.89 -27.94
C SER N 137 8.04 -39.68 -26.64
N LYS N 138 9.17 -39.86 -25.96
CA LYS N 138 9.27 -40.58 -24.69
C LYS N 138 8.25 -41.70 -24.38
N GLY N 139 7.47 -42.10 -25.39
CA GLY N 139 6.49 -43.17 -25.18
C GLY N 139 5.07 -42.87 -24.75
N TYR N 140 4.90 -42.59 -23.45
CA TYR N 140 3.57 -42.34 -22.86
C TYR N 140 3.05 -40.90 -22.80
N GLY N 141 1.96 -40.73 -22.05
CA GLY N 141 1.33 -39.43 -21.88
C GLY N 141 0.18 -39.47 -20.88
N PHE N 142 -0.33 -38.30 -20.48
CA PHE N 142 -1.44 -38.25 -19.53
C PHE N 142 -2.62 -37.41 -20.00
N VAL N 143 -3.69 -37.46 -19.23
CA VAL N 143 -4.88 -36.68 -19.55
C VAL N 143 -5.75 -36.56 -18.32
N HIS N 144 -5.92 -35.32 -17.88
CA HIS N 144 -6.72 -35.02 -16.69
C HIS N 144 -8.14 -34.61 -17.10
N PHE N 145 -9.13 -35.17 -16.41
CA PHE N 145 -10.53 -34.88 -16.68
C PHE N 145 -11.13 -34.15 -15.49
N GLU N 146 -12.20 -33.41 -15.75
CA GLU N 146 -12.88 -32.65 -14.72
C GLU N 146 -13.69 -33.53 -13.76
N THR N 147 -14.48 -34.45 -14.30
CA THR N 147 -15.28 -35.36 -13.48
C THR N 147 -14.58 -36.71 -13.36
N GLN N 148 -14.73 -37.37 -12.20
CA GLN N 148 -14.10 -38.67 -12.01
C GLN N 148 -14.60 -39.63 -13.09
N GLU N 149 -15.66 -39.21 -13.80
CA GLU N 149 -16.21 -40.02 -14.88
C GLU N 149 -15.32 -39.85 -16.11
N VAL N 168 -2.58 -50.37 -26.25
CA VAL N 168 -2.65 -49.11 -25.45
C VAL N 168 -3.29 -49.33 -24.07
N PHE N 169 -2.56 -48.99 -23.01
CA PHE N 169 -3.07 -49.15 -21.66
C PHE N 169 -3.50 -47.82 -21.04
N VAL N 170 -4.66 -47.82 -20.39
CA VAL N 170 -5.20 -46.62 -19.77
C VAL N 170 -5.68 -46.91 -18.34
N GLY N 171 -5.77 -45.88 -17.52
CA GLY N 171 -6.23 -46.09 -16.16
C GLY N 171 -5.67 -45.11 -15.15
N ARG N 172 -6.06 -45.31 -13.89
CA ARG N 172 -5.65 -44.51 -12.75
C ARG N 172 -4.22 -43.96 -12.87
N PHE N 173 -3.88 -42.96 -12.06
CA PHE N 173 -2.56 -42.34 -12.12
C PHE N 173 -1.48 -42.90 -11.19
N ALA O 11 -17.67 2.06 -17.59
CA ALA O 11 -17.85 3.47 -17.14
C ALA O 11 -16.63 4.39 -17.32
N SER O 12 -15.58 3.90 -17.99
CA SER O 12 -14.37 4.69 -18.20
C SER O 12 -14.20 5.18 -19.62
N LEU O 13 -13.74 6.43 -19.76
CA LEU O 13 -13.53 7.04 -21.07
C LEU O 13 -12.13 7.55 -21.29
N TYR O 14 -11.67 7.42 -22.52
CA TYR O 14 -10.37 7.92 -22.93
C TYR O 14 -10.79 9.18 -23.66
N VAL O 15 -10.19 10.30 -23.29
CA VAL O 15 -10.48 11.55 -23.96
C VAL O 15 -9.13 12.11 -24.37
N GLY O 16 -8.91 12.15 -25.68
CA GLY O 16 -7.63 12.61 -26.20
C GLY O 16 -7.71 13.81 -27.10
N ASP O 17 -6.64 14.04 -27.84
CA ASP O 17 -6.54 15.18 -28.74
C ASP O 17 -6.64 16.40 -27.84
N LEU O 18 -6.01 16.25 -26.67
CA LEU O 18 -5.97 17.28 -25.65
C LEU O 18 -4.81 18.25 -25.84
N HIS O 19 -5.06 19.51 -25.49
CA HIS O 19 -4.05 20.55 -25.57
C HIS O 19 -3.12 20.27 -24.39
N PRO O 20 -1.81 20.36 -24.61
CA PRO O 20 -0.82 20.11 -23.57
C PRO O 20 -1.03 20.87 -22.27
N ASP O 21 -2.08 21.66 -22.21
CA ASP O 21 -2.35 22.42 -21.01
C ASP O 21 -3.68 22.12 -20.34
N VAL O 22 -4.52 21.29 -20.95
CA VAL O 22 -5.77 20.97 -20.29
C VAL O 22 -5.42 20.26 -18.99
N THR O 23 -6.21 20.51 -17.96
CA THR O 23 -5.97 19.91 -16.64
C THR O 23 -7.11 19.00 -16.19
N GLU O 24 -6.84 18.20 -15.16
CA GLU O 24 -7.87 17.31 -14.65
C GLU O 24 -9.03 18.20 -14.18
N ALA O 25 -8.71 19.41 -13.73
CA ALA O 25 -9.72 20.37 -13.28
C ALA O 25 -10.61 20.83 -14.42
N MET O 26 -10.04 21.01 -15.61
CA MET O 26 -10.81 21.45 -16.76
C MET O 26 -11.70 20.34 -17.34
N LEU O 27 -11.27 19.09 -17.21
CA LEU O 27 -12.07 17.98 -17.71
C LEU O 27 -13.22 17.74 -16.76
N TYR O 28 -12.96 17.96 -15.47
CA TYR O 28 -13.99 17.76 -14.47
C TYR O 28 -15.16 18.64 -14.81
N GLU O 29 -14.89 19.93 -14.90
CA GLU O 29 -15.95 20.87 -15.23
C GLU O 29 -16.57 20.44 -16.54
N LYS O 30 -15.74 20.23 -17.55
CA LYS O 30 -16.24 19.81 -18.85
C LYS O 30 -17.14 18.60 -18.78
N PHE O 31 -16.82 17.66 -17.90
CA PHE O 31 -17.59 16.41 -17.80
C PHE O 31 -18.52 16.25 -16.60
N SER O 32 -18.33 17.09 -15.59
CA SER O 32 -19.12 17.03 -14.37
C SER O 32 -20.62 17.03 -14.60
N PRO O 33 -21.10 17.79 -15.59
CA PRO O 33 -22.53 17.86 -15.88
C PRO O 33 -23.18 16.59 -16.43
N ALA O 34 -22.39 15.54 -16.63
CA ALA O 34 -22.91 14.30 -17.19
C ALA O 34 -23.39 13.39 -16.08
N GLY O 35 -22.82 13.58 -14.89
CA GLY O 35 -23.20 12.77 -13.73
C GLY O 35 -22.04 12.75 -12.77
N PRO O 36 -22.21 12.22 -11.55
CA PRO O 36 -21.10 12.17 -10.60
C PRO O 36 -19.90 11.39 -11.14
N ILE O 37 -18.73 12.01 -11.05
CA ILE O 37 -17.49 11.45 -11.54
C ILE O 37 -16.78 10.64 -10.47
N LEU O 38 -16.22 9.50 -10.87
CA LEU O 38 -15.51 8.63 -9.96
C LEU O 38 -14.07 9.14 -9.84
N SER O 39 -13.46 9.49 -10.97
CA SER O 39 -12.09 10.00 -10.99
C SER O 39 -11.69 10.54 -12.37
N ILE O 40 -10.65 11.38 -12.41
CA ILE O 40 -10.16 11.98 -13.65
C ILE O 40 -8.64 12.05 -13.60
N ARG O 41 -7.98 11.45 -14.59
CA ARG O 41 -6.53 11.48 -14.65
C ARG O 41 -6.04 11.88 -16.04
N VAL O 42 -5.05 12.78 -16.05
CA VAL O 42 -4.43 13.27 -17.27
C VAL O 42 -3.06 12.60 -17.29
N CYS O 43 -2.87 11.62 -18.17
CA CYS O 43 -1.57 10.94 -18.21
C CYS O 43 -0.45 11.89 -18.64
N ARG O 44 0.69 11.80 -17.96
CA ARG O 44 1.79 12.70 -18.25
C ARG O 44 3.14 12.00 -18.27
N ASP O 45 4.13 12.62 -18.90
CA ASP O 45 5.47 12.04 -18.92
C ASP O 45 5.76 11.77 -17.45
N MET O 46 6.63 10.82 -17.14
CA MET O 46 6.89 10.51 -15.75
C MET O 46 7.62 11.56 -14.91
N ILE O 47 8.77 12.07 -15.34
CA ILE O 47 9.44 13.10 -14.53
C ILE O 47 9.42 14.52 -15.12
N THR O 48 9.10 14.68 -16.40
CA THR O 48 9.05 16.04 -16.97
C THR O 48 7.64 16.51 -16.72
N ARG O 49 6.75 15.53 -16.53
CA ARG O 49 5.35 15.80 -16.23
C ARG O 49 4.58 16.35 -17.41
N ARG O 50 5.26 16.48 -18.54
CA ARG O 50 4.60 16.97 -19.75
C ARG O 50 3.38 16.13 -20.01
N SER O 51 2.30 16.76 -20.44
CA SER O 51 1.08 16.03 -20.72
C SER O 51 1.29 15.11 -21.91
N LEU O 52 0.57 14.00 -21.92
CA LEU O 52 0.66 13.05 -23.01
C LEU O 52 -0.54 13.21 -23.91
N GLY O 53 -1.16 14.38 -23.88
CA GLY O 53 -2.30 14.65 -24.73
C GLY O 53 -3.61 13.95 -24.49
N TYR O 54 -3.74 13.12 -23.46
CA TYR O 54 -5.03 12.48 -23.22
C TYR O 54 -5.30 12.18 -21.76
N ALA O 55 -6.54 11.81 -21.47
CA ALA O 55 -6.94 11.52 -20.12
C ALA O 55 -8.01 10.46 -20.02
N TYR O 56 -8.16 9.96 -18.81
CA TYR O 56 -9.18 8.96 -18.51
C TYR O 56 -10.19 9.73 -17.67
N VAL O 57 -11.47 9.52 -17.95
CA VAL O 57 -12.52 10.16 -17.20
C VAL O 57 -13.43 9.03 -16.76
N ASN O 58 -13.38 8.68 -15.48
CA ASN O 58 -14.21 7.60 -14.97
C ASN O 58 -15.45 8.08 -14.21
N PHE O 59 -16.63 7.75 -14.73
CA PHE O 59 -17.88 8.11 -14.06
C PHE O 59 -18.26 7.00 -13.07
N GLN O 60 -19.24 7.27 -12.22
CA GLN O 60 -19.71 6.29 -11.24
C GLN O 60 -20.70 5.36 -11.92
N GLN O 61 -21.48 5.96 -12.82
CA GLN O 61 -22.50 5.25 -13.57
C GLN O 61 -22.13 5.20 -15.05
N PRO O 62 -22.13 4.00 -15.64
CA PRO O 62 -21.78 3.94 -17.06
C PRO O 62 -22.78 4.68 -17.94
N ALA O 63 -24.03 4.72 -17.51
CA ALA O 63 -25.09 5.40 -18.26
C ALA O 63 -24.74 6.87 -18.47
N ASP O 64 -23.97 7.43 -17.54
CA ASP O 64 -23.58 8.83 -17.66
C ASP O 64 -22.29 8.90 -18.44
N ALA O 65 -21.47 7.86 -18.35
CA ALA O 65 -20.23 7.84 -19.09
C ALA O 65 -20.67 7.77 -20.56
N GLU O 66 -21.80 7.11 -20.81
CA GLU O 66 -22.29 7.01 -22.17
C GLU O 66 -22.86 8.34 -22.61
N ARG O 67 -23.62 8.98 -21.72
CA ARG O 67 -24.22 10.27 -21.99
C ARG O 67 -23.12 11.28 -22.35
N ALA O 68 -22.08 11.31 -21.54
CA ALA O 68 -20.95 12.20 -21.77
C ALA O 68 -20.40 11.98 -23.17
N LEU O 69 -20.31 10.71 -23.55
CA LEU O 69 -19.79 10.30 -24.86
C LEU O 69 -20.65 10.78 -26.04
N ASP O 70 -21.92 10.42 -26.02
CA ASP O 70 -22.85 10.78 -27.08
C ASP O 70 -23.38 12.19 -26.84
N THR O 71 -22.49 13.08 -26.41
CA THR O 71 -22.90 14.43 -26.10
C THR O 71 -21.76 15.42 -26.12
N MET O 72 -20.70 15.10 -25.39
CA MET O 72 -19.53 15.96 -25.28
C MET O 72 -18.41 15.63 -26.26
N ASN O 73 -18.67 14.70 -27.17
CA ASN O 73 -17.63 14.34 -28.11
C ASN O 73 -17.41 15.41 -29.16
N PHE O 74 -16.17 15.88 -29.23
CA PHE O 74 -15.74 16.89 -30.19
C PHE O 74 -15.78 18.37 -29.80
N ASP O 75 -16.61 18.76 -28.84
CA ASP O 75 -16.62 20.18 -28.49
C ASP O 75 -15.25 20.57 -27.97
N VAL O 76 -14.90 21.83 -28.19
CA VAL O 76 -13.58 22.35 -27.84
C VAL O 76 -13.23 22.61 -26.39
N ILE O 77 -11.92 22.51 -26.12
CA ILE O 77 -11.34 22.76 -24.81
C ILE O 77 -9.94 23.31 -25.07
N LYS O 78 -9.76 24.60 -24.79
CA LYS O 78 -8.50 25.31 -25.00
C LYS O 78 -8.01 25.34 -26.44
N GLY O 79 -8.96 25.31 -27.38
CA GLY O 79 -8.61 25.38 -28.79
C GLY O 79 -8.85 24.13 -29.62
N LYS O 80 -8.64 22.97 -29.01
CA LYS O 80 -8.80 21.71 -29.73
C LYS O 80 -10.06 20.94 -29.36
N PRO O 81 -10.57 20.11 -30.27
CA PRO O 81 -11.77 19.31 -30.02
C PRO O 81 -11.28 18.11 -29.24
N VAL O 82 -12.14 17.44 -28.49
CA VAL O 82 -11.67 16.26 -27.75
C VAL O 82 -12.21 14.99 -28.37
N ARG O 83 -11.30 14.09 -28.72
CA ARG O 83 -11.68 12.82 -29.29
C ARG O 83 -11.98 11.92 -28.09
N ILE O 84 -13.27 11.62 -27.90
CA ILE O 84 -13.66 10.76 -26.80
C ILE O 84 -14.02 9.42 -27.38
N MET O 85 -13.85 8.38 -26.57
CA MET O 85 -14.17 7.03 -26.98
C MET O 85 -13.94 6.19 -25.74
N TRP O 86 -14.58 5.04 -25.64
CA TRP O 86 -14.39 4.21 -24.49
C TRP O 86 -12.92 3.85 -24.35
N SER O 87 -12.56 3.39 -23.17
CA SER O 87 -11.18 3.04 -22.88
C SER O 87 -10.79 1.66 -23.36
N GLN O 88 -9.71 1.60 -24.12
CA GLN O 88 -9.20 0.33 -24.59
C GLN O 88 -7.71 0.53 -24.60
N ARG O 89 -7.06 -0.05 -23.60
CA ARG O 89 -5.62 0.08 -23.42
C ARG O 89 -4.84 -0.85 -24.35
N ASP O 90 -5.48 -1.94 -24.77
CA ASP O 90 -4.83 -2.87 -25.67
C ASP O 90 -4.93 -2.20 -27.04
N PRO O 91 -3.79 -1.83 -27.63
CA PRO O 91 -3.77 -1.18 -28.94
C PRO O 91 -3.94 -2.04 -30.21
N SER O 92 -4.06 -3.36 -30.06
CA SER O 92 -4.18 -4.27 -31.20
C SER O 92 -4.91 -3.71 -32.44
N LEU O 93 -6.18 -3.34 -32.27
CA LEU O 93 -6.97 -2.81 -33.37
C LEU O 93 -6.45 -1.52 -34.00
N ARG O 94 -5.95 -0.61 -33.17
CA ARG O 94 -5.42 0.63 -33.70
C ARG O 94 -4.24 0.27 -34.60
N LYS O 95 -3.50 -0.76 -34.23
CA LYS O 95 -2.35 -1.19 -35.00
C LYS O 95 -2.82 -1.88 -36.30
N SER O 96 -3.95 -2.59 -36.20
CA SER O 96 -4.53 -3.32 -37.34
C SER O 96 -5.61 -2.58 -38.09
N GLY O 97 -5.77 -1.30 -37.88
CA GLY O 97 -6.83 -0.67 -38.67
C GLY O 97 -8.02 -1.46 -39.34
N VAL O 98 -8.31 -2.73 -39.00
CA VAL O 98 -9.32 -3.46 -39.78
C VAL O 98 -10.55 -2.68 -40.18
N GLY O 99 -11.31 -2.21 -39.20
CA GLY O 99 -12.49 -1.47 -39.56
C GLY O 99 -12.20 0.00 -39.77
N ASN O 100 -10.92 0.37 -39.80
CA ASN O 100 -10.52 1.76 -39.97
C ASN O 100 -10.33 2.21 -41.42
N ILE O 101 -11.23 3.07 -41.88
CA ILE O 101 -11.16 3.58 -43.24
C ILE O 101 -10.50 4.96 -43.27
N PHE O 102 -10.14 5.39 -44.47
CA PHE O 102 -9.49 6.69 -44.69
C PHE O 102 -10.36 7.52 -45.62
N ILE O 103 -10.37 8.82 -45.42
CA ILE O 103 -11.17 9.72 -46.27
C ILE O 103 -10.22 10.78 -46.79
N LYS O 104 -10.45 11.24 -48.02
CA LYS O 104 -9.58 12.24 -48.62
C LYS O 104 -10.37 13.32 -49.36
N ASN O 105 -9.96 14.57 -49.23
CA ASN O 105 -10.61 15.67 -49.93
C ASN O 105 -11.92 16.12 -49.25
N LEU O 106 -11.84 16.63 -48.03
CA LEU O 106 -13.02 17.10 -47.31
C LEU O 106 -13.30 18.58 -47.55
N ASP O 107 -14.59 18.95 -47.51
CA ASP O 107 -15.01 20.32 -47.76
C ASP O 107 -14.43 21.35 -46.78
N LYS O 108 -13.36 20.98 -46.08
CA LYS O 108 -12.69 21.87 -45.13
C LYS O 108 -13.65 22.50 -44.12
N SER O 109 -14.94 22.43 -44.39
CA SER O 109 -15.95 22.97 -43.51
C SER O 109 -16.59 21.82 -42.76
N ILE O 110 -16.29 20.60 -43.20
CA ILE O 110 -16.83 19.43 -42.53
C ILE O 110 -16.00 19.22 -41.27
N ASP O 111 -16.67 19.31 -40.14
CA ASP O 111 -16.07 19.16 -38.82
C ASP O 111 -16.15 17.72 -38.32
N ASN O 112 -15.48 17.45 -37.21
CA ASN O 112 -15.49 16.11 -36.62
C ASN O 112 -16.91 15.56 -36.45
N LYS O 113 -17.82 16.39 -35.92
CA LYS O 113 -19.20 15.97 -35.70
C LYS O 113 -19.91 15.69 -37.03
N ALA O 114 -19.51 16.40 -38.08
CA ALA O 114 -20.11 16.21 -39.41
C ALA O 114 -19.64 14.88 -39.96
N LEU O 115 -18.33 14.69 -39.98
CA LEU O 115 -17.74 13.45 -40.45
C LEU O 115 -18.47 12.33 -39.74
N TYR O 116 -18.59 12.48 -38.42
CA TYR O 116 -19.26 11.48 -37.60
C TYR O 116 -20.65 11.14 -38.13
N ASP O 117 -21.54 12.12 -38.13
CA ASP O 117 -22.92 11.90 -38.58
C ASP O 117 -23.04 11.35 -39.98
N THR O 118 -22.00 11.49 -40.78
CA THR O 118 -22.08 10.97 -42.13
C THR O 118 -21.85 9.46 -42.14
N PHE O 119 -20.77 9.01 -41.51
CA PHE O 119 -20.43 7.60 -41.46
C PHE O 119 -21.06 6.84 -40.31
N SER O 120 -21.61 7.58 -39.37
CA SER O 120 -22.24 6.95 -38.22
C SER O 120 -23.35 6.04 -38.73
N ALA O 121 -23.87 6.37 -39.90
CA ALA O 121 -24.96 5.61 -40.51
C ALA O 121 -24.58 4.17 -40.86
N PHE O 122 -23.32 3.95 -41.22
CA PHE O 122 -22.87 2.62 -41.60
C PHE O 122 -22.62 1.71 -40.42
N GLY O 123 -22.74 2.24 -39.21
CA GLY O 123 -22.52 1.42 -38.03
C GLY O 123 -21.53 1.95 -37.02
N ASN O 124 -21.88 1.76 -35.75
CA ASN O 124 -21.08 2.18 -34.60
C ASN O 124 -19.60 2.41 -34.91
N ILE O 125 -19.17 3.66 -34.86
CA ILE O 125 -17.76 3.95 -35.12
C ILE O 125 -16.99 4.06 -33.80
N LEU O 126 -15.78 3.51 -33.78
CA LEU O 126 -14.94 3.54 -32.59
C LEU O 126 -14.22 4.87 -32.41
N SER O 127 -13.79 5.47 -33.52
CA SER O 127 -13.07 6.74 -33.46
C SER O 127 -12.82 7.41 -34.82
N CYS O 128 -13.37 8.62 -35.00
CA CYS O 128 -13.16 9.36 -36.24
C CYS O 128 -12.49 10.68 -35.93
N LYS O 129 -11.81 11.26 -36.92
CA LYS O 129 -11.09 12.52 -36.71
C LYS O 129 -10.79 13.29 -38.02
N VAL O 130 -11.30 14.52 -38.12
CA VAL O 130 -11.05 15.37 -39.29
C VAL O 130 -9.79 16.15 -39.00
N VAL O 131 -8.64 15.49 -39.09
CA VAL O 131 -7.36 16.14 -38.82
C VAL O 131 -7.33 17.63 -39.17
N CYS O 132 -7.02 18.45 -38.17
CA CYS O 132 -6.94 19.91 -38.31
C CYS O 132 -5.50 20.39 -38.01
N ASP O 133 -5.13 21.55 -38.53
CA ASP O 133 -3.79 22.09 -38.31
C ASP O 133 -3.80 23.61 -38.38
N GLU O 134 -3.51 24.25 -37.24
CA GLU O 134 -3.48 25.72 -37.14
C GLU O 134 -4.65 26.37 -37.88
N ASN O 135 -4.56 26.34 -39.21
CA ASN O 135 -5.56 26.93 -40.09
C ASN O 135 -6.84 26.12 -40.31
N GLY O 136 -6.88 24.86 -39.92
CA GLY O 136 -8.13 24.11 -40.10
C GLY O 136 -8.16 22.68 -40.57
N SER O 137 -9.36 22.27 -41.00
CA SER O 137 -9.69 20.93 -41.49
C SER O 137 -8.61 20.12 -42.18
N LYS O 138 -7.60 20.78 -42.74
CA LYS O 138 -6.50 20.09 -43.39
C LYS O 138 -6.82 19.19 -44.59
N GLY O 139 -8.09 18.82 -44.77
CA GLY O 139 -8.44 18.01 -45.93
C GLY O 139 -8.85 16.55 -45.77
N TYR O 140 -8.14 15.79 -44.95
CA TYR O 140 -8.47 14.38 -44.76
C TYR O 140 -8.93 14.01 -43.35
N GLY O 141 -9.12 12.71 -43.14
CA GLY O 141 -9.55 12.21 -41.85
C GLY O 141 -9.84 10.72 -41.90
N PHE O 142 -9.95 10.09 -40.74
CA PHE O 142 -10.23 8.66 -40.68
C PHE O 142 -11.38 8.36 -39.76
N VAL O 143 -12.05 7.25 -40.00
CA VAL O 143 -13.15 6.81 -39.15
C VAL O 143 -13.01 5.30 -39.02
N HIS O 144 -12.64 4.86 -37.81
CA HIS O 144 -12.45 3.45 -37.54
C HIS O 144 -13.76 2.88 -37.04
N PHE O 145 -14.33 1.94 -37.78
CA PHE O 145 -15.58 1.32 -37.40
C PHE O 145 -15.36 0.14 -36.47
N GLU O 146 -16.43 -0.33 -35.87
CA GLU O 146 -16.39 -1.45 -34.94
C GLU O 146 -16.23 -2.78 -35.70
N THR O 147 -16.86 -2.87 -36.86
CA THR O 147 -16.80 -4.07 -37.70
C THR O 147 -16.31 -3.69 -39.08
N GLN O 148 -15.53 -4.57 -39.71
CA GLN O 148 -15.04 -4.24 -41.04
C GLN O 148 -16.12 -4.44 -42.10
N GLU O 149 -17.26 -5.00 -41.69
CA GLU O 149 -18.39 -5.19 -42.60
C GLU O 149 -18.90 -3.79 -42.88
N ALA O 150 -18.96 -2.98 -41.82
CA ALA O 150 -19.41 -1.60 -41.88
C ALA O 150 -18.38 -0.69 -42.53
N ALA O 151 -17.10 -0.96 -42.28
CA ALA O 151 -16.03 -0.16 -42.87
C ALA O 151 -16.11 -0.40 -44.37
N GLU O 152 -16.50 -1.61 -44.74
CA GLU O 152 -16.65 -2.00 -46.14
C GLU O 152 -17.83 -1.26 -46.76
N ARG O 153 -19.02 -1.46 -46.19
CA ARG O 153 -20.18 -0.78 -46.71
C ARG O 153 -19.92 0.73 -46.72
N ALA O 154 -19.10 1.21 -45.79
CA ALA O 154 -18.77 2.63 -45.75
C ALA O 154 -18.01 2.96 -47.04
N ILE O 155 -16.95 2.21 -47.31
CA ILE O 155 -16.19 2.42 -48.54
C ILE O 155 -17.20 1.94 -49.59
N GLU O 156 -16.87 2.10 -50.87
CA GLU O 156 -17.79 1.65 -51.92
C GLU O 156 -19.01 2.55 -51.98
N LYS O 157 -19.83 2.51 -50.93
CA LYS O 157 -21.05 3.31 -50.83
C LYS O 157 -20.76 4.81 -50.70
N MET O 158 -19.71 5.15 -49.97
CA MET O 158 -19.35 6.55 -49.76
C MET O 158 -18.26 7.08 -50.66
N ASN O 159 -17.28 6.22 -50.96
CA ASN O 159 -16.19 6.64 -51.83
C ASN O 159 -16.75 7.32 -53.06
N GLY O 160 -16.04 8.35 -53.53
CA GLY O 160 -16.47 9.08 -54.71
C GLY O 160 -17.71 9.93 -54.55
N MET O 161 -18.42 9.77 -53.43
CA MET O 161 -19.63 10.55 -53.22
C MET O 161 -19.28 11.99 -52.85
N LEU O 162 -20.28 12.85 -52.93
CA LEU O 162 -20.13 14.27 -52.67
C LEU O 162 -20.53 14.65 -51.25
N LEU O 163 -19.57 15.15 -50.49
CA LEU O 163 -19.84 15.58 -49.12
C LEU O 163 -19.62 17.08 -49.04
N ASN O 164 -20.71 17.81 -48.85
CA ASN O 164 -20.67 19.26 -48.75
C ASN O 164 -19.93 19.91 -49.92
N ASP O 165 -20.54 19.87 -51.09
CA ASP O 165 -19.97 20.45 -52.30
C ASP O 165 -18.57 19.99 -52.68
N ARG O 166 -18.30 18.69 -52.54
CA ARG O 166 -16.99 18.14 -52.92
C ARG O 166 -16.95 16.62 -52.80
N LYS O 167 -16.57 15.95 -53.87
CA LYS O 167 -16.50 14.48 -53.90
C LYS O 167 -15.33 13.94 -53.09
N VAL O 168 -15.65 13.09 -52.12
CA VAL O 168 -14.66 12.49 -51.23
C VAL O 168 -14.15 11.12 -51.67
N PHE O 169 -12.98 10.74 -51.14
CA PHE O 169 -12.35 9.45 -51.44
C PHE O 169 -12.36 8.63 -50.15
N VAL O 170 -12.77 7.37 -50.23
CA VAL O 170 -12.83 6.51 -49.05
C VAL O 170 -12.27 5.12 -49.33
N GLY O 171 -11.21 4.74 -48.63
CA GLY O 171 -10.63 3.43 -48.85
C GLY O 171 -9.98 2.83 -47.61
N ARG O 172 -9.48 1.60 -47.74
CA ARG O 172 -8.81 0.90 -46.63
C ARG O 172 -7.75 1.87 -46.08
N PHE O 173 -7.50 1.79 -44.77
CA PHE O 173 -6.54 2.68 -44.10
C PHE O 173 -5.08 2.69 -44.54
N LYS O 174 -4.36 1.57 -44.44
CA LYS O 174 -2.95 1.57 -44.85
C LYS O 174 -2.12 2.53 -43.98
N SER O 175 -1.27 1.97 -43.11
CA SER O 175 -0.42 2.76 -42.21
C SER O 175 0.66 3.56 -42.94
N ALA P 11 23.16 2.84 -6.29
CA ALA P 11 23.64 1.59 -6.95
C ALA P 11 22.73 1.12 -8.06
N SER P 12 22.10 2.06 -8.76
CA SER P 12 21.23 1.70 -9.86
C SER P 12 21.92 2.03 -11.17
N LEU P 13 21.71 1.17 -12.14
CA LEU P 13 22.32 1.36 -13.44
C LEU P 13 21.33 1.28 -14.56
N TYR P 14 21.48 2.19 -15.51
CA TYR P 14 20.64 2.17 -16.70
C TYR P 14 21.52 1.34 -17.63
N VAL P 15 20.90 0.50 -18.44
CA VAL P 15 21.67 -0.26 -19.41
C VAL P 15 20.75 -0.36 -20.59
N GLY P 16 21.06 0.46 -21.59
CA GLY P 16 20.24 0.52 -22.79
C GLY P 16 20.88 -0.07 -24.03
N ASP P 17 20.28 0.26 -25.18
CA ASP P 17 20.73 -0.24 -26.46
C ASP P 17 20.64 -1.76 -26.40
N LEU P 18 19.59 -2.22 -25.74
CA LEU P 18 19.30 -3.63 -25.56
C LEU P 18 18.46 -4.16 -26.72
N HIS P 19 18.75 -5.39 -27.15
CA HIS P 19 18.02 -6.02 -28.23
C HIS P 19 16.61 -6.33 -27.71
N PRO P 20 15.60 -6.12 -28.54
CA PRO P 20 14.21 -6.38 -28.13
C PRO P 20 13.91 -7.70 -27.41
N ASP P 21 14.84 -8.65 -27.48
CA ASP P 21 14.59 -9.92 -26.83
C ASP P 21 15.40 -10.16 -25.57
N VAL P 22 16.38 -9.31 -25.30
CA VAL P 22 17.18 -9.46 -24.09
C VAL P 22 16.24 -9.42 -22.89
N THR P 23 16.33 -10.44 -22.04
CA THR P 23 15.49 -10.52 -20.88
C THR P 23 16.20 -10.16 -19.59
N GLU P 24 15.46 -10.17 -18.48
CA GLU P 24 16.04 -9.84 -17.20
C GLU P 24 16.97 -10.97 -16.78
N ALA P 25 16.65 -12.20 -17.21
CA ALA P 25 17.45 -13.38 -16.90
C ALA P 25 18.85 -13.26 -17.51
N MET P 26 18.90 -12.81 -18.76
CA MET P 26 20.16 -12.66 -19.44
C MET P 26 21.00 -11.59 -18.75
N LEU P 27 20.37 -10.47 -18.42
CA LEU P 27 21.06 -9.38 -17.74
C LEU P 27 21.62 -9.87 -16.42
N TYR P 28 20.85 -10.70 -15.73
CA TYR P 28 21.29 -11.24 -14.45
C TYR P 28 22.54 -12.06 -14.69
N GLU P 29 22.49 -12.91 -15.71
CA GLU P 29 23.61 -13.75 -16.09
C GLU P 29 24.81 -12.86 -16.38
N LYS P 30 24.57 -11.77 -17.08
CA LYS P 30 25.63 -10.85 -17.43
C LYS P 30 26.20 -10.13 -16.22
N PHE P 31 25.33 -9.48 -15.46
CA PHE P 31 25.76 -8.67 -14.31
C PHE P 31 26.04 -9.36 -13.01
N SER P 32 25.38 -10.49 -12.79
CA SER P 32 25.59 -11.26 -11.57
C SER P 32 27.05 -11.31 -11.10
N PRO P 33 27.99 -11.56 -12.02
CA PRO P 33 29.42 -11.64 -11.69
C PRO P 33 30.01 -10.46 -10.92
N ALA P 34 29.50 -9.27 -11.16
CA ALA P 34 30.05 -8.07 -10.50
C ALA P 34 29.81 -8.01 -9.00
N GLY P 35 28.73 -8.64 -8.54
CA GLY P 35 28.44 -8.62 -7.11
C GLY P 35 26.98 -8.90 -6.86
N PRO P 36 26.58 -9.14 -5.61
CA PRO P 36 25.17 -9.43 -5.31
C PRO P 36 24.22 -8.35 -5.83
N ILE P 37 23.19 -8.80 -6.55
CA ILE P 37 22.20 -7.94 -7.14
C ILE P 37 20.92 -7.80 -6.29
N LEU P 38 20.34 -6.61 -6.30
CA LEU P 38 19.14 -6.32 -5.55
C LEU P 38 17.98 -6.62 -6.48
N SER P 39 17.99 -6.00 -7.65
CA SER P 39 16.94 -6.24 -8.62
C SER P 39 17.37 -5.90 -10.06
N ILE P 40 16.61 -6.42 -11.01
CA ILE P 40 16.88 -6.18 -12.41
C ILE P 40 15.51 -6.06 -13.02
N ARG P 41 15.29 -5.01 -13.80
CA ARG P 41 14.01 -4.84 -14.45
C ARG P 41 14.22 -4.34 -15.85
N VAL P 42 13.47 -4.91 -16.78
CA VAL P 42 13.54 -4.49 -18.16
C VAL P 42 12.23 -3.82 -18.45
N CYS P 43 12.29 -2.54 -18.83
CA CYS P 43 11.10 -1.78 -19.11
C CYS P 43 10.42 -2.17 -20.42
N ARG P 44 9.14 -2.56 -20.32
CA ARG P 44 8.39 -3.00 -21.48
C ARG P 44 7.12 -2.15 -21.69
N ASP P 45 6.59 -2.14 -22.91
CA ASP P 45 5.38 -1.39 -23.17
C ASP P 45 4.31 -1.87 -22.20
N MET P 46 3.48 -0.95 -21.76
CA MET P 46 2.40 -1.25 -20.83
C MET P 46 1.64 -2.54 -21.11
N ILE P 47 0.83 -2.52 -22.17
CA ILE P 47 0.03 -3.69 -22.50
C ILE P 47 0.68 -4.67 -23.49
N THR P 48 1.38 -4.17 -24.51
CA THR P 48 2.01 -5.06 -25.50
C THR P 48 3.25 -5.74 -24.98
N ARG P 49 3.77 -5.27 -23.85
CA ARG P 49 4.95 -5.87 -23.25
C ARG P 49 6.20 -5.76 -24.11
N ARG P 50 6.08 -5.17 -25.30
CA ARG P 50 7.26 -4.99 -26.13
C ARG P 50 8.28 -4.28 -25.29
N SER P 51 9.52 -4.72 -25.36
CA SER P 51 10.55 -4.07 -24.60
C SER P 51 10.73 -2.62 -25.04
N LEU P 52 11.30 -1.81 -24.15
CA LEU P 52 11.53 -0.41 -24.45
C LEU P 52 13.02 -0.20 -24.63
N GLY P 53 13.74 -1.31 -24.77
CA GLY P 53 15.17 -1.22 -25.02
C GLY P 53 16.17 -0.80 -23.96
N TYR P 54 15.80 -0.87 -22.69
CA TYR P 54 16.76 -0.52 -21.64
C TYR P 54 16.25 -1.14 -20.37
N ALA P 55 17.10 -1.21 -19.36
CA ALA P 55 16.71 -1.81 -18.11
C ALA P 55 17.46 -1.21 -16.93
N TYR P 56 16.96 -1.47 -15.74
CA TYR P 56 17.61 -0.97 -14.56
C TYR P 56 18.18 -2.20 -13.87
N VAL P 57 19.44 -2.12 -13.49
CA VAL P 57 20.12 -3.21 -12.80
C VAL P 57 20.52 -2.62 -11.46
N ASN P 58 19.85 -3.05 -10.41
CA ASN P 58 20.14 -2.54 -9.08
C ASN P 58 21.05 -3.49 -8.32
N PHE P 59 22.17 -2.98 -7.84
CA PHE P 59 23.11 -3.79 -7.06
C PHE P 59 22.87 -3.55 -5.56
N GLN P 60 23.48 -4.38 -4.73
CA GLN P 60 23.36 -4.25 -3.27
C GLN P 60 24.42 -3.29 -2.76
N GLN P 61 25.61 -3.33 -3.35
CA GLN P 61 26.70 -2.46 -2.95
C GLN P 61 27.04 -1.45 -4.05
N PRO P 62 27.06 -0.15 -3.72
CA PRO P 62 27.38 0.89 -4.71
C PRO P 62 28.68 0.63 -5.47
N ALA P 63 29.65 -0.01 -4.81
CA ALA P 63 30.95 -0.30 -5.41
C ALA P 63 30.92 -1.43 -6.41
N ASP P 64 29.94 -2.31 -6.30
CA ASP P 64 29.83 -3.39 -7.26
C ASP P 64 29.28 -2.75 -8.53
N ALA P 65 28.24 -1.96 -8.35
CA ALA P 65 27.60 -1.26 -9.45
C ALA P 65 28.61 -0.50 -10.28
N GLU P 66 29.57 0.11 -9.61
CA GLU P 66 30.61 0.89 -10.27
C GLU P 66 31.59 0.01 -11.04
N ARG P 67 32.06 -1.04 -10.37
CA ARG P 67 32.98 -1.98 -10.99
C ARG P 67 32.32 -2.45 -12.28
N ALA P 68 31.07 -2.85 -12.18
CA ALA P 68 30.29 -3.33 -13.31
C ALA P 68 30.11 -2.34 -14.46
N LEU P 69 30.00 -1.05 -14.16
CA LEU P 69 29.84 -0.05 -15.21
C LEU P 69 31.19 0.17 -15.85
N ASP P 70 32.21 0.13 -15.01
CA ASP P 70 33.58 0.33 -15.42
C ASP P 70 34.18 -0.99 -15.91
N THR P 71 33.34 -1.90 -16.41
CA THR P 71 33.82 -3.21 -16.85
C THR P 71 33.02 -3.91 -17.94
N MET P 72 31.71 -3.97 -17.72
CA MET P 72 30.82 -4.63 -18.66
C MET P 72 30.25 -3.65 -19.63
N ASN P 73 30.72 -2.41 -19.59
CA ASN P 73 30.21 -1.40 -20.49
C ASN P 73 30.62 -1.69 -21.94
N PHE P 74 29.62 -1.73 -22.82
CA PHE P 74 29.82 -1.98 -24.25
C PHE P 74 29.86 -3.43 -24.70
N ASP P 75 30.42 -4.33 -23.89
CA ASP P 75 30.45 -5.71 -24.34
C ASP P 75 29.06 -6.15 -24.77
N VAL P 76 29.01 -7.15 -25.66
CA VAL P 76 27.78 -7.64 -26.25
C VAL P 76 26.84 -8.57 -25.50
N ILE P 77 25.57 -8.49 -25.94
CA ILE P 77 24.45 -9.30 -25.45
C ILE P 77 23.53 -9.49 -26.65
N LYS P 78 23.27 -10.73 -27.01
CA LYS P 78 22.42 -11.04 -28.15
C LYS P 78 22.76 -10.24 -29.41
N GLY P 79 24.01 -9.80 -29.53
CA GLY P 79 24.39 -9.06 -30.71
C GLY P 79 24.71 -7.59 -30.50
N LYS P 80 23.81 -6.85 -29.84
CA LYS P 80 24.05 -5.43 -29.62
C LYS P 80 24.87 -5.12 -28.37
N PRO P 81 25.70 -4.07 -28.44
CA PRO P 81 26.54 -3.67 -27.30
C PRO P 81 25.66 -2.85 -26.34
N VAL P 82 25.80 -3.07 -25.05
CA VAL P 82 24.98 -2.33 -24.11
C VAL P 82 25.62 -1.02 -23.71
N ARG P 83 24.83 0.04 -23.69
CA ARG P 83 25.34 1.36 -23.31
C ARG P 83 24.92 1.47 -21.84
N ILE P 84 25.87 1.47 -20.94
CA ILE P 84 25.56 1.54 -19.53
C ILE P 84 25.95 2.87 -18.92
N MET P 85 25.10 3.35 -18.02
CA MET P 85 25.37 4.59 -17.28
C MET P 85 24.56 4.62 -15.99
N TRP P 86 24.98 5.44 -15.03
CA TRP P 86 24.23 5.57 -13.80
C TRP P 86 22.80 5.97 -14.13
N SER P 87 21.85 5.46 -13.35
CA SER P 87 20.46 5.81 -13.56
C SER P 87 20.26 7.30 -13.32
N GLN P 88 19.51 7.92 -14.22
CA GLN P 88 19.19 9.33 -14.14
C GLN P 88 17.95 9.47 -14.99
N ARG P 89 16.80 9.32 -14.34
CA ARG P 89 15.54 9.38 -15.03
C ARG P 89 15.14 10.75 -15.50
N ASP P 90 15.78 11.79 -14.97
CA ASP P 90 15.48 13.15 -15.41
C ASP P 90 16.34 13.46 -16.67
N PRO P 91 15.69 13.57 -17.83
CA PRO P 91 16.30 13.85 -19.14
C PRO P 91 16.88 15.24 -19.33
N SER P 92 16.57 16.15 -18.40
CA SER P 92 17.05 17.53 -18.49
C SER P 92 18.39 17.67 -19.21
N LEU P 93 19.40 16.92 -18.79
CA LEU P 93 20.69 17.04 -19.44
C LEU P 93 20.72 16.39 -20.82
N ARG P 94 20.13 15.22 -20.94
CA ARG P 94 20.10 14.56 -22.22
C ARG P 94 19.32 15.45 -23.20
N LYS P 95 18.49 16.35 -22.68
CA LYS P 95 17.72 17.23 -23.58
C LYS P 95 18.45 18.54 -23.81
N SER P 96 19.25 18.92 -22.81
CA SER P 96 20.02 20.14 -22.93
C SER P 96 21.44 19.78 -23.33
N GLY P 97 21.67 18.52 -23.58
CA GLY P 97 23.02 18.19 -23.98
C GLY P 97 24.13 19.27 -23.78
N VAL P 98 24.58 19.69 -22.58
CA VAL P 98 25.60 20.78 -22.55
C VAL P 98 27.04 20.32 -22.69
N GLY P 99 27.35 19.21 -22.06
CA GLY P 99 28.68 18.66 -22.18
C GLY P 99 28.63 17.53 -23.19
N ASN P 100 27.73 17.65 -24.17
CA ASN P 100 27.57 16.61 -25.19
C ASN P 100 28.18 17.03 -26.53
N ILE P 101 29.41 16.57 -26.77
CA ILE P 101 30.13 16.90 -27.99
C ILE P 101 29.81 15.94 -29.13
N PHE P 102 30.16 16.35 -30.35
CA PHE P 102 29.89 15.55 -31.53
C PHE P 102 31.11 15.22 -32.38
N ILE P 103 31.12 14.00 -32.91
CA ILE P 103 32.21 13.51 -33.75
C ILE P 103 31.62 12.83 -34.98
N LYS P 113 33.30 1.75 -27.85
CA LYS P 113 34.33 1.36 -26.83
C LYS P 113 35.61 2.12 -27.10
N ALA P 114 35.97 2.17 -28.37
CA ALA P 114 37.17 2.86 -28.78
C ALA P 114 36.94 4.34 -28.51
N LEU P 115 35.82 4.83 -29.04
CA LEU P 115 35.41 6.22 -28.89
C LEU P 115 35.55 6.70 -27.45
N TYR P 116 35.20 5.83 -26.52
CA TYR P 116 35.27 6.14 -25.10
C TYR P 116 36.69 6.42 -24.61
N ASP P 117 37.60 5.51 -24.94
CA ASP P 117 38.99 5.61 -24.53
C ASP P 117 39.73 6.88 -24.95
N THR P 118 39.54 7.30 -26.19
CA THR P 118 40.23 8.50 -26.70
C THR P 118 39.78 9.82 -26.04
N PHE P 119 38.53 9.88 -25.56
CA PHE P 119 38.04 11.08 -24.91
C PHE P 119 38.07 10.97 -23.39
N SER P 120 38.45 9.80 -22.90
CA SER P 120 38.51 9.55 -21.47
C SER P 120 39.17 10.66 -20.66
N ALA P 121 40.49 10.58 -20.50
CA ALA P 121 41.26 11.58 -19.73
C ALA P 121 40.68 12.99 -19.77
N PHE P 122 40.03 13.35 -20.88
CA PHE P 122 39.42 14.66 -21.06
C PHE P 122 38.43 15.00 -19.94
N GLY P 123 37.69 13.98 -19.49
CA GLY P 123 36.72 14.19 -18.43
C GLY P 123 35.72 13.06 -18.31
N ASN P 124 35.16 12.90 -17.11
CA ASN P 124 34.17 11.88 -16.84
C ASN P 124 33.10 11.90 -17.92
N ILE P 125 33.10 10.89 -18.77
CA ILE P 125 32.11 10.81 -19.83
C ILE P 125 30.89 10.02 -19.31
N LEU P 126 29.70 10.62 -19.43
CA LEU P 126 28.45 10.04 -18.99
C LEU P 126 27.82 9.07 -19.97
N SER P 127 27.95 9.37 -21.25
CA SER P 127 27.38 8.49 -22.25
C SER P 127 27.96 8.78 -23.62
N CYS P 128 28.77 7.86 -24.11
CA CYS P 128 29.35 8.00 -25.42
C CYS P 128 28.83 6.87 -26.28
N LYS P 129 28.55 7.16 -27.54
CA LYS P 129 28.04 6.15 -28.44
C LYS P 129 28.27 6.44 -29.92
N VAL P 130 29.06 5.59 -30.56
CA VAL P 130 29.30 5.69 -31.98
C VAL P 130 28.03 5.12 -32.60
N VAL P 131 27.39 5.86 -33.50
CA VAL P 131 26.15 5.40 -34.13
C VAL P 131 26.33 4.12 -34.96
N CYS P 132 25.24 3.38 -35.16
CA CYS P 132 25.24 2.13 -35.94
C CYS P 132 23.85 1.78 -36.45
N SER P 137 28.34 1.23 -38.77
CA SER P 137 29.23 2.14 -37.99
C SER P 137 29.21 3.61 -38.46
N LYS P 138 28.24 3.94 -39.32
CA LYS P 138 28.03 5.28 -39.89
C LYS P 138 29.12 6.38 -39.84
N GLY P 139 30.20 6.16 -39.09
CA GLY P 139 31.27 7.14 -39.01
C GLY P 139 31.27 8.09 -37.83
N TYR P 140 30.08 8.56 -37.43
CA TYR P 140 29.93 9.51 -36.33
C TYR P 140 29.52 8.94 -34.97
N GLY P 141 29.88 9.65 -33.90
CA GLY P 141 29.54 9.21 -32.57
C GLY P 141 29.59 10.34 -31.55
N PHE P 142 28.68 10.30 -30.58
CA PHE P 142 28.64 11.33 -29.55
C PHE P 142 29.34 10.88 -28.30
N VAL P 143 29.48 11.81 -27.37
CA VAL P 143 30.07 11.53 -26.08
C VAL P 143 29.69 12.68 -25.17
N HIS P 144 28.86 12.37 -24.18
CA HIS P 144 28.38 13.35 -23.23
C HIS P 144 29.23 13.34 -21.95
N PHE P 145 29.84 14.47 -21.64
CA PHE P 145 30.67 14.58 -20.44
C PHE P 145 29.87 15.15 -19.28
N GLU P 146 30.43 15.04 -18.07
CA GLU P 146 29.75 15.55 -16.88
C GLU P 146 29.88 17.07 -16.84
N THR P 147 31.09 17.55 -16.58
CA THR P 147 31.33 18.98 -16.53
C THR P 147 31.29 19.56 -17.93
N GLN P 148 30.99 20.85 -18.01
CA GLN P 148 30.92 21.55 -19.28
C GLN P 148 32.33 21.95 -19.70
N GLU P 149 33.17 22.25 -18.71
CA GLU P 149 34.55 22.64 -18.98
C GLU P 149 35.22 21.55 -19.78
N ALA P 150 35.17 20.33 -19.26
CA ALA P 150 35.79 19.18 -19.91
C ALA P 150 35.33 19.03 -21.36
N ALA P 151 34.05 19.22 -21.62
CA ALA P 151 33.51 19.09 -22.96
C ALA P 151 34.24 20.01 -23.94
N GLU P 152 34.98 20.98 -23.38
CA GLU P 152 35.73 21.92 -24.19
C GLU P 152 37.20 21.54 -24.28
N PHE P 173 27.07 19.84 -29.70
CA PHE P 173 26.20 18.75 -30.24
C PHE P 173 25.07 19.18 -31.20
N LYS P 174 24.60 20.42 -31.12
CA LYS P 174 23.53 20.86 -32.02
C LYS P 174 22.44 19.82 -32.30
N SER P 175 21.28 19.98 -31.65
CA SER P 175 20.12 19.09 -31.76
C SER P 175 19.72 18.62 -33.16
O5' AMP Q . -14.94 4.97 -4.26
C5' AMP Q . -16.28 4.53 -4.49
C4' AMP Q . -16.98 4.18 -3.19
O4' AMP Q . -16.21 3.18 -2.48
C3' AMP Q . -17.11 5.31 -2.20
O3' AMP Q . -18.13 6.26 -2.53
C2' AMP Q . -17.35 4.55 -0.90
O2' AMP Q . -18.67 4.09 -0.77
C1' AMP Q . -16.40 3.36 -1.08
N9 AMP Q . -15.09 3.56 -0.46
C8 AMP Q . -14.11 4.44 -0.83
N7 AMP Q . -13.03 4.39 -0.09
C5 AMP Q . -13.31 3.39 0.83
C6 AMP Q . -12.58 2.85 1.90
N6 AMP Q . -11.35 3.26 2.23
N1 AMP Q . -13.15 1.87 2.64
C2 AMP Q . -14.39 1.46 2.30
N3 AMP Q . -15.19 1.89 1.32
C4 AMP Q . -14.58 2.87 0.62
O5' AMP R . 16.05 -5.61 0.04
C5' AMP R . 17.28 -5.29 0.70
C4' AMP R . 17.33 -5.86 2.09
O4' AMP R . 16.19 -5.40 2.85
C3' AMP R . 17.21 -7.37 2.18
O3' AMP R . 18.42 -8.05 1.83
C2' AMP R . 16.77 -7.57 3.63
O2' AMP R . 17.85 -7.45 4.55
C1' AMP R . 15.81 -6.38 3.80
N9 AMP R . 14.41 -6.74 3.57
C8 AMP R . 13.81 -7.08 2.39
N7 AMP R . 12.52 -7.34 2.51
C5 AMP R . 12.27 -7.16 3.86
C6 AMP R . 11.09 -7.28 4.63
N6 AMP R . 9.91 -7.64 4.11
N1 AMP R . 11.18 -7.03 5.95
C2 AMP R . 12.37 -6.68 6.46
N3 AMP R . 13.55 -6.52 5.85
C4 AMP R . 13.43 -6.78 4.53
O5' AMP S . 6.66 12.07 5.89
C5' AMP S . 8.01 12.54 6.00
C4' AMP S . 8.46 13.28 4.77
O4' AMP S . 8.28 12.44 3.60
C3' AMP S . 7.65 14.52 4.42
O3' AMP S . 7.95 15.65 5.24
C2' AMP S . 7.98 14.70 2.95
O2' AMP S . 9.24 15.28 2.73
C1' AMP S . 8.01 13.24 2.47
N9 AMP S . 6.73 12.79 1.89
C8 AMP S . 5.53 12.58 2.54
N7 AMP S . 4.58 12.17 1.74
C5 AMP S . 5.18 12.11 0.50
C6 AMP S . 4.71 11.73 -0.78
N6 AMP S . 3.45 11.35 -1.01
N1 AMP S . 5.58 11.77 -1.81
C2 AMP S . 6.84 12.14 -1.58
N3 AMP S . 7.41 12.52 -0.43
C4 AMP S . 6.52 12.47 0.58
O5' AMP T . -9.48 -3.31 -16.01
C5' AMP T . -10.88 -3.39 -16.33
C4' AMP T . -11.53 -2.02 -16.36
O4' AMP T . -11.30 -1.35 -15.09
C3' AMP T . -10.96 -1.04 -17.37
O3' AMP T . -11.37 -1.31 -18.72
C2' AMP T . -11.42 0.29 -16.80
O2' AMP T . -12.77 0.56 -17.09
C1' AMP T . -11.25 0.05 -15.30
N9 AMP T . -9.98 0.54 -14.77
C8 AMP T . -8.71 0.05 -15.02
N7 AMP T . -7.76 0.71 -14.40
C5 AMP T . -8.44 1.69 -13.69
C6 AMP T . -7.99 2.72 -12.84
N6 AMP T . -6.70 2.93 -12.53
N1 AMP T . -8.93 3.53 -12.29
C2 AMP T . -10.22 3.32 -12.59
N3 AMP T . -10.77 2.39 -13.38
C4 AMP T . -9.81 1.60 -13.91
O5' AMP U . 10.22 0.09 12.48
C5' AMP U . 11.27 0.87 13.04
C4' AMP U . 10.76 2.17 13.63
O4' AMP U . 10.04 2.92 12.62
C3' AMP U . 9.74 2.02 14.75
O3' AMP U . 10.33 1.65 16.00
C2' AMP U . 9.07 3.39 14.75
O2' AMP U . 9.85 4.38 15.38
C1' AMP U . 9.00 3.67 13.24
N9 AMP U . 7.73 3.30 12.63
C8 AMP U . 7.23 2.03 12.45
N7 AMP U . 6.05 2.00 11.87
C5 AMP U . 5.76 3.34 11.66
C6 AMP U . 4.64 3.99 11.08
N6 AMP U . 3.57 3.35 10.59
N1 AMP U . 4.66 5.35 11.02
C2 AMP U . 5.73 6.00 11.52
N3 AMP U . 6.83 5.50 12.09
C4 AMP U . 6.78 4.16 12.12
O5' AMP V . -12.12 -6.66 4.47
C5' AMP V . -13.52 -6.89 4.39
C4' AMP V . -13.86 -8.36 4.31
O4' AMP V . -13.16 -8.95 3.18
C3' AMP V . -13.38 -9.20 5.49
O3' AMP V . -14.21 -9.05 6.65
C2' AMP V . -13.37 -10.60 4.87
O2' AMP V . -14.67 -11.16 4.79
C1' AMP V . -12.86 -10.30 3.47
N9 AMP V . -11.41 -10.48 3.33
C8 AMP V . -10.41 -9.74 3.91
N7 AMP V . -9.20 -10.14 3.58
C5 AMP V . -9.43 -11.23 2.74
C6 AMP V . -8.55 -12.10 2.06
N6 AMP V . -7.21 -12.01 2.12
N1 AMP V . -9.10 -13.08 1.30
C2 AMP V . -10.44 -13.17 1.24
N3 AMP V . -11.36 -12.42 1.84
C4 AMP V . -10.78 -11.44 2.58
O5' AMP W . -5.70 -13.58 -5.65
C5' AMP W . -6.88 -14.35 -5.85
C4' AMP W . -7.13 -14.65 -7.30
O4' AMP W . -7.17 -13.42 -8.06
C3' AMP W . -6.04 -15.46 -7.98
O3' AMP W . -6.05 -16.85 -7.66
C2' AMP W . -6.30 -15.14 -9.46
O2' AMP W . -7.39 -15.88 -9.98
C1' AMP W . -6.68 -13.66 -9.38
N9 AMP W . -5.56 -12.75 -9.61
C8 AMP W . -4.46 -12.55 -8.82
N7 AMP W . -3.61 -11.67 -9.30
C5 AMP W . -4.20 -11.27 -10.50
C6 AMP W . -3.80 -10.37 -11.49
N6 AMP W . -2.65 -9.66 -11.44
N1 AMP W . -4.61 -10.19 -12.57
C2 AMP W . -5.75 -10.91 -12.62
N3 AMP W . -6.23 -11.79 -11.76
C4 AMP W . -5.40 -11.93 -10.70
O5' AMP X . 11.19 5.96 -6.91
C5' AMP X . 12.34 6.78 -6.75
C4' AMP X . 13.60 6.09 -7.22
O4' AMP X . 13.74 4.81 -6.52
C3' AMP X . 13.61 5.68 -8.68
O3' AMP X . 13.86 6.77 -9.56
C2' AMP X . 14.67 4.59 -8.69
O2' AMP X . 15.99 5.12 -8.67
C1' AMP X . 14.40 3.89 -7.36
N9 AMP X . 13.54 2.71 -7.50
C8 AMP X . 12.22 2.66 -7.87
N7 AMP X . 11.71 1.45 -7.89
C5 AMP X . 12.78 0.64 -7.52
C6 AMP X . 12.91 -0.76 -7.35
N6 AMP X . 11.91 -1.63 -7.53
N1 AMP X . 14.11 -1.24 -6.97
C2 AMP X . 15.12 -0.37 -6.77
N3 AMP X . 15.12 0.96 -6.89
C4 AMP X . 13.91 1.40 -7.28
#